data_4KPY
#
_entry.id   4KPY
#
_cell.length_a   111.329
_cell.length_b   118.362
_cell.length_c   160.873
_cell.angle_alpha   90.000
_cell.angle_beta   90.000
_cell.angle_gamma   90.000
#
_symmetry.space_group_name_H-M   'P 21 21 21'
#
loop_
_entity.id
_entity.type
_entity.pdbx_description
1 polymer 'Uncharacterized protein'
2 polymer "DNA (5'-D(P*TP*GP*AP*GP*GP*TP*AP*GP*TP*AP*GP*GP*TP*TP*GP*TP*AP*TP*AP*GP*T)-3')"
3 polymer "DNA (5'-D(P*TP*AP*CP*TP*AP*CP*CP*TP*CP*G)-3')"
4 polymer "DNA (5'-D(*TP*AP*TP*AP*CP*AP*AP*CP*C)-3')"
5 non-polymer "THYMIDINE-5'-PHOSPHATE"
6 non-polymer 'MANGANESE (II) ION'
7 water water
#
loop_
_entity_poly.entity_id
_entity_poly.type
_entity_poly.pdbx_seq_one_letter_code
_entity_poly.pdbx_strand_id
1 'polypeptide(L)'
;MNHLGKTEVFLNRFALRPLNPEELRPWRLEVVLDPPPGREEVYPLLAQVARRAGGVTVRMGDGLASWSPPEVLVLEGTLA
RMGQTYAYRLYPKGRRPLDPKDPGERSVLSALARRLLQERLRRLEGVWVEGLAVYRREHARGPGWRVLGGAVLDLWVSDS
GAFLLEVDPAYRILCEMSLEAWLAQGHPLPKRVRNAYDRRTWELLRLGEEDPKELPLPGGLSLLDYHASKGRLQGREGGR
VAWVADPKDPRKPIPHLTGLLVPVLTLEDLHEEEGSLALSLPWEERRRRTREIASWIGRRLGLGTPEAVRAQAYRLSIPK
LMGRRAVSKPADALRVGFYRAQETALALLRLDGAQGWPEFLRRALLRAFGASGASLRLHTLHAHPSQGLAFREALRKAKE
EGVQAVLVLTPPMAWEDRNRLKALLLREGLPSQILNVPLREEERHRWENALLGLLAKAGLQVVALSGAYPAELAVGFDAG
GRESFRFGGAACAVGGDGGHLLWTLPEAQAGERIPQEVVWDLLEETLWAFRRKAGRLPSRVLLLRDGRVPQDEFALALEA
LAREGIAYDLVSVRKSGGGRVYPVQGRLADGLYVPLEDKTFLLLTVHRDFRGTPRPLKLVHEAGDTPLEALAHQIFHLTR
LYPASGFAFPRLPAPLHLADRLVKEVGRLGIRHLKEVDREKLFFV
;
A,B
2 'polydeoxyribonucleotide'
;(DT)(DG)(DA)(DG)(DG)(DT)(DA)(DG)(DT)(DA)(DG)(DG)(DT)(DT)(DG)(DT)(DA)(DT)(DA)(DG)
(DT)
;
C,E
3 'polydeoxyribonucleotide' (DT)(DA)(DC)(DT)(DA)(DC)(DC)(DT)(DC)(DG) D,F
4 'polydeoxyribonucleotide' (DT)(DA)(DT)(DA)(DC)(DA)(DA)(DC)(DC) M,N
#
loop_
_chem_comp.id
_chem_comp.type
_chem_comp.name
_chem_comp.formula
DA DNA linking 2'-DEOXYADENOSINE-5'-MONOPHOSPHATE 'C10 H14 N5 O6 P'
DC DNA linking 2'-DEOXYCYTIDINE-5'-MONOPHOSPHATE 'C9 H14 N3 O7 P'
DG DNA linking 2'-DEOXYGUANOSINE-5'-MONOPHOSPHATE 'C10 H14 N5 O7 P'
DT DNA linking THYMIDINE-5'-MONOPHOSPHATE 'C10 H15 N2 O8 P'
MN non-polymer 'MANGANESE (II) ION' 'Mn 2'
TMP non-polymer THYMIDINE-5'-PHOSPHATE 'C10 H15 N2 O8 P'
#
# COMPACT_ATOMS: atom_id res chain seq x y z
N MET A 1 38.49 26.41 -7.36
CA MET A 1 37.52 27.43 -6.97
C MET A 1 37.98 28.22 -5.75
N ASN A 2 37.15 29.15 -5.30
CA ASN A 2 37.46 29.95 -4.12
C ASN A 2 37.03 29.27 -2.82
N HIS A 3 37.85 28.31 -2.35
CA HIS A 3 37.57 27.61 -1.11
C HIS A 3 38.14 28.35 0.09
N LEU A 4 37.85 27.86 1.29
CA LEU A 4 38.29 28.54 2.51
C LEU A 4 39.37 27.74 3.21
N GLY A 5 40.12 27.00 2.40
CA GLY A 5 41.23 26.17 2.85
C GLY A 5 41.18 24.78 2.21
N LYS A 6 42.31 24.39 1.61
CA LYS A 6 42.52 23.03 1.14
C LYS A 6 43.24 22.24 2.21
N THR A 7 42.62 21.20 2.73
CA THR A 7 43.25 20.42 3.78
C THR A 7 43.28 18.95 3.41
N GLU A 8 43.85 18.12 4.27
CA GLU A 8 43.89 16.69 4.01
C GLU A 8 43.20 15.99 5.15
N VAL A 9 42.52 14.89 4.82
CA VAL A 9 41.81 14.14 5.83
C VAL A 9 42.13 12.66 5.70
N PHE A 10 41.97 11.95 6.80
CA PHE A 10 41.98 10.50 6.81
C PHE A 10 40.58 9.98 6.61
N LEU A 11 40.45 8.91 5.82
CA LEU A 11 39.23 8.13 5.81
C LEU A 11 39.45 6.95 6.74
N ASN A 12 38.38 6.33 7.21
CA ASN A 12 38.52 5.13 8.02
C ASN A 12 39.01 3.89 7.25
N ARG A 13 39.40 4.11 5.98
CA ARG A 13 39.94 3.04 5.14
C ARG A 13 41.45 2.92 5.33
N PHE A 14 41.98 1.77 4.91
CA PHE A 14 43.40 1.46 5.07
C PHE A 14 43.90 0.65 3.89
N ALA A 15 45.04 1.08 3.35
CA ALA A 15 45.68 0.36 2.26
C ALA A 15 46.46 -0.82 2.83
N LEU A 16 46.31 -2.00 2.22
CA LEU A 16 47.00 -3.18 2.69
C LEU A 16 47.77 -3.85 1.55
N ARG A 17 48.30 -5.04 1.78
CA ARG A 17 49.19 -5.68 0.82
C ARG A 17 48.54 -5.84 -0.54
N PRO A 18 49.36 -5.84 -1.61
CA PRO A 18 48.85 -6.21 -2.93
C PRO A 18 48.43 -7.68 -2.94
N LEU A 19 47.46 -8.01 -3.78
CA LEU A 19 47.04 -9.40 -3.93
C LEU A 19 48.19 -10.16 -4.56
N ASN A 20 48.46 -11.37 -4.06
CA ASN A 20 49.55 -12.19 -4.57
C ASN A 20 49.14 -12.90 -5.86
N PRO A 21 50.11 -13.41 -6.62
CA PRO A 21 49.79 -14.06 -7.91
C PRO A 21 48.77 -15.19 -7.84
N GLU A 22 48.62 -15.85 -6.71
CA GLU A 22 47.58 -16.88 -6.58
C GLU A 22 46.19 -16.26 -6.52
N GLU A 23 46.06 -15.21 -5.72
CA GLU A 23 44.78 -14.54 -5.51
C GLU A 23 44.25 -13.90 -6.80
N LEU A 24 45.17 -13.48 -7.67
CA LEU A 24 44.79 -12.86 -8.94
C LEU A 24 44.33 -13.89 -9.96
N ARG A 25 44.56 -15.17 -9.67
CA ARG A 25 44.13 -16.27 -10.55
C ARG A 25 43.34 -17.30 -9.77
N PRO A 26 42.11 -16.94 -9.33
CA PRO A 26 41.31 -17.87 -8.54
C PRO A 26 40.86 -19.07 -9.35
N TRP A 27 40.62 -20.19 -8.68
CA TRP A 27 40.11 -21.38 -9.34
C TRP A 27 38.70 -21.11 -9.85
N ARG A 28 38.45 -21.44 -11.11
CA ARG A 28 37.16 -21.21 -11.75
C ARG A 28 36.35 -22.50 -11.70
N LEU A 29 35.03 -22.38 -11.52
CA LEU A 29 34.18 -23.56 -11.49
C LEU A 29 32.91 -23.36 -12.30
N GLU A 30 32.58 -24.37 -13.10
CA GLU A 30 31.33 -24.41 -13.84
C GLU A 30 30.26 -25.05 -12.94
N VAL A 31 29.06 -24.48 -12.96
CA VAL A 31 27.98 -24.94 -12.08
C VAL A 31 26.92 -25.72 -12.85
N VAL A 32 26.62 -26.93 -12.40
CA VAL A 32 25.53 -27.69 -12.99
C VAL A 32 24.47 -27.93 -11.94
N LEU A 33 23.25 -27.48 -12.21
CA LEU A 33 22.16 -27.65 -11.26
C LEU A 33 21.05 -28.53 -11.82
N ASP A 34 20.52 -29.40 -10.97
CA ASP A 34 19.42 -30.29 -11.36
C ASP A 34 18.39 -30.40 -10.24
N PRO A 35 17.19 -29.84 -10.45
CA PRO A 35 16.69 -29.19 -11.67
C PRO A 35 17.30 -27.80 -11.86
N PRO A 36 17.25 -27.27 -13.10
CA PRO A 36 17.68 -25.91 -13.38
C PRO A 36 16.86 -24.89 -12.60
N PRO A 37 17.50 -23.82 -12.10
CA PRO A 37 16.77 -22.83 -11.31
C PRO A 37 15.76 -22.07 -12.17
N GLY A 38 14.70 -21.55 -11.58
CA GLY A 38 13.80 -20.66 -12.29
C GLY A 38 14.46 -19.30 -12.42
N ARG A 39 13.85 -18.42 -13.20
CA ARG A 39 14.39 -17.07 -13.42
C ARG A 39 14.59 -16.29 -12.12
N GLU A 40 13.65 -16.45 -11.20
CA GLU A 40 13.68 -15.71 -9.95
C GLU A 40 14.78 -16.23 -9.03
N GLU A 41 15.06 -17.54 -9.12
CA GLU A 41 15.90 -18.22 -8.14
C GLU A 41 17.35 -18.48 -8.57
N VAL A 42 17.76 -17.96 -9.73
CA VAL A 42 19.08 -18.33 -10.27
C VAL A 42 20.27 -17.71 -9.51
N TYR A 43 20.24 -16.40 -9.29
CA TYR A 43 21.34 -15.72 -8.59
C TYR A 43 21.46 -16.14 -7.12
N PRO A 44 20.32 -16.17 -6.37
CA PRO A 44 20.43 -16.66 -5.00
C PRO A 44 20.88 -18.11 -4.91
N LEU A 45 20.61 -18.89 -5.95
CA LEU A 45 21.01 -20.28 -5.97
C LEU A 45 22.51 -20.39 -6.19
N LEU A 46 23.03 -19.64 -7.16
CA LEU A 46 24.47 -19.63 -7.42
C LEU A 46 25.21 -19.17 -6.16
N ALA A 47 24.70 -18.13 -5.52
CA ALA A 47 25.27 -17.65 -4.28
C ALA A 47 25.22 -18.72 -3.19
N GLN A 48 24.09 -19.42 -3.10
CA GLN A 48 23.90 -20.47 -2.11
C GLN A 48 24.89 -21.62 -2.30
N VAL A 49 25.16 -21.97 -3.56
CA VAL A 49 26.11 -23.02 -3.89
C VAL A 49 27.51 -22.56 -3.54
N ALA A 50 27.78 -21.27 -3.75
CA ALA A 50 29.08 -20.71 -3.43
C ALA A 50 29.34 -20.82 -1.93
N ARG A 51 28.34 -20.47 -1.13
CA ARG A 51 28.41 -20.65 0.30
C ARG A 51 28.65 -22.12 0.65
N ARG A 52 27.88 -23.00 0.01
CA ARG A 52 27.91 -24.42 0.32
C ARG A 52 29.24 -25.09 0.02
N ALA A 53 29.97 -24.54 -0.95
CA ALA A 53 31.26 -25.11 -1.34
C ALA A 53 32.28 -25.12 -0.20
N GLY A 54 32.16 -24.17 0.72
CA GLY A 54 33.13 -24.01 1.79
C GLY A 54 34.29 -23.13 1.34
N GLY A 55 35.38 -23.15 2.09
CA GLY A 55 36.56 -22.36 1.74
C GLY A 55 36.28 -20.88 1.53
N VAL A 56 37.00 -20.27 0.58
CA VAL A 56 36.77 -18.89 0.19
C VAL A 56 36.34 -18.84 -1.27
N THR A 57 35.04 -18.98 -1.52
CA THR A 57 34.51 -18.96 -2.88
C THR A 57 33.24 -18.12 -3.02
N VAL A 58 33.04 -17.54 -4.20
CA VAL A 58 31.90 -16.66 -4.47
C VAL A 58 31.37 -16.88 -5.89
N ARG A 59 30.23 -16.27 -6.20
CA ARG A 59 29.68 -16.30 -7.56
C ARG A 59 30.47 -15.41 -8.51
N MET A 60 30.80 -15.96 -9.67
CA MET A 60 31.43 -15.21 -10.75
C MET A 60 30.67 -15.45 -12.06
N GLY A 61 29.86 -14.48 -12.47
CA GLY A 61 29.04 -14.67 -13.65
C GLY A 61 28.08 -15.82 -13.46
N ASP A 62 28.05 -16.72 -14.44
CA ASP A 62 27.21 -17.92 -14.35
C ASP A 62 27.90 -19.03 -13.57
N GLY A 63 29.11 -18.77 -13.10
CA GLY A 63 29.90 -19.79 -12.43
C GLY A 63 30.43 -19.38 -11.07
N LEU A 64 31.59 -19.92 -10.71
CA LEU A 64 32.16 -19.77 -9.37
C LEU A 64 33.66 -19.43 -9.39
N ALA A 65 34.12 -18.67 -8.40
CA ALA A 65 35.54 -18.42 -8.23
C ALA A 65 35.98 -18.69 -6.78
N SER A 66 37.14 -19.30 -6.61
CA SER A 66 37.61 -19.66 -5.27
C SER A 66 39.09 -19.37 -5.07
N TRP A 67 39.45 -19.01 -3.85
CA TRP A 67 40.85 -18.85 -3.47
C TRP A 67 41.32 -20.09 -2.70
N SER A 68 40.45 -21.08 -2.58
CA SER A 68 40.82 -22.36 -2.01
C SER A 68 40.88 -23.38 -3.12
N PRO A 69 41.90 -24.24 -3.10
CA PRO A 69 41.99 -25.31 -4.10
C PRO A 69 40.86 -26.32 -3.91
N PRO A 70 40.31 -26.85 -5.00
CA PRO A 70 39.12 -27.70 -5.01
C PRO A 70 39.22 -28.94 -4.13
N GLU A 71 40.45 -29.32 -3.77
CA GLU A 71 40.66 -30.50 -2.97
C GLU A 71 40.19 -30.31 -1.51
N VAL A 72 39.93 -29.07 -1.11
CA VAL A 72 39.34 -28.84 0.20
C VAL A 72 37.93 -28.27 0.05
N LEU A 73 37.34 -28.43 -1.13
CA LEU A 73 35.97 -27.99 -1.35
C LEU A 73 34.97 -29.15 -1.43
N VAL A 74 33.69 -28.82 -1.30
CA VAL A 74 32.58 -29.77 -1.48
C VAL A 74 31.93 -29.56 -2.85
N LEU A 75 32.39 -30.30 -3.86
CA LEU A 75 32.04 -30.02 -5.25
C LEU A 75 30.64 -30.53 -5.66
N GLU A 76 30.05 -31.41 -4.87
CA GLU A 76 28.73 -31.99 -5.18
C GLU A 76 27.83 -32.01 -3.94
N GLY A 77 26.54 -31.76 -4.11
CA GLY A 77 25.63 -31.84 -2.98
C GLY A 77 24.18 -31.50 -3.23
N THR A 78 23.47 -31.17 -2.16
CA THR A 78 22.03 -30.93 -2.23
C THR A 78 21.60 -29.66 -1.50
N LEU A 79 20.75 -28.89 -2.16
CA LEU A 79 20.24 -27.61 -1.69
C LEU A 79 18.74 -27.64 -1.47
N ALA A 80 18.28 -26.88 -0.47
CA ALA A 80 16.87 -26.63 -0.27
C ALA A 80 16.64 -25.13 -0.38
N ARG A 81 15.68 -24.74 -1.22
CA ARG A 81 15.35 -23.33 -1.36
C ARG A 81 13.86 -23.11 -1.61
N MET A 82 13.25 -22.30 -0.74
CA MET A 82 11.82 -21.97 -0.81
C MET A 82 10.98 -23.24 -0.88
N GLY A 83 11.49 -24.32 -0.29
CA GLY A 83 10.81 -25.59 -0.29
C GLY A 83 10.97 -26.35 -1.58
N GLN A 84 12.21 -26.55 -2.00
CA GLN A 84 12.52 -27.37 -3.17
C GLN A 84 13.84 -28.11 -2.94
N THR A 85 14.31 -28.81 -3.97
CA THR A 85 15.57 -29.53 -3.83
C THR A 85 16.39 -29.47 -5.12
N TYR A 86 17.58 -28.88 -5.03
CA TYR A 86 18.46 -28.80 -6.18
C TYR A 86 19.73 -29.60 -5.93
N ALA A 87 20.10 -30.47 -6.86
CA ALA A 87 21.38 -31.11 -6.82
C ALA A 87 22.37 -30.18 -7.47
N TYR A 88 23.53 -30.00 -6.85
CA TYR A 88 24.54 -29.13 -7.43
C TYR A 88 25.79 -29.95 -7.69
N ARG A 89 26.44 -29.67 -8.81
CA ARG A 89 27.78 -30.19 -9.02
C ARG A 89 28.69 -29.08 -9.54
N LEU A 90 29.91 -29.05 -8.98
CA LEU A 90 30.92 -28.07 -9.33
C LEU A 90 32.05 -28.70 -10.13
N TYR A 91 32.27 -28.18 -11.33
CA TYR A 91 33.32 -28.69 -12.20
C TYR A 91 34.49 -27.70 -12.23
N PRO A 92 35.65 -28.11 -11.66
CA PRO A 92 36.84 -27.26 -11.73
C PRO A 92 37.26 -27.04 -13.17
N LYS A 93 37.64 -25.82 -13.51
CA LYS A 93 38.02 -25.49 -14.89
C LYS A 93 39.30 -24.68 -14.93
N GLY A 94 40.26 -25.05 -14.08
CA GLY A 94 41.51 -24.33 -14.03
C GLY A 94 41.35 -22.99 -13.35
N ARG A 95 42.27 -22.08 -13.63
CA ARG A 95 42.27 -20.78 -12.98
C ARG A 95 42.39 -19.68 -14.02
N ARG A 96 41.55 -18.66 -13.93
CA ARG A 96 41.63 -17.54 -14.87
C ARG A 96 42.02 -16.27 -14.12
N PRO A 97 43.04 -15.57 -14.63
CA PRO A 97 43.50 -14.30 -14.05
C PRO A 97 42.47 -13.19 -14.17
N LEU A 98 42.32 -12.42 -13.09
CA LEU A 98 41.34 -11.34 -13.02
C LEU A 98 42.06 -10.00 -12.98
N ASP A 99 41.64 -9.09 -13.86
CA ASP A 99 42.25 -7.77 -13.93
C ASP A 99 41.52 -6.82 -12.99
N PRO A 100 42.25 -6.28 -11.99
CA PRO A 100 41.71 -5.26 -11.09
C PRO A 100 41.30 -3.99 -11.82
N LYS A 101 41.93 -3.74 -12.97
CA LYS A 101 41.58 -2.59 -13.80
C LYS A 101 40.15 -2.71 -14.34
N ASP A 102 39.75 -3.95 -14.61
CA ASP A 102 38.38 -4.22 -15.06
C ASP A 102 37.45 -4.30 -13.85
N PRO A 103 36.48 -3.39 -13.78
CA PRO A 103 35.60 -3.25 -12.61
C PRO A 103 34.73 -4.49 -12.32
N GLY A 104 34.36 -5.27 -13.33
CA GLY A 104 33.62 -6.49 -13.09
C GLY A 104 34.48 -7.53 -12.39
N GLU A 105 35.65 -7.77 -12.96
CA GLU A 105 36.59 -8.74 -12.41
C GLU A 105 37.09 -8.24 -11.06
N ARG A 106 37.27 -6.93 -10.93
CA ARG A 106 37.65 -6.33 -9.65
C ARG A 106 36.56 -6.56 -8.63
N SER A 107 35.30 -6.52 -9.07
CA SER A 107 34.15 -6.80 -8.21
C SER A 107 34.21 -8.22 -7.69
N VAL A 108 34.58 -9.16 -8.55
CA VAL A 108 34.68 -10.54 -8.12
C VAL A 108 35.81 -10.69 -7.09
N LEU A 109 36.95 -10.08 -7.39
CA LEU A 109 38.07 -10.06 -6.46
C LEU A 109 37.66 -9.51 -5.08
N SER A 110 36.85 -8.44 -5.08
CA SER A 110 36.41 -7.82 -3.82
C SER A 110 35.45 -8.70 -3.04
N ALA A 111 34.56 -9.39 -3.76
CA ALA A 111 33.70 -10.38 -3.12
C ALA A 111 34.55 -11.46 -2.44
N LEU A 112 35.59 -11.91 -3.15
CA LEU A 112 36.55 -12.87 -2.58
C LEU A 112 37.28 -12.32 -1.36
N ALA A 113 37.67 -11.04 -1.40
CA ALA A 113 38.37 -10.40 -0.29
C ALA A 113 37.50 -10.37 0.95
N ARG A 114 36.24 -10.00 0.76
CA ARG A 114 35.27 -9.96 1.85
C ARG A 114 35.09 -11.35 2.45
N ARG A 115 34.97 -12.34 1.58
CA ARG A 115 34.85 -13.72 2.05
C ARG A 115 36.10 -14.15 2.83
N LEU A 116 37.27 -13.80 2.31
CA LEU A 116 38.55 -14.01 2.97
C LEU A 116 38.50 -13.47 4.39
N LEU A 117 38.04 -12.22 4.53
CA LEU A 117 37.96 -11.56 5.82
C LEU A 117 37.04 -12.34 6.76
N GLN A 118 35.85 -12.68 6.27
CA GLN A 118 34.90 -13.49 7.04
C GLN A 118 35.55 -14.74 7.58
N GLU A 119 36.06 -15.56 6.66
CA GLU A 119 36.63 -16.85 7.02
C GLU A 119 37.82 -16.74 7.97
N ARG A 120 38.74 -15.82 7.71
CA ARG A 120 39.90 -15.74 8.58
C ARG A 120 39.53 -15.18 9.94
N LEU A 121 38.48 -14.37 10.00
CA LEU A 121 38.01 -13.91 11.30
C LEU A 121 37.33 -15.02 12.10
N ARG A 122 36.56 -15.86 11.41
CA ARG A 122 35.88 -16.98 12.07
C ARG A 122 36.85 -17.96 12.72
N ARG A 123 38.06 -18.06 12.16
CA ARG A 123 39.07 -18.99 12.65
C ARG A 123 39.86 -18.40 13.81
N LEU A 124 39.42 -17.26 14.31
CA LEU A 124 40.10 -16.58 15.41
C LEU A 124 39.54 -16.97 16.79
N GLU A 125 40.30 -16.65 17.82
CA GLU A 125 39.87 -16.78 19.21
C GLU A 125 40.78 -15.94 20.09
N GLY A 126 40.24 -15.40 21.18
CA GLY A 126 38.83 -15.54 21.53
C GLY A 126 38.07 -14.24 21.30
N VAL A 127 37.40 -14.15 20.16
CA VAL A 127 36.68 -12.94 19.81
C VAL A 127 35.29 -13.28 19.26
N TRP A 128 34.29 -12.50 19.66
CA TRP A 128 32.94 -12.69 19.17
C TRP A 128 32.85 -12.21 17.72
N VAL A 129 32.55 -13.10 16.79
CA VAL A 129 32.46 -12.69 15.40
C VAL A 129 31.04 -12.80 14.88
N GLU A 130 30.55 -11.72 14.27
CA GLU A 130 29.22 -11.67 13.69
C GLU A 130 29.24 -11.01 12.33
N GLY A 131 29.14 -11.82 11.28
CA GLY A 131 29.22 -11.33 9.92
C GLY A 131 30.56 -10.68 9.65
N LEU A 132 30.53 -9.39 9.34
CA LEU A 132 31.73 -8.62 9.09
C LEU A 132 32.11 -7.77 10.30
N ALA A 133 31.42 -8.02 11.41
CA ALA A 133 31.69 -7.32 12.65
C ALA A 133 32.49 -8.21 13.59
N VAL A 134 33.37 -7.60 14.38
CA VAL A 134 34.16 -8.33 15.35
C VAL A 134 34.10 -7.60 16.68
N TYR A 135 33.76 -8.31 17.74
CA TYR A 135 33.70 -7.71 19.05
C TYR A 135 34.73 -8.41 19.91
N ARG A 136 35.74 -7.65 20.33
CA ARG A 136 36.89 -8.21 21.01
C ARG A 136 36.76 -8.13 22.52
N ARG A 137 36.57 -6.91 23.02
CA ARG A 137 36.58 -6.68 24.46
C ARG A 137 35.16 -6.63 25.01
N GLU A 138 35.06 -6.58 26.33
CA GLU A 138 33.78 -6.40 26.98
C GLU A 138 33.70 -4.97 27.49
N HIS A 139 32.78 -4.20 26.92
CA HIS A 139 32.70 -2.77 27.22
C HIS A 139 32.02 -2.52 28.55
N ALA A 140 30.91 -3.20 28.76
CA ALA A 140 30.16 -3.07 30.00
C ALA A 140 29.43 -4.36 30.32
N ARG A 141 29.03 -4.53 31.58
CA ARG A 141 28.39 -5.75 32.03
C ARG A 141 27.41 -5.45 33.14
N GLY A 142 26.22 -6.05 33.05
CA GLY A 142 25.22 -5.97 34.09
C GLY A 142 24.61 -7.32 34.40
N PRO A 143 23.69 -7.34 35.36
CA PRO A 143 23.07 -8.57 35.81
C PRO A 143 22.33 -9.08 34.57
N GLY A 144 22.81 -10.20 34.04
CA GLY A 144 22.21 -10.82 32.87
C GLY A 144 22.40 -10.19 31.49
N TRP A 145 23.28 -9.20 31.40
CA TRP A 145 23.56 -8.57 30.10
C TRP A 145 24.99 -8.08 29.98
N ARG A 146 25.45 -7.85 28.74
CA ARG A 146 26.77 -7.27 28.54
C ARG A 146 26.86 -6.55 27.19
N VAL A 147 27.68 -5.50 27.14
CA VAL A 147 27.90 -4.77 25.90
C VAL A 147 29.32 -5.00 25.39
N LEU A 148 29.44 -5.51 24.18
CA LEU A 148 30.75 -5.78 23.61
C LEU A 148 31.21 -4.64 22.71
N GLY A 149 32.52 -4.39 22.74
CA GLY A 149 33.13 -3.39 21.88
C GLY A 149 34.00 -4.05 20.82
N GLY A 150 33.91 -3.54 19.61
CA GLY A 150 34.69 -4.04 18.50
C GLY A 150 34.62 -3.09 17.32
N ALA A 151 34.40 -3.65 16.13
CA ALA A 151 34.36 -2.84 14.91
C ALA A 151 33.63 -3.58 13.79
N VAL A 152 32.96 -2.80 12.95
CA VAL A 152 32.43 -3.31 11.70
C VAL A 152 33.46 -3.11 10.61
N LEU A 153 33.69 -4.16 9.84
CA LEU A 153 34.77 -4.18 8.88
C LEU A 153 34.28 -4.41 7.46
N ASP A 154 35.14 -4.10 6.50
CA ASP A 154 34.90 -4.54 5.13
C ASP A 154 36.26 -4.67 4.47
N LEU A 155 36.33 -5.49 3.44
CA LEU A 155 37.58 -5.76 2.77
C LEU A 155 37.28 -5.85 1.29
N TRP A 156 37.98 -5.07 0.48
CA TRP A 156 37.78 -5.20 -0.95
C TRP A 156 39.08 -4.99 -1.70
N VAL A 157 39.00 -4.88 -3.02
CA VAL A 157 40.21 -4.79 -3.84
C VAL A 157 40.21 -3.54 -4.72
N SER A 158 41.27 -2.74 -4.60
CA SER A 158 41.44 -1.56 -5.42
C SER A 158 41.85 -1.94 -6.83
N ASP A 159 41.83 -0.97 -7.74
CA ASP A 159 42.14 -1.22 -9.14
C ASP A 159 43.64 -1.38 -9.38
N SER A 160 44.44 -1.12 -8.34
CA SER A 160 45.88 -1.30 -8.44
C SER A 160 46.26 -2.70 -7.95
N GLY A 161 45.27 -3.43 -7.45
CA GLY A 161 45.45 -4.83 -7.10
C GLY A 161 45.76 -5.05 -5.64
N ALA A 162 45.38 -4.10 -4.81
CA ALA A 162 45.70 -4.17 -3.39
C ALA A 162 44.43 -4.27 -2.55
N PHE A 163 44.58 -4.81 -1.34
CA PHE A 163 43.48 -4.91 -0.39
C PHE A 163 43.20 -3.56 0.24
N LEU A 164 41.92 -3.32 0.51
CA LEU A 164 41.49 -2.12 1.23
C LEU A 164 40.60 -2.56 2.41
N LEU A 165 40.98 -2.10 3.59
CA LEU A 165 40.28 -2.41 4.83
C LEU A 165 39.46 -1.22 5.32
N GLU A 166 38.16 -1.39 5.47
CA GLU A 166 37.36 -0.37 6.12
C GLU A 166 37.07 -0.81 7.56
N VAL A 167 37.24 0.12 8.50
CA VAL A 167 37.05 -0.14 9.92
C VAL A 167 36.21 0.97 10.58
N ASP A 168 35.18 0.58 11.33
CA ASP A 168 34.47 1.55 12.17
C ASP A 168 33.99 0.90 13.47
N PRO A 169 34.58 1.32 14.61
CA PRO A 169 34.25 0.82 15.95
C PRO A 169 32.76 0.70 16.21
N ALA A 170 32.34 -0.37 16.87
CA ALA A 170 30.92 -0.63 17.10
C ALA A 170 30.69 -1.33 18.41
N TYR A 171 29.50 -1.16 18.97
CA TYR A 171 29.15 -1.91 20.16
C TYR A 171 27.99 -2.84 19.84
N ARG A 172 27.85 -3.89 20.63
CA ARG A 172 26.76 -4.85 20.45
C ARG A 172 26.19 -5.19 21.83
N ILE A 173 24.86 -5.19 21.94
CA ILE A 173 24.20 -5.44 23.23
C ILE A 173 23.71 -6.88 23.32
N LEU A 174 24.17 -7.61 24.33
CA LEU A 174 23.82 -9.03 24.47
C LEU A 174 23.09 -9.37 25.77
N CYS A 175 21.96 -10.07 25.63
CA CYS A 175 21.33 -10.70 26.78
C CYS A 175 21.79 -12.14 26.88
N GLU A 176 22.01 -12.62 28.09
CA GLU A 176 22.47 -13.99 28.30
C GLU A 176 21.55 -14.76 29.24
N MET A 177 20.29 -14.34 29.32
CA MET A 177 19.31 -14.99 30.17
C MET A 177 17.97 -15.12 29.44
N SER A 178 17.11 -15.98 29.96
CA SER A 178 15.79 -16.19 29.39
C SER A 178 14.84 -15.12 29.91
N LEU A 179 13.69 -14.97 29.28
CA LEU A 179 12.68 -14.03 29.77
C LEU A 179 12.34 -14.34 31.23
N GLU A 180 12.33 -15.64 31.55
CA GLU A 180 12.15 -16.10 32.93
C GLU A 180 13.19 -15.49 33.86
N ALA A 181 14.45 -15.86 33.65
CA ALA A 181 15.54 -15.37 34.48
C ALA A 181 15.60 -13.85 34.46
N TRP A 182 15.30 -13.25 33.30
CA TRP A 182 15.34 -11.79 33.16
C TRP A 182 14.35 -11.10 34.08
N LEU A 183 13.09 -11.54 34.03
CA LEU A 183 12.09 -10.93 34.90
C LEU A 183 12.33 -11.34 36.34
N ALA A 184 13.08 -12.43 36.53
CA ALA A 184 13.45 -12.94 37.85
C ALA A 184 14.65 -12.21 38.44
N GLN A 185 14.92 -11.00 37.95
CA GLN A 185 16.04 -10.20 38.41
C GLN A 185 15.58 -8.83 38.85
N GLY A 186 14.27 -8.61 38.72
CA GLY A 186 13.69 -7.32 39.03
C GLY A 186 13.58 -6.44 37.79
N HIS A 187 14.24 -6.87 36.71
CA HIS A 187 14.14 -6.17 35.43
C HIS A 187 12.69 -6.19 34.93
N PRO A 188 12.20 -5.03 34.47
CA PRO A 188 10.83 -4.96 33.92
C PRO A 188 10.75 -5.56 32.52
N LEU A 189 9.54 -5.66 31.97
CA LEU A 189 9.33 -6.34 30.70
C LEU A 189 9.98 -5.63 29.52
N PRO A 190 10.77 -6.38 28.73
CA PRO A 190 11.31 -5.88 27.46
C PRO A 190 10.18 -5.65 26.45
N LYS A 191 10.34 -4.68 25.56
CA LYS A 191 9.30 -4.42 24.56
C LYS A 191 9.31 -5.48 23.46
N ARG A 192 10.47 -6.11 23.25
CA ARG A 192 10.61 -7.09 22.19
C ARG A 192 11.38 -8.30 22.70
N VAL A 193 11.04 -9.47 22.17
CA VAL A 193 11.66 -10.73 22.63
C VAL A 193 11.89 -11.68 21.45
N ARG A 194 12.91 -12.53 21.51
CA ARG A 194 13.18 -13.50 20.45
C ARG A 194 12.93 -14.93 20.95
N ASN A 195 12.58 -15.85 20.06
CA ASN A 195 12.51 -17.27 20.42
C ASN A 195 13.88 -17.73 20.87
N ALA A 196 13.93 -18.74 21.72
CA ALA A 196 15.21 -19.30 22.14
C ALA A 196 15.72 -20.25 21.07
N TYR A 197 14.79 -20.83 20.32
CA TYR A 197 15.08 -21.93 19.41
C TYR A 197 15.37 -21.49 17.97
N ASP A 198 15.06 -20.22 17.66
CA ASP A 198 15.43 -19.64 16.36
C ASP A 198 15.44 -18.11 16.42
N ARG A 199 15.46 -17.47 15.25
CA ARG A 199 15.77 -16.03 15.17
C ARG A 199 14.55 -15.12 15.18
N ARG A 200 13.36 -15.70 15.13
CA ARG A 200 12.14 -14.91 15.04
C ARG A 200 11.87 -14.12 16.32
N THR A 201 11.49 -12.87 16.14
CA THR A 201 11.19 -12.00 17.28
C THR A 201 9.70 -11.69 17.36
N TRP A 202 9.28 -11.27 18.54
CA TRP A 202 7.89 -10.98 18.85
C TRP A 202 7.86 -9.67 19.63
N GLU A 203 6.68 -9.12 19.79
CA GLU A 203 6.51 -7.94 20.61
C GLU A 203 5.79 -8.38 21.86
N LEU A 204 6.49 -8.27 22.99
CA LEU A 204 5.95 -8.74 24.26
C LEU A 204 4.87 -7.79 24.77
N LEU A 205 3.69 -8.34 25.05
CA LEU A 205 2.57 -7.50 25.49
C LEU A 205 2.21 -7.56 26.98
N ARG A 206 2.15 -8.76 27.51
CA ARG A 206 1.82 -8.97 28.92
C ARG A 206 2.02 -10.44 29.28
N LEU A 207 2.06 -10.72 30.58
CA LEU A 207 2.10 -12.10 31.04
C LEU A 207 0.68 -12.59 31.30
N GLY A 208 0.46 -13.89 31.15
CA GLY A 208 -0.84 -14.48 31.39
C GLY A 208 -0.82 -15.30 32.66
N GLU A 209 -1.99 -15.47 33.26
CA GLU A 209 -2.13 -16.26 34.47
C GLU A 209 -2.45 -17.72 34.16
N GLU A 210 -2.55 -18.04 32.88
CA GLU A 210 -3.00 -19.35 32.43
C GLU A 210 -1.97 -20.47 32.60
N ASP A 211 -2.44 -21.70 32.46
CA ASP A 211 -1.61 -22.88 32.56
C ASP A 211 -1.24 -23.35 31.15
N PRO A 212 0.07 -23.50 30.88
CA PRO A 212 0.52 -23.95 29.56
C PRO A 212 0.10 -25.38 29.23
N LYS A 213 -0.09 -26.21 30.25
CA LYS A 213 -0.48 -27.59 30.00
C LYS A 213 -1.98 -27.69 29.73
N GLU A 214 -2.67 -26.56 29.84
CA GLU A 214 -4.11 -26.52 29.64
C GLU A 214 -4.57 -25.50 28.61
N LEU A 215 -3.64 -24.68 28.11
CA LEU A 215 -4.01 -23.65 27.15
C LEU A 215 -4.13 -24.27 25.77
N PRO A 216 -5.35 -24.32 25.24
CA PRO A 216 -5.52 -24.91 23.90
C PRO A 216 -4.89 -24.05 22.83
N LEU A 217 -4.19 -24.68 21.89
CA LEU A 217 -3.68 -23.98 20.72
C LEU A 217 -4.59 -24.29 19.54
N PRO A 218 -4.67 -23.35 18.59
CA PRO A 218 -5.46 -23.61 17.37
C PRO A 218 -4.93 -24.97 16.94
N GLY A 219 -5.82 -25.90 16.67
CA GLY A 219 -5.41 -27.23 16.26
C GLY A 219 -5.45 -28.42 17.21
N GLY A 220 -5.73 -28.17 18.48
CA GLY A 220 -5.90 -29.27 19.42
C GLY A 220 -4.86 -29.40 20.53
N LEU A 221 -3.60 -29.11 20.21
CA LEU A 221 -2.54 -29.24 21.21
C LEU A 221 -2.60 -28.12 22.25
N SER A 222 -2.03 -28.38 23.42
CA SER A 222 -1.84 -27.32 24.40
C SER A 222 -0.50 -26.66 24.10
N LEU A 223 -0.25 -25.53 24.75
CA LEU A 223 1.02 -24.82 24.57
C LEU A 223 2.21 -25.72 24.90
N LEU A 224 2.15 -26.32 26.09
CA LEU A 224 3.28 -27.02 26.67
C LEU A 224 3.74 -28.22 25.86
N ASP A 225 2.79 -29.06 25.43
CA ASP A 225 3.16 -30.25 24.69
C ASP A 225 3.37 -29.93 23.22
N TYR A 226 2.88 -28.79 22.76
CA TYR A 226 3.25 -28.34 21.44
C TYR A 226 4.74 -28.03 21.40
N HIS A 227 5.21 -27.27 22.38
CA HIS A 227 6.63 -26.94 22.43
C HIS A 227 7.48 -28.13 22.82
N ALA A 228 6.90 -29.05 23.58
CA ALA A 228 7.60 -30.27 23.94
C ALA A 228 7.79 -31.16 22.74
N SER A 229 6.75 -31.24 21.91
CA SER A 229 6.73 -32.14 20.76
C SER A 229 7.74 -31.73 19.70
N LYS A 230 8.23 -30.51 19.79
CA LYS A 230 9.20 -30.02 18.83
C LYS A 230 10.61 -30.05 19.42
N GLY A 231 10.73 -30.61 20.62
CA GLY A 231 12.01 -30.82 21.25
C GLY A 231 12.61 -29.56 21.85
N ARG A 232 11.77 -28.55 22.05
CA ARG A 232 12.25 -27.26 22.55
C ARG A 232 12.38 -27.26 24.07
N LEU A 233 11.70 -28.18 24.73
CA LEU A 233 11.77 -28.27 26.17
C LEU A 233 12.80 -29.32 26.56
N GLN A 234 13.46 -29.88 25.56
CA GLN A 234 14.50 -30.85 25.81
C GLN A 234 15.78 -30.05 26.05
N GLY A 235 16.03 -29.73 27.32
CA GLY A 235 17.19 -28.94 27.69
C GLY A 235 16.85 -27.66 28.44
N ARG A 236 15.56 -27.36 28.60
CA ARG A 236 15.14 -26.20 29.38
C ARG A 236 13.75 -26.34 30.01
N GLU A 237 13.26 -25.27 30.64
CA GLU A 237 11.99 -25.30 31.35
C GLU A 237 10.97 -24.36 30.71
N GLY A 238 9.69 -24.64 30.95
CA GLY A 238 8.62 -23.91 30.30
C GLY A 238 8.44 -22.50 30.82
N GLY A 239 8.25 -22.35 32.13
CA GLY A 239 8.06 -21.04 32.72
C GLY A 239 6.61 -20.60 32.61
N ARG A 240 6.38 -19.29 32.54
CA ARG A 240 5.01 -18.79 32.56
C ARG A 240 4.52 -18.49 31.14
N VAL A 241 3.27 -18.05 31.05
CA VAL A 241 2.64 -17.74 29.79
C VAL A 241 2.82 -16.27 29.41
N ALA A 242 3.66 -16.04 28.42
CA ALA A 242 3.85 -14.70 27.86
C ALA A 242 2.92 -14.48 26.68
N TRP A 243 2.19 -13.37 26.69
CA TRP A 243 1.38 -13.04 25.51
C TRP A 243 2.15 -12.07 24.61
N VAL A 244 2.61 -12.59 23.47
CA VAL A 244 3.35 -11.77 22.50
C VAL A 244 2.42 -11.44 21.36
N ALA A 245 2.88 -10.64 20.40
CA ALA A 245 1.97 -10.17 19.36
C ALA A 245 2.38 -10.63 17.96
N ASP A 246 1.36 -10.84 17.13
CA ASP A 246 1.56 -11.27 15.76
C ASP A 246 2.24 -10.17 14.95
N PRO A 247 2.97 -10.55 13.91
CA PRO A 247 3.62 -9.56 13.06
C PRO A 247 2.74 -9.20 11.87
N LYS A 252 -3.74 -9.48 17.01
CA LYS A 252 -3.84 -10.91 17.32
C LYS A 252 -2.77 -11.33 18.32
N PRO A 253 -3.14 -11.41 19.61
CA PRO A 253 -2.25 -11.93 20.65
C PRO A 253 -2.00 -13.43 20.53
N ILE A 254 -0.77 -13.84 20.85
CA ILE A 254 -0.30 -15.21 20.69
C ILE A 254 0.34 -15.68 21.99
N PRO A 255 -0.03 -16.90 22.44
CA PRO A 255 0.59 -17.45 23.65
C PRO A 255 2.03 -17.90 23.39
N HIS A 256 2.85 -17.86 24.43
CA HIS A 256 4.22 -18.30 24.35
C HIS A 256 4.69 -18.60 25.77
N LEU A 257 5.88 -19.17 25.89
CA LEU A 257 6.44 -19.51 27.18
C LEU A 257 7.62 -18.63 27.54
N THR A 258 7.68 -18.21 28.80
CA THR A 258 8.76 -17.37 29.29
C THR A 258 10.08 -18.12 29.33
N GLY A 259 10.02 -19.45 29.31
CA GLY A 259 11.22 -20.26 29.35
C GLY A 259 11.86 -20.42 27.99
N LEU A 260 11.07 -20.19 26.94
CA LEU A 260 11.53 -20.33 25.57
C LEU A 260 11.73 -18.97 24.89
N LEU A 261 11.80 -17.92 25.69
CA LEU A 261 11.94 -16.57 25.15
C LEU A 261 13.17 -15.88 25.75
N VAL A 262 13.88 -15.14 24.90
CA VAL A 262 15.05 -14.37 25.29
C VAL A 262 14.83 -12.90 24.97
N PRO A 263 14.92 -12.02 25.97
CA PRO A 263 14.70 -10.61 25.67
C PRO A 263 15.74 -10.09 24.68
N VAL A 264 15.32 -9.23 23.75
CA VAL A 264 16.28 -8.51 22.93
C VAL A 264 16.49 -7.14 23.57
N LEU A 265 17.71 -6.86 24.01
CA LEU A 265 17.95 -5.66 24.79
C LEU A 265 18.24 -4.44 23.94
N THR A 266 17.53 -3.35 24.22
CA THR A 266 17.82 -2.04 23.64
C THR A 266 18.32 -1.13 24.74
N LEU A 267 18.58 0.13 24.40
CA LEU A 267 18.97 1.13 25.39
C LEU A 267 17.83 1.36 26.39
N GLU A 268 16.60 1.24 25.90
CA GLU A 268 15.43 1.43 26.73
C GLU A 268 15.35 0.38 27.84
N ASP A 269 15.88 -0.82 27.57
CA ASP A 269 15.84 -1.90 28.54
C ASP A 269 16.96 -1.75 29.57
N LEU A 270 17.85 -0.80 29.32
CA LEU A 270 19.00 -0.57 30.20
C LEU A 270 19.11 0.90 30.61
N SER A 276 23.87 4.63 32.86
CA SER A 276 24.93 5.53 32.39
C SER A 276 25.88 4.84 31.42
N LEU A 277 25.40 4.62 30.19
CA LEU A 277 26.21 3.98 29.16
C LEU A 277 26.14 4.75 27.84
N ALA A 278 27.13 5.61 27.59
CA ALA A 278 27.21 6.35 26.33
C ALA A 278 28.00 5.56 25.30
N LEU A 279 27.34 5.23 24.19
CA LEU A 279 27.96 4.33 23.22
C LEU A 279 28.47 5.09 22.01
N SER A 280 28.31 6.41 22.04
CA SER A 280 28.89 7.27 21.01
C SER A 280 30.30 7.69 21.44
N LEU A 281 31.23 7.69 20.49
CA LEU A 281 32.63 8.05 20.79
C LEU A 281 32.99 9.42 20.27
N PRO A 282 33.80 10.16 21.06
CA PRO A 282 34.40 11.40 20.55
C PRO A 282 35.39 11.09 19.44
N TRP A 283 35.51 11.96 18.45
CA TRP A 283 36.17 11.58 17.21
C TRP A 283 37.66 11.21 17.37
N GLU A 284 38.34 11.81 18.34
CA GLU A 284 39.72 11.42 18.62
C GLU A 284 39.82 9.95 19.03
N GLU A 285 38.95 9.55 19.95
CA GLU A 285 38.91 8.18 20.44
C GLU A 285 38.51 7.20 19.33
N ARG A 286 37.51 7.56 18.53
CA ARG A 286 37.09 6.68 17.44
C ARG A 286 38.20 6.52 16.39
N ARG A 287 38.89 7.62 16.09
CA ARG A 287 40.04 7.57 15.19
C ARG A 287 41.11 6.61 15.73
N ARG A 288 41.47 6.83 16.99
CA ARG A 288 42.49 6.04 17.67
C ARG A 288 42.17 4.53 17.65
N ARG A 289 40.97 4.16 18.10
CA ARG A 289 40.55 2.78 18.09
C ARG A 289 40.47 2.22 16.67
N THR A 290 40.04 3.04 15.72
CA THR A 290 39.99 2.63 14.31
C THR A 290 41.37 2.18 13.84
N ARG A 291 42.37 2.98 14.19
CA ARG A 291 43.75 2.61 13.88
C ARG A 291 44.18 1.32 14.58
N GLU A 292 43.93 1.24 15.89
CA GLU A 292 44.33 0.07 16.68
C GLU A 292 43.82 -1.22 16.05
N ILE A 293 42.51 -1.23 15.78
CA ILE A 293 41.86 -2.40 15.23
C ILE A 293 42.33 -2.67 13.80
N ALA A 294 42.58 -1.62 13.02
CA ALA A 294 43.12 -1.82 11.67
C ALA A 294 44.48 -2.53 11.67
N SER A 295 45.39 -2.07 12.54
CA SER A 295 46.70 -2.68 12.63
C SER A 295 46.57 -4.13 13.13
N TRP A 296 45.69 -4.33 14.12
CA TRP A 296 45.45 -5.65 14.66
C TRP A 296 44.99 -6.62 13.55
N ILE A 297 43.89 -6.27 12.88
CA ILE A 297 43.37 -7.07 11.77
C ILE A 297 44.46 -7.37 10.75
N GLY A 298 45.24 -6.33 10.45
CA GLY A 298 46.26 -6.39 9.44
C GLY A 298 47.34 -7.42 9.79
N ARG A 299 47.70 -7.46 11.07
CA ARG A 299 48.76 -8.37 11.53
C ARG A 299 48.24 -9.79 11.72
N ARG A 300 47.01 -9.93 12.19
CA ARG A 300 46.45 -11.26 12.43
C ARG A 300 46.20 -12.02 11.15
N LEU A 301 45.88 -11.30 10.08
CA LEU A 301 45.49 -11.94 8.83
C LEU A 301 46.62 -12.02 7.83
N GLY A 302 47.79 -11.48 8.17
CA GLY A 302 48.92 -11.52 7.26
C GLY A 302 48.64 -10.66 6.05
N LEU A 303 48.07 -9.48 6.28
CA LEU A 303 47.69 -8.59 5.20
C LEU A 303 48.56 -7.33 5.16
N GLY A 304 49.58 -7.29 6.01
CA GLY A 304 50.57 -6.22 5.98
C GLY A 304 50.30 -5.13 6.98
N THR A 305 51.09 -4.07 6.91
CA THR A 305 50.91 -2.93 7.79
C THR A 305 49.94 -1.98 7.13
N PRO A 306 48.91 -1.54 7.87
CA PRO A 306 47.86 -0.70 7.30
C PRO A 306 48.32 0.74 7.06
N GLU A 307 48.03 1.25 5.87
CA GLU A 307 48.31 2.64 5.52
C GLU A 307 47.00 3.41 5.40
N ALA A 308 46.76 4.33 6.34
CA ALA A 308 45.52 5.10 6.35
C ALA A 308 45.43 5.91 5.06
N VAL A 309 44.29 5.86 4.37
CA VAL A 309 44.20 6.58 3.11
C VAL A 309 43.82 8.02 3.36
N ARG A 310 44.41 8.90 2.55
CA ARG A 310 44.20 10.33 2.68
C ARG A 310 43.42 10.84 1.49
N ALA A 311 42.68 11.90 1.71
CA ALA A 311 41.91 12.51 0.65
C ALA A 311 41.99 14.02 0.81
N GLN A 312 41.97 14.72 -0.32
CA GLN A 312 41.96 16.18 -0.33
C GLN A 312 40.56 16.67 0.05
N ALA A 313 40.51 17.53 1.04
CA ALA A 313 39.24 18.10 1.46
C ALA A 313 39.26 19.60 1.25
N TYR A 314 38.08 20.20 1.15
CA TYR A 314 37.97 21.63 0.90
C TYR A 314 36.95 22.21 1.86
N ARG A 315 37.33 23.28 2.55
CA ARG A 315 36.43 23.96 3.46
C ARG A 315 35.48 24.87 2.68
N LEU A 316 34.18 24.67 2.90
CA LEU A 316 33.17 25.48 2.25
C LEU A 316 32.96 26.78 3.03
N SER A 317 32.49 27.82 2.34
CA SER A 317 32.20 29.10 2.99
C SER A 317 31.12 28.95 4.05
N ILE A 318 31.20 29.81 5.06
CA ILE A 318 30.23 29.84 6.14
C ILE A 318 28.88 30.33 5.64
N PRO A 319 27.80 29.59 5.96
CA PRO A 319 26.47 30.06 5.52
C PRO A 319 26.04 31.32 6.27
N LYS A 320 25.42 32.27 5.59
CA LYS A 320 24.91 33.46 6.27
C LYS A 320 23.39 33.37 6.44
N LEU A 321 22.96 32.98 7.63
CA LEU A 321 21.55 32.87 7.99
C LEU A 321 20.94 34.24 8.27
N MET A 322 19.75 34.49 7.71
CA MET A 322 19.12 35.79 7.86
C MET A 322 17.75 35.66 8.50
N GLY A 323 17.51 36.40 9.58
CA GLY A 323 16.17 36.68 10.04
C GLY A 323 15.76 38.04 9.51
N ARG A 324 15.18 38.86 10.37
CA ARG A 324 14.97 40.28 10.05
C ARG A 324 16.33 40.91 9.83
N ARG A 325 17.32 40.41 10.58
CA ARG A 325 18.72 40.65 10.23
C ARG A 325 19.55 39.40 10.49
N ALA A 326 20.86 39.51 10.37
CA ALA A 326 21.75 38.33 10.41
C ALA A 326 21.67 37.59 11.75
N VAL A 327 21.53 36.27 11.70
CA VAL A 327 21.50 35.48 12.93
C VAL A 327 22.46 34.31 12.81
N SER A 328 22.83 33.72 13.94
CA SER A 328 23.70 32.57 13.92
C SER A 328 22.93 31.27 14.10
N LYS A 329 21.66 31.40 14.49
CA LYS A 329 20.77 30.24 14.70
C LYS A 329 19.34 30.75 14.62
N PRO A 330 18.40 29.89 14.19
CA PRO A 330 17.01 30.32 14.01
C PRO A 330 16.36 30.90 15.27
N ALA A 331 16.74 30.42 16.45
CA ALA A 331 16.14 30.91 17.69
C ALA A 331 16.35 32.41 17.88
N ASP A 332 17.44 32.94 17.33
CA ASP A 332 17.73 34.37 17.43
C ASP A 332 16.66 35.22 16.74
N ALA A 333 15.94 34.60 15.80
CA ALA A 333 14.87 35.31 15.09
C ALA A 333 13.75 35.71 16.05
N LEU A 334 13.71 35.06 17.20
CA LEU A 334 12.74 35.41 18.25
C LEU A 334 13.04 36.74 18.91
N ARG A 335 14.33 37.09 19.00
CA ARG A 335 14.71 38.38 19.58
C ARG A 335 14.89 39.45 18.51
N VAL A 336 15.34 39.03 17.33
CA VAL A 336 15.76 39.94 16.26
C VAL A 336 14.66 40.21 15.22
N GLY A 337 13.76 39.24 15.04
CA GLY A 337 12.70 39.38 14.05
C GLY A 337 12.80 38.34 12.95
N PHE A 338 11.67 38.08 12.27
CA PHE A 338 11.63 37.07 11.22
C PHE A 338 12.04 37.59 9.86
N TYR A 339 12.45 36.69 8.98
CA TYR A 339 12.83 37.05 7.62
C TYR A 339 11.68 37.67 6.85
N ARG A 340 10.50 37.08 7.01
CA ARG A 340 9.29 37.66 6.44
C ARG A 340 8.15 37.30 7.36
N ALA A 341 7.49 38.34 7.89
CA ALA A 341 6.41 38.12 8.84
C ALA A 341 5.13 38.75 8.33
N GLN A 342 4.09 37.94 8.24
CA GLN A 342 2.77 38.40 7.86
C GLN A 342 1.96 38.70 9.11
N GLU A 343 0.79 39.28 8.92
CA GLU A 343 -0.19 39.39 10.00
C GLU A 343 -0.63 38.00 10.41
N THR A 344 -0.44 37.64 11.67
CA THR A 344 -0.77 36.29 12.10
C THR A 344 -1.66 36.22 13.33
N ALA A 345 -2.39 35.11 13.40
CA ALA A 345 -3.25 34.79 14.52
C ALA A 345 -2.94 33.36 14.98
N LEU A 346 -2.67 33.22 16.27
CA LEU A 346 -2.37 31.91 16.87
C LEU A 346 -3.42 31.58 17.92
N ALA A 347 -3.82 30.32 18.08
CA ALA A 347 -4.76 30.03 19.17
C ALA A 347 -4.15 29.09 20.20
N LEU A 348 -4.67 29.17 21.42
CA LEU A 348 -4.20 28.30 22.49
C LEU A 348 -5.24 27.26 22.87
N LEU A 349 -4.78 26.02 22.96
CA LEU A 349 -5.59 24.92 23.47
C LEU A 349 -4.89 24.34 24.68
N ARG A 350 -5.52 24.45 25.84
CA ARG A 350 -4.97 23.90 27.06
C ARG A 350 -5.70 22.61 27.43
N LEU A 351 -4.95 21.53 27.68
CA LEU A 351 -5.57 20.27 28.10
C LEU A 351 -5.24 19.97 29.56
N ASP A 352 -4.66 20.95 30.26
CA ASP A 352 -4.25 20.74 31.65
C ASP A 352 -5.18 21.43 32.64
N GLY A 353 -6.32 21.90 32.15
CA GLY A 353 -7.35 22.46 33.01
C GLY A 353 -7.07 23.88 33.47
N ALA A 354 -5.98 24.47 32.97
CA ALA A 354 -5.61 25.82 33.35
C ALA A 354 -6.09 26.82 32.29
N GLN A 355 -5.96 28.11 32.58
CA GLN A 355 -6.56 29.16 31.75
C GLN A 355 -5.54 30.15 31.18
N GLY A 356 -5.68 30.48 29.90
CA GLY A 356 -4.90 31.57 29.30
C GLY A 356 -3.44 31.32 28.96
N TRP A 357 -2.86 32.24 28.19
CA TRP A 357 -1.47 32.16 27.77
C TRP A 357 -0.52 32.40 28.94
N PRO A 358 0.44 31.48 29.15
CA PRO A 358 1.55 31.74 30.08
C PRO A 358 2.27 33.03 29.71
N GLU A 359 2.50 33.90 30.69
CA GLU A 359 2.92 35.26 30.40
C GLU A 359 4.24 35.35 29.63
N PHE A 360 5.18 34.45 29.88
CA PHE A 360 6.48 34.55 29.23
C PHE A 360 6.39 34.17 27.74
N LEU A 361 5.47 33.26 27.43
CA LEU A 361 5.19 32.92 26.03
C LEU A 361 4.57 34.11 25.28
N ARG A 362 3.60 34.73 25.93
CA ARG A 362 2.97 35.93 25.38
C ARG A 362 4.02 36.99 25.10
N ARG A 363 4.89 37.23 26.08
CA ARG A 363 5.92 38.25 25.94
C ARG A 363 6.87 37.91 24.81
N ALA A 364 7.29 36.65 24.72
CA ALA A 364 8.21 36.24 23.67
C ALA A 364 7.61 36.45 22.28
N LEU A 365 6.37 36.02 22.10
CA LEU A 365 5.69 36.19 20.82
C LEU A 365 5.54 37.67 20.45
N LEU A 366 5.09 38.46 21.41
CA LEU A 366 4.93 39.90 21.21
C LEU A 366 6.27 40.57 20.84
N ARG A 367 7.33 40.16 21.52
CA ARG A 367 8.66 40.66 21.25
C ARG A 367 9.08 40.34 19.79
N ALA A 368 8.95 39.07 19.41
CA ALA A 368 9.32 38.66 18.04
C ALA A 368 8.54 39.41 16.97
N PHE A 369 7.23 39.51 17.13
CA PHE A 369 6.43 40.18 16.11
C PHE A 369 6.63 41.68 16.10
N GLY A 370 6.94 42.25 17.26
CA GLY A 370 7.26 43.66 17.34
C GLY A 370 8.56 43.95 16.60
N ALA A 371 9.55 43.09 16.80
CA ALA A 371 10.82 43.24 16.10
C ALA A 371 10.62 43.03 14.60
N SER A 372 9.62 42.23 14.23
CA SER A 372 9.32 42.01 12.82
C SER A 372 8.43 43.12 12.25
N GLY A 373 7.84 43.93 13.13
CA GLY A 373 6.92 44.95 12.70
C GLY A 373 5.66 44.37 12.08
N ALA A 374 5.20 43.24 12.60
CA ALA A 374 3.98 42.61 12.12
C ALA A 374 3.00 42.44 13.27
N SER A 375 1.71 42.50 13.00
CA SER A 375 0.75 42.44 14.09
C SER A 375 0.40 40.98 14.42
N LEU A 376 0.14 40.75 15.69
CA LEU A 376 -0.11 39.43 16.24
C LEU A 376 -1.42 39.39 17.02
N ARG A 377 -2.26 38.41 16.74
CA ARG A 377 -3.46 38.20 17.55
C ARG A 377 -3.40 36.83 18.22
N LEU A 378 -3.63 36.83 19.53
CA LEU A 378 -3.61 35.58 20.31
C LEU A 378 -5.00 35.19 20.78
N HIS A 379 -5.52 34.12 20.20
CA HIS A 379 -6.81 33.58 20.55
C HIS A 379 -6.70 32.49 21.60
N THR A 380 -7.83 32.16 22.22
CA THR A 380 -7.88 31.03 23.13
C THR A 380 -9.05 30.12 22.77
N LEU A 381 -8.78 28.84 22.59
CA LEU A 381 -9.86 27.89 22.39
C LEU A 381 -10.51 27.51 23.72
N HIS A 382 -11.70 28.03 23.95
CA HIS A 382 -12.45 27.67 25.14
C HIS A 382 -13.31 26.46 24.85
N ALA A 383 -12.65 25.35 24.51
CA ALA A 383 -13.32 24.11 24.15
C ALA A 383 -12.38 22.95 24.45
N HIS A 384 -12.91 21.73 24.45
CA HIS A 384 -12.11 20.56 24.83
C HIS A 384 -12.50 19.40 23.94
N PRO A 385 -11.50 18.60 23.54
CA PRO A 385 -11.69 17.44 22.66
C PRO A 385 -12.78 16.48 23.15
N SER A 386 -12.95 16.36 24.46
CA SER A 386 -13.99 15.51 25.01
C SER A 386 -15.41 16.01 24.72
N GLN A 387 -15.55 17.23 24.20
CA GLN A 387 -16.88 17.71 23.84
C GLN A 387 -17.38 17.01 22.58
N GLY A 388 -16.49 16.33 21.86
CA GLY A 388 -16.89 15.67 20.63
C GLY A 388 -16.96 16.65 19.47
N LEU A 389 -18.02 16.54 18.66
CA LEU A 389 -18.15 17.38 17.47
C LEU A 389 -18.20 18.88 17.81
N ALA A 390 -18.71 19.21 19.00
CA ALA A 390 -18.72 20.61 19.45
C ALA A 390 -17.29 21.20 19.43
N PHE A 391 -16.31 20.37 19.75
CA PHE A 391 -14.91 20.79 19.68
C PHE A 391 -14.53 21.14 18.26
N ARG A 392 -14.96 20.31 17.31
CA ARG A 392 -14.67 20.54 15.91
C ARG A 392 -15.28 21.87 15.47
N GLU A 393 -16.49 22.14 15.95
CA GLU A 393 -17.16 23.40 15.64
C GLU A 393 -16.36 24.60 16.19
N ALA A 394 -15.83 24.48 17.40
CA ALA A 394 -14.94 25.51 17.93
C ALA A 394 -13.70 25.71 17.03
N LEU A 395 -13.09 24.60 16.60
CA LEU A 395 -11.96 24.67 15.68
C LEU A 395 -12.28 25.44 14.41
N ARG A 396 -13.40 25.06 13.78
CA ARG A 396 -13.88 25.69 12.57
C ARG A 396 -14.05 27.19 12.75
N LYS A 397 -14.70 27.58 13.85
CA LYS A 397 -14.90 29.00 14.13
C LYS A 397 -13.58 29.74 14.28
N ALA A 398 -12.63 29.11 14.96
CA ALA A 398 -11.33 29.72 15.17
C ALA A 398 -10.65 29.93 13.82
N LYS A 399 -10.79 28.95 12.93
CA LYS A 399 -10.22 29.07 11.59
C LYS A 399 -10.85 30.24 10.82
N GLU A 400 -12.16 30.38 10.96
CA GLU A 400 -12.92 31.42 10.29
C GLU A 400 -12.48 32.80 10.77
N GLU A 401 -12.09 32.88 12.03
CA GLU A 401 -11.65 34.14 12.62
C GLU A 401 -10.17 34.43 12.31
N GLY A 402 -9.53 33.54 11.55
CA GLY A 402 -8.21 33.82 11.01
C GLY A 402 -7.05 33.15 11.72
N VAL A 403 -7.36 32.29 12.69
CA VAL A 403 -6.34 31.53 13.39
C VAL A 403 -5.60 30.64 12.39
N GLN A 404 -4.28 30.64 12.44
CA GLN A 404 -3.50 29.89 11.47
C GLN A 404 -2.92 28.59 12.03
N ALA A 405 -2.66 28.57 13.33
CA ALA A 405 -2.10 27.38 13.98
C ALA A 405 -2.37 27.39 15.48
N VAL A 406 -2.31 26.23 16.13
CA VAL A 406 -2.62 26.24 17.56
C VAL A 406 -1.57 25.57 18.43
N LEU A 407 -1.28 26.25 19.52
CA LEU A 407 -0.37 25.74 20.53
C LEU A 407 -1.15 24.91 21.54
N VAL A 408 -0.72 23.67 21.74
CA VAL A 408 -1.40 22.77 22.65
C VAL A 408 -0.58 22.54 23.89
N LEU A 409 -1.01 23.13 25.00
CA LEU A 409 -0.35 22.89 26.28
C LEU A 409 -0.99 21.65 26.90
N THR A 410 -0.19 20.61 27.11
CA THR A 410 -0.78 19.36 27.62
C THR A 410 0.24 18.54 28.37
N PRO A 411 -0.25 17.72 29.32
CA PRO A 411 0.60 16.64 29.84
C PRO A 411 1.04 15.74 28.69
N PRO A 412 2.17 15.05 28.85
CA PRO A 412 2.59 14.11 27.81
C PRO A 412 1.44 13.22 27.35
N MET A 413 1.20 13.16 26.05
CA MET A 413 0.11 12.34 25.51
C MET A 413 0.64 10.99 25.06
N ALA A 414 -0.20 9.95 25.16
CA ALA A 414 0.13 8.69 24.52
C ALA A 414 0.15 8.88 22.99
N TRP A 415 0.98 8.12 22.30
CA TRP A 415 1.13 8.25 20.84
C TRP A 415 -0.19 8.38 20.07
N GLU A 416 -1.15 7.52 20.38
CA GLU A 416 -2.41 7.44 19.64
C GLU A 416 -3.27 8.69 19.86
N ASP A 417 -3.21 9.23 21.07
CA ASP A 417 -3.98 10.42 21.38
C ASP A 417 -3.37 11.65 20.71
N ARG A 418 -2.05 11.70 20.74
CA ARG A 418 -1.29 12.73 20.02
C ARG A 418 -1.71 12.73 18.55
N ASN A 419 -1.65 11.55 17.93
CA ASN A 419 -2.04 11.37 16.52
C ASN A 419 -3.48 11.77 16.24
N ARG A 420 -4.39 11.33 17.09
CA ARG A 420 -5.80 11.63 16.89
C ARG A 420 -6.10 13.13 16.97
N LEU A 421 -5.56 13.79 18.00
CA LEU A 421 -5.76 15.23 18.18
C LEU A 421 -5.17 16.01 17.00
N LYS A 422 -3.91 15.72 16.65
CA LYS A 422 -3.26 16.43 15.54
C LYS A 422 -4.01 16.25 14.23
N ALA A 423 -4.44 15.02 13.95
CA ALA A 423 -5.20 14.75 12.73
C ALA A 423 -6.51 15.52 12.71
N LEU A 424 -7.22 15.52 13.85
CA LEU A 424 -8.48 16.25 13.94
C LEU A 424 -8.29 17.73 13.67
N LEU A 425 -7.29 18.35 14.28
CA LEU A 425 -7.07 19.77 14.04
C LEU A 425 -6.73 20.00 12.55
N LEU A 426 -5.95 19.08 11.99
CA LEU A 426 -5.58 19.15 10.57
C LEU A 426 -6.83 19.14 9.66
N ARG A 427 -7.85 18.38 10.05
CA ARG A 427 -9.07 18.33 9.25
C ARG A 427 -9.82 19.68 9.24
N GLU A 428 -9.53 20.54 10.20
CA GLU A 428 -10.10 21.88 10.14
C GLU A 428 -9.05 22.87 9.62
N GLY A 429 -7.99 22.34 9.02
CA GLY A 429 -6.95 23.15 8.41
C GLY A 429 -5.99 23.78 9.40
N LEU A 430 -5.91 23.22 10.59
CA LEU A 430 -5.12 23.82 11.66
C LEU A 430 -3.96 22.93 12.06
N PRO A 431 -2.74 23.34 11.70
CA PRO A 431 -1.53 22.69 12.21
C PRO A 431 -1.41 22.94 13.71
N SER A 432 -0.81 22.01 14.44
CA SER A 432 -0.72 22.16 15.88
C SER A 432 0.73 21.96 16.34
N GLN A 433 1.09 22.70 17.39
CA GLN A 433 2.37 22.51 18.04
C GLN A 433 2.13 22.11 19.48
N ILE A 434 2.54 20.89 19.83
CA ILE A 434 2.35 20.44 21.19
C ILE A 434 3.52 20.91 22.06
N LEU A 435 3.18 21.35 23.27
CA LEU A 435 4.13 21.77 24.29
C LEU A 435 3.69 21.19 25.65
N ASN A 436 4.57 20.40 26.25
CA ASN A 436 4.23 19.65 27.45
C ASN A 436 4.32 20.46 28.74
N VAL A 437 3.35 20.24 29.63
CA VAL A 437 3.38 20.82 30.97
C VAL A 437 3.64 19.70 31.98
N PRO A 438 4.30 20.01 33.11
CA PRO A 438 4.74 21.34 33.58
C PRO A 438 5.80 21.98 32.69
N LEU A 439 5.78 23.30 32.64
CA LEU A 439 6.69 24.04 31.80
C LEU A 439 7.17 25.25 32.59
N ARG A 440 8.48 25.32 32.81
CA ARG A 440 9.06 26.45 33.52
C ARG A 440 9.69 27.43 32.53
N GLU A 441 9.72 28.69 32.92
CA GLU A 441 10.25 29.75 32.09
C GLU A 441 11.75 29.53 31.81
N GLU A 442 12.44 28.79 32.68
CA GLU A 442 13.87 28.59 32.50
C GLU A 442 14.17 27.42 31.57
N GLU A 443 13.13 26.75 31.11
CA GLU A 443 13.29 25.69 30.11
C GLU A 443 13.25 26.30 28.70
N ARG A 444 14.19 27.20 28.46
CA ARG A 444 14.15 28.10 27.31
C ARG A 444 14.24 27.39 25.95
N HIS A 445 15.14 26.42 25.82
CA HIS A 445 15.33 25.73 24.55
C HIS A 445 14.06 24.99 24.13
N ARG A 446 13.42 24.35 25.11
CA ARG A 446 12.20 23.60 24.85
C ARG A 446 11.08 24.50 24.33
N TRP A 447 10.73 25.58 25.05
CA TRP A 447 9.57 26.36 24.60
C TRP A 447 9.91 27.34 23.47
N GLU A 448 11.17 27.73 23.35
CA GLU A 448 11.56 28.54 22.19
C GLU A 448 11.46 27.65 20.95
N ASN A 449 11.86 26.39 21.06
CA ASN A 449 11.73 25.48 19.93
C ASN A 449 10.28 25.21 19.64
N ALA A 450 9.45 25.10 20.67
CA ALA A 450 8.00 24.95 20.44
C ALA A 450 7.44 26.15 19.67
N LEU A 451 7.86 27.35 20.04
CA LEU A 451 7.40 28.57 19.39
C LEU A 451 7.83 28.63 17.93
N LEU A 452 9.09 28.28 17.66
CA LEU A 452 9.58 28.21 16.27
C LEU A 452 8.76 27.21 15.46
N GLY A 453 8.43 26.07 16.09
CA GLY A 453 7.56 25.10 15.44
C GLY A 453 6.20 25.70 15.12
N LEU A 454 5.58 26.32 16.11
CA LEU A 454 4.28 26.99 15.97
C LEU A 454 4.27 27.95 14.80
N LEU A 455 5.34 28.73 14.70
CA LEU A 455 5.43 29.80 13.71
C LEU A 455 5.63 29.24 12.30
N ALA A 456 6.49 28.25 12.15
CA ALA A 456 6.64 27.62 10.84
C ALA A 456 5.32 26.96 10.43
N LYS A 457 4.61 26.44 11.41
CA LYS A 457 3.32 25.79 11.17
C LYS A 457 2.24 26.81 10.81
N ALA A 458 2.45 28.08 11.16
CA ALA A 458 1.48 29.10 10.79
C ALA A 458 1.86 29.68 9.44
N GLY A 459 3.02 29.27 8.93
CA GLY A 459 3.41 29.62 7.58
C GLY A 459 4.32 30.81 7.46
N LEU A 460 4.97 31.21 8.56
CA LEU A 460 5.96 32.28 8.53
C LEU A 460 7.33 31.77 8.11
N GLN A 461 8.10 32.63 7.44
CA GLN A 461 9.51 32.35 7.19
C GLN A 461 10.36 32.94 8.30
N VAL A 462 10.88 32.09 9.17
CA VAL A 462 11.63 32.60 10.31
C VAL A 462 13.07 32.94 9.87
N VAL A 463 13.70 32.10 9.03
CA VAL A 463 15.00 32.49 8.46
C VAL A 463 15.11 32.15 6.98
N ALA A 464 16.15 32.71 6.35
CA ALA A 464 16.47 32.43 4.97
C ALA A 464 17.97 32.53 4.78
N LEU A 465 18.44 32.15 3.58
CA LEU A 465 19.86 32.21 3.22
C LEU A 465 20.16 33.51 2.48
N SER A 466 21.38 34.03 2.59
CA SER A 466 21.70 35.26 1.89
C SER A 466 22.59 35.08 0.66
N GLY A 467 23.35 33.99 0.61
CA GLY A 467 24.24 33.69 -0.51
C GLY A 467 23.71 33.63 -1.93
N ALA A 468 24.60 33.25 -2.86
CA ALA A 468 24.26 33.09 -4.28
C ALA A 468 24.44 31.64 -4.70
N TYR A 469 23.40 31.06 -5.33
CA TYR A 469 23.40 29.64 -5.63
C TYR A 469 23.01 29.36 -7.09
N PRO A 470 23.49 28.23 -7.64
CA PRO A 470 23.12 27.88 -9.01
C PRO A 470 21.61 27.61 -9.19
N ALA A 471 20.95 27.00 -8.21
CA ALA A 471 19.51 26.70 -8.35
C ALA A 471 18.64 27.57 -7.44
N GLU A 472 17.59 28.15 -8.01
CA GLU A 472 16.69 29.02 -7.24
C GLU A 472 15.41 28.29 -6.84
N LEU A 473 15.38 26.99 -7.06
CA LEU A 473 14.35 26.10 -6.53
C LEU A 473 15.05 24.83 -6.10
N ALA A 474 14.84 24.40 -4.86
CA ALA A 474 15.48 23.18 -4.39
C ALA A 474 14.43 22.23 -3.81
N VAL A 475 14.38 21.01 -4.30
CA VAL A 475 13.32 20.14 -3.85
C VAL A 475 13.85 18.75 -3.47
N GLY A 476 13.37 18.25 -2.35
CA GLY A 476 13.77 16.95 -1.83
C GLY A 476 12.65 15.94 -1.96
N PHE A 477 13.05 14.70 -2.23
CA PHE A 477 12.13 13.58 -2.41
C PHE A 477 12.47 12.49 -1.41
N ASP A 478 11.44 11.95 -0.77
CA ASP A 478 11.65 10.86 0.16
C ASP A 478 10.45 9.92 0.15
N ALA A 479 10.64 8.70 0.62
CA ALA A 479 9.52 7.78 0.83
C ALA A 479 9.49 7.41 2.30
N GLY A 480 8.29 7.24 2.85
CA GLY A 480 8.15 6.91 4.26
C GLY A 480 6.89 6.13 4.58
N GLY A 481 6.66 5.88 5.86
CA GLY A 481 5.49 5.13 6.28
C GLY A 481 5.92 3.78 6.79
N ARG A 482 5.20 3.26 7.79
CA ARG A 482 5.62 2.04 8.47
C ARG A 482 4.68 0.88 8.20
N GLU A 483 4.33 0.64 6.94
CA GLU A 483 3.42 -0.46 6.60
C GLU A 483 3.81 -1.16 5.30
N SER A 484 2.88 -1.93 4.73
CA SER A 484 3.11 -2.68 3.51
C SER A 484 3.16 -1.76 2.30
N PHE A 485 2.72 -0.53 2.50
CA PHE A 485 2.78 0.52 1.50
C PHE A 485 3.49 1.74 2.07
N ARG A 486 3.84 2.67 1.20
CA ARG A 486 4.58 3.86 1.59
C ARG A 486 3.99 5.12 0.94
N PHE A 487 4.43 6.28 1.43
CA PHE A 487 4.12 7.55 0.79
C PHE A 487 5.39 8.14 0.22
N GLY A 488 5.38 8.41 -1.07
CA GLY A 488 6.44 9.17 -1.70
C GLY A 488 6.02 10.63 -1.69
N GLY A 489 6.94 11.50 -1.29
CA GLY A 489 6.64 12.91 -1.15
C GLY A 489 7.81 13.84 -1.45
N ALA A 490 7.48 15.12 -1.64
CA ALA A 490 8.44 16.15 -1.99
C ALA A 490 8.19 17.42 -1.19
N ALA A 491 9.27 18.04 -0.78
CA ALA A 491 9.18 19.35 -0.13
C ALA A 491 10.18 20.26 -0.82
N CYS A 492 10.01 21.58 -0.70
CA CYS A 492 10.89 22.48 -1.43
C CYS A 492 11.16 23.81 -0.75
N ALA A 493 12.30 24.39 -1.09
CA ALA A 493 12.66 25.75 -0.79
C ALA A 493 12.63 26.52 -2.10
N VAL A 494 11.76 27.52 -2.20
CA VAL A 494 11.68 28.27 -3.43
C VAL A 494 12.38 29.62 -3.30
N GLY A 495 13.07 30.01 -4.36
CA GLY A 495 13.85 31.24 -4.37
C GLY A 495 15.29 30.93 -3.97
N GLY A 496 16.23 31.71 -4.47
CA GLY A 496 17.63 31.52 -4.13
C GLY A 496 17.89 31.64 -2.64
N ASP A 497 17.16 32.54 -1.98
CA ASP A 497 17.29 32.69 -0.53
C ASP A 497 16.61 31.55 0.22
N GLY A 498 15.80 30.77 -0.49
CA GLY A 498 15.04 29.71 0.15
C GLY A 498 13.99 30.33 1.05
N GLY A 499 13.49 31.48 0.65
CA GLY A 499 12.60 32.26 1.48
C GLY A 499 11.14 31.84 1.39
N HIS A 500 10.90 30.65 0.87
CA HIS A 500 9.56 30.04 0.90
C HIS A 500 9.72 28.53 1.02
N LEU A 501 9.19 27.95 2.08
CA LEU A 501 9.25 26.50 2.26
C LEU A 501 7.85 25.90 2.08
N LEU A 502 7.74 24.93 1.17
CA LEU A 502 6.43 24.35 0.82
C LEU A 502 6.46 22.83 0.84
N TRP A 503 5.32 22.24 1.15
CA TRP A 503 5.15 20.80 1.00
C TRP A 503 4.12 20.55 -0.10
N THR A 504 4.09 19.33 -0.61
CA THR A 504 3.07 18.94 -1.59
C THR A 504 2.36 17.68 -1.11
N LEU A 505 1.14 17.45 -1.58
CA LEU A 505 0.38 16.26 -1.24
C LEU A 505 1.15 15.03 -1.71
N PRO A 506 1.51 14.14 -0.78
CA PRO A 506 2.24 12.92 -1.13
C PRO A 506 1.38 11.91 -1.89
N GLU A 507 1.99 10.82 -2.35
CA GLU A 507 1.27 9.77 -3.05
C GLU A 507 1.62 8.39 -2.48
N ALA A 508 0.62 7.52 -2.43
CA ALA A 508 0.83 6.16 -1.95
C ALA A 508 1.48 5.31 -3.04
N GLN A 509 2.40 4.44 -2.64
CA GLN A 509 3.18 3.61 -3.55
C GLN A 509 3.55 2.32 -2.83
N ALA A 510 3.94 1.28 -3.56
CA ALA A 510 4.19 -0.01 -2.91
C ALA A 510 5.51 -0.06 -2.14
N GLY A 511 6.55 0.57 -2.66
CA GLY A 511 7.86 0.48 -2.04
C GLY A 511 8.67 1.76 -2.00
N GLU A 512 9.98 1.62 -2.15
CA GLU A 512 10.89 2.76 -2.02
C GLU A 512 10.93 3.59 -3.30
N ARG A 513 10.70 2.92 -4.43
CA ARG A 513 10.69 3.60 -5.71
C ARG A 513 9.44 4.48 -5.84
N ILE A 514 9.66 5.75 -6.20
CA ILE A 514 8.58 6.66 -6.52
C ILE A 514 8.32 6.58 -8.02
N PRO A 515 7.08 6.25 -8.43
CA PRO A 515 6.75 6.15 -9.87
C PRO A 515 7.10 7.42 -10.67
N GLN A 516 7.62 7.23 -11.88
CA GLN A 516 8.10 8.34 -12.70
C GLN A 516 7.07 9.47 -12.86
N GLU A 517 5.81 9.10 -13.02
CA GLU A 517 4.72 10.06 -13.13
C GLU A 517 4.53 10.81 -11.82
N VAL A 518 4.69 10.11 -10.70
CA VAL A 518 4.56 10.77 -9.41
C VAL A 518 5.69 11.76 -9.21
N VAL A 519 6.91 11.32 -9.54
CA VAL A 519 8.07 12.19 -9.43
C VAL A 519 7.83 13.46 -10.22
N TRP A 520 7.39 13.31 -11.47
CA TRP A 520 7.14 14.52 -12.25
C TRP A 520 5.98 15.37 -11.72
N ASP A 521 4.84 14.78 -11.37
CA ASP A 521 3.70 15.58 -10.91
C ASP A 521 4.05 16.39 -9.65
N LEU A 522 4.76 15.75 -8.71
CA LEU A 522 5.22 16.44 -7.52
C LEU A 522 6.15 17.61 -7.88
N LEU A 523 7.13 17.31 -8.73
CA LEU A 523 8.07 18.34 -9.18
C LEU A 523 7.33 19.51 -9.82
N GLU A 524 6.31 19.19 -10.60
CA GLU A 524 5.54 20.21 -11.29
C GLU A 524 4.81 21.07 -10.29
N GLU A 525 4.31 20.45 -9.22
CA GLU A 525 3.68 21.22 -8.15
C GLU A 525 4.66 22.24 -7.59
N THR A 526 5.90 21.81 -7.31
CA THR A 526 6.86 22.80 -6.81
C THR A 526 7.19 23.90 -7.84
N LEU A 527 7.32 23.53 -9.11
CA LEU A 527 7.51 24.52 -10.17
C LEU A 527 6.41 25.57 -10.12
N TRP A 528 5.18 25.09 -9.91
CA TRP A 528 4.02 25.96 -9.91
C TRP A 528 4.02 26.87 -8.69
N ALA A 529 4.48 26.34 -7.57
CA ALA A 529 4.63 27.15 -6.35
C ALA A 529 5.62 28.29 -6.59
N PHE A 530 6.74 27.96 -7.24
CA PHE A 530 7.72 28.98 -7.59
C PHE A 530 7.10 30.02 -8.51
N ARG A 531 6.34 29.55 -9.50
CA ARG A 531 5.66 30.43 -10.44
C ARG A 531 4.75 31.41 -9.69
N ARG A 532 3.99 30.89 -8.73
CA ARG A 532 3.07 31.72 -7.95
C ARG A 532 3.83 32.75 -7.13
N LYS A 533 5.02 32.40 -6.66
CA LYS A 533 5.80 33.32 -5.84
C LYS A 533 6.58 34.36 -6.64
N ALA A 534 7.18 33.93 -7.74
CA ALA A 534 8.15 34.75 -8.45
C ALA A 534 7.63 35.29 -9.77
N GLY A 535 6.41 34.88 -10.13
CA GLY A 535 5.79 35.33 -11.37
C GLY A 535 6.53 34.89 -12.61
N ARG A 536 7.27 33.79 -12.50
CA ARG A 536 8.04 33.24 -13.61
C ARG A 536 8.46 31.81 -13.31
N LEU A 537 9.06 31.16 -14.29
CA LEU A 537 9.63 29.83 -14.08
C LEU A 537 11.06 29.94 -13.60
N PRO A 538 11.49 28.98 -12.78
CA PRO A 538 12.89 29.02 -12.31
C PRO A 538 13.88 28.73 -13.42
N SER A 539 15.01 29.43 -13.36
CA SER A 539 16.11 29.23 -14.30
C SER A 539 16.72 27.82 -14.18
N ARG A 540 16.84 27.36 -12.94
CA ARG A 540 17.49 26.07 -12.66
C ARG A 540 16.97 25.47 -11.36
N VAL A 541 16.83 24.15 -11.32
CA VAL A 541 16.33 23.49 -10.13
C VAL A 541 17.31 22.42 -9.62
N LEU A 542 17.38 22.29 -8.30
CA LEU A 542 18.22 21.30 -7.65
C LEU A 542 17.31 20.21 -7.13
N LEU A 543 17.48 19.01 -7.68
CA LEU A 543 16.69 17.85 -7.32
C LEU A 543 17.50 16.97 -6.37
N LEU A 544 16.99 16.80 -5.16
CA LEU A 544 17.65 15.99 -4.13
C LEU A 544 16.82 14.75 -3.80
N ARG A 545 17.44 13.59 -3.90
CA ARG A 545 16.79 12.32 -3.58
C ARG A 545 17.37 11.74 -2.31
N ASP A 546 16.50 11.40 -1.36
CA ASP A 546 16.96 10.73 -0.15
C ASP A 546 17.39 9.32 -0.54
N GLY A 547 18.63 8.97 -0.18
CA GLY A 547 19.17 7.68 -0.56
C GLY A 547 19.50 7.60 -2.02
N ARG A 548 19.47 6.39 -2.58
CA ARG A 548 19.81 6.17 -3.98
C ARG A 548 18.65 6.51 -4.90
N VAL A 549 18.98 6.84 -6.14
CA VAL A 549 17.98 7.00 -7.17
C VAL A 549 17.77 5.67 -7.87
N PRO A 550 16.58 5.08 -7.70
CA PRO A 550 16.26 3.85 -8.45
C PRO A 550 16.33 4.10 -9.93
N GLN A 551 16.74 3.09 -10.69
CA GLN A 551 17.00 3.25 -12.11
C GLN A 551 15.81 3.85 -12.87
N ASP A 552 16.07 5.01 -13.48
CA ASP A 552 15.14 5.74 -14.34
C ASP A 552 13.96 6.38 -13.60
N GLU A 553 14.04 6.45 -12.27
CA GLU A 553 12.98 7.06 -11.48
C GLU A 553 12.70 8.51 -11.89
N PHE A 554 13.74 9.26 -12.25
CA PHE A 554 13.58 10.67 -12.60
C PHE A 554 13.56 10.94 -14.10
N ALA A 555 13.49 9.88 -14.91
CA ALA A 555 13.62 10.01 -16.37
C ALA A 555 12.55 10.90 -16.96
N LEU A 556 11.30 10.64 -16.59
CA LEU A 556 10.21 11.44 -17.11
C LEU A 556 10.36 12.87 -16.69
N ALA A 557 10.74 13.07 -15.43
CA ALA A 557 10.86 14.40 -14.87
C ALA A 557 11.96 15.18 -15.57
N LEU A 558 13.08 14.52 -15.85
CA LEU A 558 14.19 15.19 -16.52
C LEU A 558 13.79 15.55 -17.95
N GLU A 559 13.12 14.62 -18.64
CA GLU A 559 12.58 14.91 -19.97
C GLU A 559 11.68 16.14 -19.99
N ALA A 560 10.77 16.17 -19.02
CA ALA A 560 9.82 17.26 -18.90
C ALA A 560 10.51 18.59 -18.65
N LEU A 561 11.48 18.59 -17.74
CA LEU A 561 12.22 19.80 -17.43
C LEU A 561 12.93 20.30 -18.68
N ALA A 562 13.56 19.39 -19.41
CA ALA A 562 14.29 19.76 -20.62
C ALA A 562 13.34 20.36 -21.65
N ARG A 563 12.14 19.81 -21.78
CA ARG A 563 11.18 20.37 -22.74
C ARG A 563 10.83 21.82 -22.41
N GLU A 564 10.81 22.15 -21.13
CA GLU A 564 10.39 23.48 -20.69
C GLU A 564 11.54 24.49 -20.65
N GLY A 565 12.76 24.00 -20.92
CA GLY A 565 13.93 24.86 -20.90
C GLY A 565 14.44 25.17 -19.50
N ILE A 566 14.11 24.29 -18.55
CA ILE A 566 14.55 24.45 -17.18
C ILE A 566 15.76 23.55 -16.92
N ALA A 567 16.85 24.15 -16.46
CA ALA A 567 18.07 23.40 -16.17
C ALA A 567 17.91 22.64 -14.86
N TYR A 568 18.71 21.60 -14.66
CA TYR A 568 18.60 20.79 -13.46
C TYR A 568 19.89 20.15 -13.03
N ASP A 569 19.98 19.81 -11.75
CA ASP A 569 20.95 18.85 -11.28
C ASP A 569 20.21 17.88 -10.37
N LEU A 570 20.51 16.60 -10.51
CA LEU A 570 19.91 15.56 -9.68
C LEU A 570 21.01 15.01 -8.79
N VAL A 571 20.82 15.07 -7.49
CA VAL A 571 21.82 14.53 -6.58
C VAL A 571 21.21 13.49 -5.65
N SER A 572 21.83 12.31 -5.63
CA SER A 572 21.51 11.28 -4.67
C SER A 572 22.22 11.59 -3.37
N VAL A 573 21.44 11.65 -2.29
CA VAL A 573 21.99 12.01 -0.99
C VAL A 573 21.85 10.83 -0.05
N ARG A 574 22.97 10.26 0.33
CA ARG A 574 22.99 9.02 1.10
C ARG A 574 23.49 9.23 2.51
N LYS A 575 22.66 8.85 3.46
CA LYS A 575 22.90 9.09 4.86
C LYS A 575 23.86 8.06 5.46
N SER A 576 24.22 7.04 4.68
CA SER A 576 25.21 6.07 5.13
C SER A 576 26.06 5.64 3.95
N GLY A 577 27.21 5.05 4.24
CA GLY A 577 28.12 4.60 3.19
C GLY A 577 29.19 5.62 2.93
N GLY A 578 29.15 6.71 3.69
CA GLY A 578 30.15 7.75 3.54
C GLY A 578 31.33 7.46 4.45
N GLY A 579 31.17 6.49 5.33
CA GLY A 579 32.23 6.15 6.25
C GLY A 579 32.54 7.30 7.20
N ARG A 580 33.80 7.40 7.59
CA ARG A 580 34.22 8.40 8.54
C ARG A 580 35.30 9.31 7.94
N VAL A 581 35.40 10.54 8.43
CA VAL A 581 36.42 11.49 7.98
C VAL A 581 37.12 12.11 9.20
N TYR A 582 38.45 12.11 9.20
CA TYR A 582 39.21 12.66 10.33
C TYR A 582 40.23 13.70 9.89
N PRO A 583 40.43 14.74 10.69
CA PRO A 583 41.48 15.70 10.36
C PRO A 583 42.88 15.10 10.46
N VAL A 584 43.70 15.40 9.46
CA VAL A 584 45.11 15.07 9.49
C VAL A 584 45.78 15.89 10.59
N GLN A 585 45.48 17.19 10.62
CA GLN A 585 45.99 18.07 11.66
C GLN A 585 44.88 18.97 12.17
N GLY A 586 44.88 19.24 13.48
CA GLY A 586 43.99 20.22 14.07
C GLY A 586 42.57 19.72 14.37
N ARG A 587 41.68 20.66 14.66
CA ARG A 587 40.35 20.29 15.13
C ARG A 587 39.46 19.87 13.97
N LEU A 588 38.43 19.10 14.28
CA LEU A 588 37.43 18.66 13.29
C LEU A 588 36.35 19.72 13.13
N ALA A 589 36.11 20.15 11.89
CA ALA A 589 35.11 21.19 11.67
C ALA A 589 34.10 20.83 10.60
N ASP A 590 33.05 21.65 10.55
CA ASP A 590 31.93 21.53 9.62
C ASP A 590 32.20 22.11 8.25
N GLY A 591 31.39 21.70 7.28
CA GLY A 591 31.46 22.27 5.95
C GLY A 591 32.62 21.70 5.19
N LEU A 592 32.78 20.39 5.27
CA LEU A 592 33.92 19.71 4.65
C LEU A 592 33.49 19.02 3.36
N TYR A 593 34.16 19.34 2.27
CA TYR A 593 33.83 18.77 0.96
C TYR A 593 34.98 17.89 0.48
N VAL A 594 34.73 16.59 0.37
CA VAL A 594 35.77 15.65 -0.03
C VAL A 594 35.42 14.92 -1.31
N PRO A 595 35.91 15.42 -2.46
CA PRO A 595 35.66 14.75 -3.75
C PRO A 595 36.41 13.43 -3.84
N LEU A 596 35.71 12.34 -4.15
CA LEU A 596 36.31 11.00 -4.09
C LEU A 596 36.64 10.42 -5.45
N GLU A 597 35.67 10.53 -6.35
CA GLU A 597 35.75 9.99 -7.69
C GLU A 597 34.88 10.92 -8.49
N ASP A 598 34.74 10.70 -9.78
CA ASP A 598 33.93 11.63 -10.54
C ASP A 598 32.47 11.47 -10.17
N LYS A 599 31.82 12.60 -9.95
CA LYS A 599 30.39 12.68 -9.62
C LYS A 599 30.07 12.19 -8.21
N THR A 600 31.08 11.80 -7.44
CA THR A 600 30.84 11.33 -6.07
C THR A 600 31.67 12.12 -5.06
N PHE A 601 31.06 12.51 -3.94
CA PHE A 601 31.83 13.22 -2.91
C PHE A 601 31.23 13.07 -1.53
N LEU A 602 32.06 13.26 -0.51
CA LEU A 602 31.59 13.28 0.87
C LEU A 602 31.33 14.72 1.30
N LEU A 603 30.36 14.90 2.19
CA LEU A 603 30.05 16.22 2.71
C LEU A 603 29.80 16.13 4.20
N LEU A 604 30.70 16.72 4.98
CA LEU A 604 30.51 16.83 6.41
C LEU A 604 29.74 18.12 6.65
N THR A 605 28.45 17.97 7.00
CA THR A 605 27.52 19.10 7.08
C THR A 605 27.38 19.61 8.50
N VAL A 606 27.36 18.69 9.47
CA VAL A 606 27.18 19.06 10.88
C VAL A 606 28.13 18.30 11.78
N HIS A 607 28.55 18.97 12.85
CA HIS A 607 29.37 18.37 13.89
C HIS A 607 29.47 19.21 15.15
N ARG A 608 29.25 18.56 16.29
CA ARG A 608 29.55 19.14 17.60
C ARG A 608 30.39 18.14 18.38
N ASP A 609 31.44 18.60 19.04
CA ASP A 609 32.34 17.71 19.77
C ASP A 609 31.62 16.81 20.76
N PHE A 610 30.66 17.37 21.49
CA PHE A 610 29.95 16.59 22.51
C PHE A 610 29.06 15.52 21.90
N ARG A 611 28.64 15.78 20.67
CA ARG A 611 27.76 14.91 19.93
C ARG A 611 28.31 13.62 19.29
N GLY A 612 29.56 13.29 19.57
CA GLY A 612 30.17 12.06 19.09
C GLY A 612 30.90 12.32 17.79
N THR A 613 31.06 11.27 16.99
CA THR A 613 31.74 11.37 15.71
C THR A 613 30.76 11.55 14.58
N PRO A 614 30.97 12.57 13.74
CA PRO A 614 30.04 12.88 12.65
C PRO A 614 30.02 11.80 11.56
N ARG A 615 28.87 11.61 10.95
CA ARG A 615 28.74 10.67 9.84
C ARG A 615 28.53 11.45 8.54
N PRO A 616 29.60 11.69 7.78
CA PRO A 616 29.49 12.50 6.56
C PRO A 616 28.55 11.86 5.54
N LEU A 617 27.83 12.72 4.83
CA LEU A 617 26.92 12.27 3.79
C LEU A 617 27.70 11.86 2.56
N LYS A 618 27.16 10.89 1.85
CA LYS A 618 27.76 10.51 0.57
C LYS A 618 26.84 10.96 -0.55
N LEU A 619 27.38 11.71 -1.49
CA LEU A 619 26.55 12.30 -2.53
C LEU A 619 27.01 11.86 -3.91
N VAL A 620 26.03 11.60 -4.79
CA VAL A 620 26.33 11.26 -6.17
C VAL A 620 25.59 12.20 -7.11
N HIS A 621 26.35 12.90 -7.96
CA HIS A 621 25.77 13.78 -8.98
C HIS A 621 25.24 12.94 -10.15
N GLU A 622 23.96 12.65 -10.13
CA GLU A 622 23.38 11.68 -11.05
C GLU A 622 23.08 12.25 -12.44
N ALA A 623 22.85 13.56 -12.52
CA ALA A 623 22.55 14.22 -13.78
C ALA A 623 22.68 15.72 -13.63
N GLY A 624 23.04 16.39 -14.71
CA GLY A 624 23.24 17.84 -14.70
C GLY A 624 24.70 18.19 -14.92
N ASP A 625 24.98 19.46 -15.19
CA ASP A 625 26.35 19.87 -15.52
C ASP A 625 26.97 20.88 -14.55
N THR A 626 26.31 21.10 -13.42
CA THR A 626 26.85 22.01 -12.41
C THR A 626 28.04 21.36 -11.70
N PRO A 627 29.15 22.10 -11.59
CA PRO A 627 30.35 21.60 -10.90
C PRO A 627 30.06 21.11 -9.49
N LEU A 628 30.74 20.04 -9.12
CA LEU A 628 30.60 19.40 -7.82
C LEU A 628 30.72 20.39 -6.65
N GLU A 629 31.71 21.28 -6.69
CA GLU A 629 31.89 22.27 -5.61
C GLU A 629 30.64 23.13 -5.41
N ALA A 630 30.01 23.54 -6.50
CA ALA A 630 28.82 24.39 -6.41
C ALA A 630 27.66 23.66 -5.75
N LEU A 631 27.48 22.40 -6.13
CA LEU A 631 26.45 21.56 -5.52
C LEU A 631 26.71 21.38 -4.03
N ALA A 632 27.96 21.04 -3.67
CA ALA A 632 28.36 20.89 -2.28
C ALA A 632 28.07 22.17 -1.48
N HIS A 633 28.42 23.29 -2.08
CA HIS A 633 28.14 24.60 -1.51
C HIS A 633 26.65 24.80 -1.21
N GLN A 634 25.79 24.59 -2.22
CA GLN A 634 24.36 24.81 -2.01
C GLN A 634 23.72 23.83 -1.03
N ILE A 635 24.10 22.55 -1.12
CA ILE A 635 23.53 21.54 -0.24
C ILE A 635 23.94 21.81 1.22
N PHE A 636 25.22 22.08 1.41
CA PHE A 636 25.72 22.46 2.73
C PHE A 636 25.00 23.69 3.27
N HIS A 637 24.87 24.75 2.47
CA HIS A 637 24.17 25.93 2.97
C HIS A 637 22.68 25.66 3.27
N LEU A 638 22.04 24.83 2.44
CA LEU A 638 20.64 24.44 2.60
C LEU A 638 20.40 23.69 3.89
N THR A 639 21.45 23.06 4.39
CA THR A 639 21.38 22.41 5.70
C THR A 639 21.02 23.39 6.84
N ARG A 640 21.23 24.68 6.59
CA ARG A 640 21.11 25.69 7.63
C ARG A 640 19.76 26.43 7.59
N LEU A 641 18.91 26.03 6.66
CA LEU A 641 17.64 26.72 6.38
C LEU A 641 16.47 26.25 7.25
N TYR A 642 16.63 25.12 7.92
CA TYR A 642 15.54 24.52 8.69
C TYR A 642 15.10 25.42 9.84
N PRO A 643 13.82 25.82 9.83
CA PRO A 643 13.29 26.82 10.77
C PRO A 643 12.91 26.29 12.15
N ALA A 644 12.61 25.00 12.27
CA ALA A 644 11.99 24.45 13.47
C ALA A 644 13.00 23.90 14.49
N SER A 645 14.28 24.09 14.21
CA SER A 645 15.31 23.68 15.15
C SER A 645 16.13 24.90 15.49
N GLY A 646 15.97 25.39 16.71
CA GLY A 646 16.48 26.70 17.09
C GLY A 646 17.95 26.78 17.39
N PHE A 647 18.56 25.63 17.67
CA PHE A 647 19.90 25.58 18.24
C PHE A 647 20.82 24.54 17.58
N ALA A 648 20.28 23.71 16.71
CA ALA A 648 21.07 22.71 16.01
C ALA A 648 20.61 22.54 14.57
N PHE A 649 21.53 22.70 13.64
CA PHE A 649 21.21 22.47 12.24
C PHE A 649 21.13 20.96 11.99
N PRO A 650 20.19 20.54 11.14
CA PRO A 650 20.04 19.16 10.68
C PRO A 650 21.18 18.74 9.77
N ARG A 651 21.49 17.45 9.72
CA ARG A 651 22.50 16.92 8.81
C ARG A 651 22.07 17.02 7.33
N LEU A 652 20.81 16.71 7.06
CA LEU A 652 20.29 16.81 5.70
C LEU A 652 19.98 18.25 5.32
N PRO A 653 20.14 18.60 4.05
CA PRO A 653 19.68 19.91 3.55
C PRO A 653 18.17 20.07 3.78
N ALA A 654 17.70 21.30 3.99
CA ALA A 654 16.31 21.53 4.42
C ALA A 654 15.23 20.84 3.57
N PRO A 655 15.31 20.91 2.22
CA PRO A 655 14.28 20.21 1.45
C PRO A 655 14.16 18.73 1.78
N LEU A 656 15.27 18.03 1.98
CA LEU A 656 15.18 16.61 2.33
C LEU A 656 14.68 16.41 3.75
N HIS A 657 15.21 17.18 4.70
CA HIS A 657 14.77 17.09 6.10
C HIS A 657 13.23 17.28 6.21
N LEU A 658 12.74 18.28 5.49
CA LEU A 658 11.31 18.57 5.37
C LEU A 658 10.55 17.42 4.72
N ALA A 659 11.05 16.90 3.61
CA ALA A 659 10.40 15.78 2.93
C ALA A 659 10.27 14.55 3.84
N ASP A 660 11.36 14.25 4.54
CA ASP A 660 11.41 13.15 5.50
C ASP A 660 10.36 13.31 6.59
N ARG A 661 10.32 14.49 7.21
CA ARG A 661 9.30 14.70 8.24
C ARG A 661 7.87 14.64 7.68
N LEU A 662 7.69 15.16 6.47
CA LEU A 662 6.39 15.14 5.80
C LEU A 662 5.86 13.71 5.62
N VAL A 663 6.64 12.84 4.99
CA VAL A 663 6.14 11.50 4.70
C VAL A 663 6.07 10.66 5.98
N LYS A 664 6.89 11.00 6.97
CA LYS A 664 6.80 10.35 8.28
C LYS A 664 5.45 10.68 8.93
N GLU A 665 5.06 11.94 8.92
CA GLU A 665 3.82 12.34 9.57
C GLU A 665 2.62 11.79 8.79
N VAL A 666 2.69 11.81 7.47
CA VAL A 666 1.58 11.26 6.68
C VAL A 666 1.46 9.76 6.96
N GLY A 667 2.60 9.08 7.08
CA GLY A 667 2.60 7.68 7.49
C GLY A 667 1.93 7.46 8.83
N ARG A 668 2.18 8.36 9.78
CA ARG A 668 1.56 8.23 11.10
C ARG A 668 0.07 8.56 11.13
N LEU A 669 -0.32 9.67 10.52
CA LEU A 669 -1.67 10.22 10.66
C LEU A 669 -2.60 9.73 9.56
N GLY A 670 -2.06 9.61 8.34
CA GLY A 670 -2.84 9.26 7.18
C GLY A 670 -2.92 10.49 6.28
N ILE A 671 -3.16 10.30 4.99
CA ILE A 671 -3.22 11.44 4.08
C ILE A 671 -4.60 12.09 4.07
N ARG A 672 -5.59 11.42 4.64
CA ARG A 672 -6.98 11.87 4.54
C ARG A 672 -7.27 13.19 5.26
N HIS A 673 -6.32 13.66 6.06
CA HIS A 673 -6.55 14.86 6.86
C HIS A 673 -6.01 16.16 6.22
N LEU A 674 -5.37 16.07 5.06
CA LEU A 674 -4.53 17.18 4.62
C LEU A 674 -5.19 18.14 3.63
N LYS A 675 -6.45 17.87 3.28
CA LYS A 675 -7.11 18.57 2.20
C LYS A 675 -7.24 20.10 2.41
N GLU A 676 -7.48 20.52 3.64
CA GLU A 676 -7.68 21.94 3.93
C GLU A 676 -6.44 22.62 4.54
N VAL A 677 -5.30 21.92 4.57
CA VAL A 677 -4.10 22.50 5.14
C VAL A 677 -3.27 23.22 4.08
N ASP A 678 -2.95 24.48 4.32
CA ASP A 678 -2.18 25.27 3.36
C ASP A 678 -0.75 24.70 3.19
N ARG A 679 -0.25 24.74 1.97
CA ARG A 679 1.04 24.10 1.68
C ARG A 679 2.24 24.90 2.20
N GLU A 680 2.01 26.13 2.64
CA GLU A 680 3.05 26.97 3.24
C GLU A 680 3.18 26.68 4.72
N LYS A 681 2.20 25.97 5.27
CA LYS A 681 2.17 25.65 6.69
C LYS A 681 2.84 24.33 6.96
N LEU A 682 4.00 24.36 7.61
CA LEU A 682 4.82 23.16 7.79
C LEU A 682 4.31 22.29 8.94
N PHE A 683 3.16 21.65 8.73
CA PHE A 683 2.41 21.00 9.81
C PHE A 683 3.15 19.84 10.44
N PHE A 684 4.15 19.34 9.74
CA PHE A 684 4.83 18.11 10.12
C PHE A 684 6.13 18.32 10.91
N VAL A 685 6.53 19.57 11.17
CA VAL A 685 7.79 19.82 11.87
C VAL A 685 7.65 19.63 13.38
N HIS B 3 -45.75 -3.89 0.98
CA HIS B 3 -46.27 -2.52 0.84
C HIS B 3 -47.17 -2.38 -0.39
N LEU B 4 -46.66 -2.79 -1.55
CA LEU B 4 -47.45 -2.74 -2.78
C LEU B 4 -47.81 -4.13 -3.24
N GLY B 5 -47.86 -5.08 -2.30
CA GLY B 5 -48.22 -6.43 -2.66
C GLY B 5 -47.31 -7.50 -2.08
N LYS B 6 -47.93 -8.50 -1.47
CA LYS B 6 -47.21 -9.66 -1.02
C LYS B 6 -47.28 -10.67 -2.15
N THR B 7 -46.12 -11.04 -2.69
CA THR B 7 -46.07 -11.98 -3.80
C THR B 7 -45.19 -13.16 -3.42
N GLU B 8 -45.08 -14.14 -4.30
CA GLU B 8 -44.30 -15.33 -4.02
C GLU B 8 -43.25 -15.57 -5.09
N VAL B 9 -42.08 -16.09 -4.69
CA VAL B 9 -41.01 -16.34 -5.67
C VAL B 9 -40.35 -17.71 -5.51
N PHE B 10 -39.74 -18.18 -6.59
CA PHE B 10 -38.81 -19.31 -6.53
C PHE B 10 -37.39 -18.76 -6.34
N LEU B 11 -36.62 -19.42 -5.49
CA LEU B 11 -35.18 -19.21 -5.47
C LEU B 11 -34.59 -20.33 -6.32
N ASN B 12 -33.37 -20.16 -6.82
CA ASN B 12 -32.71 -21.23 -7.58
C ASN B 12 -32.19 -22.40 -6.74
N ARG B 13 -32.70 -22.50 -5.52
CA ARG B 13 -32.54 -23.68 -4.67
C ARG B 13 -33.58 -24.78 -4.89
N PHE B 14 -33.27 -26.00 -4.47
CA PHE B 14 -34.17 -27.13 -4.65
C PHE B 14 -34.03 -28.08 -3.48
N ALA B 15 -35.16 -28.48 -2.91
CA ALA B 15 -35.16 -29.43 -1.82
C ALA B 15 -35.01 -30.83 -2.41
N LEU B 16 -34.11 -31.62 -1.82
CA LEU B 16 -33.86 -32.98 -2.26
C LEU B 16 -33.97 -33.92 -1.07
N ARG B 17 -33.68 -35.21 -1.26
CA ARG B 17 -33.92 -36.21 -0.22
C ARG B 17 -33.44 -35.80 1.17
N PRO B 18 -34.12 -36.30 2.22
CA PRO B 18 -33.63 -36.16 3.58
C PRO B 18 -32.32 -36.93 3.76
N LEU B 19 -31.47 -36.46 4.66
CA LEU B 19 -30.26 -37.21 4.98
C LEU B 19 -30.68 -38.52 5.64
N ASN B 20 -30.01 -39.62 5.30
CA ASN B 20 -30.35 -40.88 5.92
C ASN B 20 -29.74 -40.90 7.31
N PRO B 21 -30.20 -41.83 8.18
CA PRO B 21 -29.68 -41.91 9.55
C PRO B 21 -28.16 -42.06 9.66
N GLU B 22 -27.49 -42.61 8.64
CA GLU B 22 -26.03 -42.68 8.69
C GLU B 22 -25.40 -41.31 8.53
N GLU B 23 -25.91 -40.52 7.59
CA GLU B 23 -25.37 -39.19 7.31
C GLU B 23 -25.57 -38.23 8.49
N LEU B 24 -26.60 -38.46 9.29
CA LEU B 24 -26.86 -37.61 10.45
C LEU B 24 -25.88 -37.90 11.58
N ARG B 25 -25.13 -38.99 11.46
CA ARG B 25 -24.14 -39.37 12.45
C ARG B 25 -22.75 -39.62 11.84
N PRO B 26 -22.09 -38.56 11.37
CA PRO B 26 -20.77 -38.77 10.75
C PRO B 26 -19.70 -39.26 11.73
N TRP B 27 -18.73 -40.00 11.19
CA TRP B 27 -17.58 -40.48 11.95
C TRP B 27 -16.66 -39.32 12.31
N ARG B 28 -16.22 -39.29 13.56
CA ARG B 28 -15.31 -38.25 14.01
C ARG B 28 -13.87 -38.79 14.05
N LEU B 29 -12.91 -37.96 13.68
CA LEU B 29 -11.51 -38.38 13.71
C LEU B 29 -10.60 -37.29 14.25
N GLU B 30 -9.66 -37.70 15.09
CA GLU B 30 -8.61 -36.81 15.57
C GLU B 30 -7.43 -36.85 14.59
N VAL B 31 -6.84 -35.69 14.35
CA VAL B 31 -5.75 -35.56 13.42
C VAL B 31 -4.43 -35.44 14.18
N VAL B 32 -3.47 -36.28 13.86
CA VAL B 32 -2.13 -36.15 14.45
C VAL B 32 -1.10 -35.89 13.36
N LEU B 33 -0.39 -34.77 13.49
CA LEU B 33 0.62 -34.35 12.52
C LEU B 33 2.00 -34.36 13.15
N ASP B 34 2.99 -34.79 12.38
CA ASP B 34 4.37 -34.82 12.84
C ASP B 34 5.28 -34.27 11.76
N PRO B 35 5.88 -33.10 12.00
CA PRO B 35 5.80 -32.30 13.24
C PRO B 35 4.48 -31.53 13.36
N PRO B 36 4.12 -31.12 14.59
CA PRO B 36 2.92 -30.28 14.71
C PRO B 36 3.06 -28.98 13.90
N PRO B 37 1.99 -28.56 13.21
CA PRO B 37 2.04 -27.36 12.37
C PRO B 37 2.17 -26.09 13.20
N GLY B 38 2.71 -25.02 12.61
CA GLY B 38 2.71 -23.72 13.26
C GLY B 38 1.32 -23.11 13.19
N ARG B 39 1.13 -21.99 13.88
CA ARG B 39 -0.17 -21.32 13.94
C ARG B 39 -0.68 -20.94 12.55
N GLU B 40 0.21 -20.50 11.69
CA GLU B 40 -0.19 -20.04 10.36
C GLU B 40 -0.61 -21.18 9.44
N GLU B 41 0.02 -22.35 9.63
CA GLU B 41 -0.14 -23.43 8.66
C GLU B 41 -1.13 -24.51 9.10
N VAL B 42 -1.79 -24.32 10.23
CA VAL B 42 -2.61 -25.40 10.80
C VAL B 42 -3.89 -25.64 9.99
N TYR B 43 -4.64 -24.58 9.69
CA TYR B 43 -5.91 -24.73 8.95
C TYR B 43 -5.75 -25.21 7.50
N PRO B 44 -4.84 -24.60 6.72
CA PRO B 44 -4.67 -25.20 5.39
C PRO B 44 -4.20 -26.66 5.44
N LEU B 45 -3.49 -27.03 6.50
CA LEU B 45 -2.97 -28.38 6.65
C LEU B 45 -4.11 -29.33 6.99
N LEU B 46 -4.98 -28.90 7.89
CA LEU B 46 -6.18 -29.64 8.28
C LEU B 46 -7.09 -29.85 7.08
N ALA B 47 -7.28 -28.80 6.29
CA ALA B 47 -8.10 -28.91 5.08
C ALA B 47 -7.47 -29.91 4.10
N GLN B 48 -6.15 -29.81 3.97
CA GLN B 48 -5.41 -30.70 3.07
C GLN B 48 -5.51 -32.16 3.52
N VAL B 49 -5.45 -32.41 4.83
CA VAL B 49 -5.56 -33.77 5.37
C VAL B 49 -7.01 -34.25 5.19
N ALA B 50 -7.95 -33.32 5.27
CA ALA B 50 -9.36 -33.65 5.08
C ALA B 50 -9.53 -34.21 3.69
N ARG B 51 -8.94 -33.50 2.73
CA ARG B 51 -8.87 -33.96 1.35
C ARG B 51 -8.17 -35.32 1.19
N ARG B 52 -7.01 -35.42 1.81
CA ARG B 52 -6.14 -36.58 1.66
C ARG B 52 -6.73 -37.85 2.25
N ALA B 53 -7.61 -37.70 3.25
CA ALA B 53 -8.24 -38.85 3.87
C ALA B 53 -9.00 -39.68 2.86
N GLY B 54 -9.50 -39.03 1.81
CA GLY B 54 -10.36 -39.68 0.84
C GLY B 54 -11.80 -39.61 1.31
N GLY B 55 -12.65 -40.45 0.73
CA GLY B 55 -14.06 -40.49 1.08
C GLY B 55 -14.74 -39.13 0.99
N VAL B 56 -15.72 -38.91 1.86
CA VAL B 56 -16.37 -37.62 1.98
C VAL B 56 -16.11 -37.14 3.39
N THR B 57 -15.02 -36.39 3.57
CA THR B 57 -14.69 -35.91 4.90
C THR B 57 -14.25 -34.45 4.82
N VAL B 58 -14.47 -33.73 5.92
CA VAL B 58 -14.18 -32.30 6.01
C VAL B 58 -13.62 -31.98 7.40
N ARG B 59 -13.10 -30.77 7.58
CA ARG B 59 -12.67 -30.37 8.91
C ARG B 59 -13.89 -30.15 9.79
N MET B 60 -13.84 -30.67 11.01
CA MET B 60 -14.82 -30.38 12.05
C MET B 60 -14.03 -30.00 13.31
N GLY B 61 -14.02 -28.71 13.64
CA GLY B 61 -13.23 -28.20 14.74
C GLY B 61 -11.75 -28.41 14.51
N ASP B 62 -11.07 -28.95 15.52
CA ASP B 62 -9.65 -29.29 15.41
C ASP B 62 -9.45 -30.66 14.79
N GLY B 63 -10.56 -31.30 14.42
CA GLY B 63 -10.51 -32.66 13.88
C GLY B 63 -11.23 -32.80 12.55
N LEU B 64 -11.78 -33.98 12.33
CA LEU B 64 -12.33 -34.35 11.04
C LEU B 64 -13.71 -35.01 11.20
N ALA B 65 -14.58 -34.82 10.22
CA ALA B 65 -15.86 -35.53 10.18
C ALA B 65 -15.99 -36.19 8.82
N SER B 66 -16.51 -37.42 8.80
CA SER B 66 -16.59 -38.20 7.55
C SER B 66 -17.90 -38.95 7.38
N TRP B 67 -18.31 -39.11 6.12
CA TRP B 67 -19.45 -39.96 5.79
C TRP B 67 -18.96 -41.32 5.31
N SER B 68 -17.66 -41.53 5.40
CA SER B 68 -17.06 -42.83 5.18
C SER B 68 -16.53 -43.37 6.50
N PRO B 69 -16.72 -44.66 6.76
CA PRO B 69 -16.09 -45.22 7.97
C PRO B 69 -14.57 -45.20 7.83
N PRO B 70 -13.85 -45.01 8.95
CA PRO B 70 -12.39 -44.83 8.88
C PRO B 70 -11.60 -45.97 8.21
N GLU B 71 -12.16 -47.16 8.12
CA GLU B 71 -11.44 -48.30 7.52
C GLU B 71 -11.31 -48.17 6.00
N VAL B 72 -12.13 -47.33 5.40
CA VAL B 72 -12.05 -47.01 3.97
C VAL B 72 -11.60 -45.57 3.73
N LEU B 73 -10.91 -45.00 4.72
CA LEU B 73 -10.24 -43.72 4.57
C LEU B 73 -8.74 -43.98 4.49
N VAL B 74 -7.97 -42.98 4.05
CA VAL B 74 -6.52 -43.10 4.03
C VAL B 74 -6.01 -42.50 5.34
N LEU B 75 -5.90 -43.34 6.37
CA LEU B 75 -5.69 -42.87 7.74
C LEU B 75 -4.27 -42.45 8.04
N GLU B 76 -3.32 -42.87 7.20
CA GLU B 76 -1.93 -42.52 7.41
C GLU B 76 -1.27 -42.12 6.10
N GLY B 77 -0.43 -41.09 6.16
CA GLY B 77 0.28 -40.70 4.96
C GLY B 77 1.16 -39.48 5.16
N THR B 78 1.47 -38.81 4.06
CA THR B 78 2.38 -37.68 4.09
C THR B 78 1.84 -36.49 3.30
N LEU B 79 2.00 -35.30 3.87
CA LEU B 79 1.56 -34.06 3.26
C LEU B 79 2.80 -33.23 2.96
N ALA B 80 2.78 -32.50 1.85
CA ALA B 80 3.83 -31.53 1.56
C ALA B 80 3.18 -30.16 1.45
N ARG B 81 3.72 -29.20 2.19
CA ARG B 81 3.23 -27.82 2.11
C ARG B 81 4.36 -26.83 2.37
N MET B 82 4.54 -25.88 1.45
CA MET B 82 5.59 -24.87 1.54
C MET B 82 6.94 -25.53 1.70
N GLY B 83 7.07 -26.72 1.09
CA GLY B 83 8.31 -27.46 1.14
C GLY B 83 8.58 -28.24 2.40
N GLN B 84 7.60 -28.27 3.30
CA GLN B 84 7.74 -29.06 4.52
C GLN B 84 6.91 -30.35 4.41
N THR B 85 7.50 -31.44 4.89
CA THR B 85 6.84 -32.74 4.86
C THR B 85 6.30 -33.10 6.24
N TYR B 86 4.99 -33.36 6.29
CA TYR B 86 4.32 -33.75 7.52
C TYR B 86 3.81 -35.20 7.44
N ALA B 87 4.07 -36.01 8.46
CA ALA B 87 3.41 -37.30 8.56
C ALA B 87 2.06 -37.08 9.23
N TYR B 88 1.01 -37.72 8.72
CA TYR B 88 -0.28 -37.63 9.36
C TYR B 88 -0.82 -39.02 9.71
N ARG B 89 -1.46 -39.11 10.87
CA ARG B 89 -2.27 -40.26 11.22
C ARG B 89 -3.63 -39.80 11.74
N LEU B 90 -4.68 -40.48 11.28
CA LEU B 90 -6.03 -40.14 11.70
C LEU B 90 -6.58 -41.21 12.63
N TYR B 91 -6.98 -40.79 13.82
CA TYR B 91 -7.50 -41.70 14.84
C TYR B 91 -9.02 -41.62 14.94
N PRO B 92 -9.71 -42.74 14.67
CA PRO B 92 -11.16 -42.80 14.79
C PRO B 92 -11.62 -42.51 16.22
N LYS B 93 -12.69 -41.74 16.38
CA LYS B 93 -13.20 -41.39 17.69
C LYS B 93 -14.70 -41.55 17.76
N GLY B 94 -15.20 -42.63 17.18
CA GLY B 94 -16.63 -42.90 17.19
C GLY B 94 -17.40 -42.01 16.22
N ARG B 95 -18.69 -41.87 16.49
CA ARG B 95 -19.58 -41.11 15.61
C ARG B 95 -20.37 -40.07 16.39
N ARG B 96 -20.50 -38.89 15.79
CA ARG B 96 -21.23 -37.79 16.42
C ARG B 96 -22.55 -37.50 15.72
N PRO B 97 -23.66 -37.54 16.48
CA PRO B 97 -24.97 -37.14 15.94
C PRO B 97 -25.00 -35.64 15.74
N LEU B 98 -25.44 -35.18 14.58
CA LEU B 98 -25.48 -33.75 14.32
C LEU B 98 -26.91 -33.30 14.14
N ASP B 99 -27.29 -32.25 14.87
CA ASP B 99 -28.63 -31.69 14.79
C ASP B 99 -28.70 -30.64 13.71
N PRO B 100 -29.51 -30.90 12.66
CA PRO B 100 -29.71 -29.87 11.62
C PRO B 100 -30.34 -28.61 12.21
N LYS B 101 -31.08 -28.76 13.31
CA LYS B 101 -31.69 -27.60 13.98
C LYS B 101 -30.60 -26.69 14.55
N ASP B 102 -29.50 -27.29 14.99
CA ASP B 102 -28.35 -26.53 15.48
C ASP B 102 -27.47 -26.08 14.32
N PRO B 103 -27.35 -24.76 14.13
CA PRO B 103 -26.66 -24.15 12.99
C PRO B 103 -25.16 -24.47 12.91
N GLY B 104 -24.53 -24.67 14.06
CA GLY B 104 -23.13 -25.01 14.10
C GLY B 104 -22.91 -26.38 13.48
N GLU B 105 -23.66 -27.35 13.96
CA GLU B 105 -23.56 -28.72 13.47
C GLU B 105 -24.06 -28.81 12.02
N ARG B 106 -25.09 -28.03 11.72
CA ARG B 106 -25.63 -27.98 10.38
C ARG B 106 -24.56 -27.48 9.42
N SER B 107 -23.66 -26.61 9.90
CA SER B 107 -22.54 -26.15 9.07
C SER B 107 -21.67 -27.33 8.62
N VAL B 108 -21.44 -28.26 9.55
CA VAL B 108 -20.64 -29.45 9.30
C VAL B 108 -21.34 -30.35 8.30
N LEU B 109 -22.63 -30.59 8.55
CA LEU B 109 -23.43 -31.37 7.61
C LEU B 109 -23.36 -30.76 6.19
N SER B 110 -23.40 -29.43 6.09
CA SER B 110 -23.39 -28.75 4.81
C SER B 110 -22.02 -28.84 4.11
N ALA B 111 -20.95 -28.74 4.88
CA ALA B 111 -19.62 -28.95 4.30
C ALA B 111 -19.51 -30.38 3.74
N LEU B 112 -20.03 -31.33 4.52
CA LEU B 112 -20.07 -32.72 4.08
C LEU B 112 -20.88 -32.83 2.78
N ALA B 113 -22.00 -32.10 2.71
CA ALA B 113 -22.85 -32.11 1.51
C ALA B 113 -22.10 -31.59 0.29
N ARG B 114 -21.42 -30.46 0.44
CA ARG B 114 -20.67 -29.88 -0.67
C ARG B 114 -19.61 -30.85 -1.16
N ARG B 115 -18.90 -31.45 -0.21
CA ARG B 115 -17.89 -32.46 -0.54
C ARG B 115 -18.49 -33.64 -1.30
N LEU B 116 -19.64 -34.11 -0.82
CA LEU B 116 -20.44 -35.15 -1.46
C LEU B 116 -20.69 -34.81 -2.92
N LEU B 117 -21.17 -33.59 -3.15
CA LEU B 117 -21.46 -33.13 -4.51
C LEU B 117 -20.22 -33.14 -5.38
N GLN B 118 -19.11 -32.57 -4.88
CA GLN B 118 -17.85 -32.60 -5.63
C GLN B 118 -17.50 -34.01 -6.07
N GLU B 119 -17.39 -34.88 -5.07
CA GLU B 119 -16.97 -36.26 -5.30
C GLU B 119 -17.90 -36.98 -6.26
N ARG B 120 -19.21 -36.80 -6.12
CA ARG B 120 -20.12 -37.52 -7.02
C ARG B 120 -20.09 -36.92 -8.42
N LEU B 121 -19.76 -35.63 -8.54
CA LEU B 121 -19.59 -35.00 -9.84
C LEU B 121 -18.36 -35.57 -10.53
N ARG B 122 -17.32 -35.84 -9.76
CA ARG B 122 -16.11 -36.46 -10.30
C ARG B 122 -16.37 -37.79 -10.98
N ARG B 123 -17.39 -38.49 -10.53
CA ARG B 123 -17.68 -39.83 -11.06
C ARG B 123 -18.60 -39.81 -12.27
N LEU B 124 -18.89 -38.62 -12.77
CA LEU B 124 -19.79 -38.51 -13.92
C LEU B 124 -19.00 -38.62 -15.21
N GLU B 125 -19.71 -38.94 -16.29
CA GLU B 125 -19.18 -38.96 -17.63
C GLU B 125 -20.37 -39.03 -18.57
N GLY B 126 -20.25 -38.44 -19.76
CA GLY B 126 -19.07 -37.69 -20.15
C GLY B 126 -19.42 -36.22 -20.14
N VAL B 127 -18.91 -35.52 -19.14
CA VAL B 127 -19.14 -34.09 -19.00
C VAL B 127 -17.83 -33.41 -18.58
N TRP B 128 -17.81 -32.09 -18.63
CA TRP B 128 -16.65 -31.33 -18.18
C TRP B 128 -16.91 -30.84 -16.76
N VAL B 129 -16.11 -31.31 -15.80
CA VAL B 129 -16.32 -30.94 -14.40
C VAL B 129 -15.18 -30.10 -13.84
N GLU B 130 -15.53 -28.98 -13.22
CA GLU B 130 -14.54 -28.13 -12.57
C GLU B 130 -15.02 -27.66 -11.20
N GLY B 131 -14.51 -28.29 -10.15
CA GLY B 131 -14.94 -27.97 -8.80
C GLY B 131 -16.41 -28.28 -8.64
N LEU B 132 -17.21 -27.24 -8.43
CA LEU B 132 -18.65 -27.43 -8.27
C LEU B 132 -19.42 -27.12 -9.55
N ALA B 133 -18.71 -26.88 -10.65
CA ALA B 133 -19.36 -26.58 -11.93
C ALA B 133 -19.36 -27.79 -12.86
N VAL B 134 -20.44 -27.92 -13.60
CA VAL B 134 -20.63 -29.02 -14.53
C VAL B 134 -21.11 -28.50 -15.86
N TYR B 135 -20.46 -28.91 -16.94
CA TYR B 135 -20.85 -28.45 -18.27
C TYR B 135 -21.28 -29.62 -19.12
N ARG B 136 -22.56 -29.61 -19.50
CA ARG B 136 -23.16 -30.73 -20.19
C ARG B 136 -23.07 -30.55 -21.70
N ARG B 137 -23.57 -29.42 -22.21
CA ARG B 137 -23.63 -29.27 -23.67
C ARG B 137 -22.50 -28.40 -24.23
N GLU B 138 -22.42 -28.35 -25.55
CA GLU B 138 -21.52 -27.45 -26.25
C GLU B 138 -22.32 -26.30 -26.83
N HIS B 139 -22.08 -25.10 -26.35
CA HIS B 139 -22.90 -23.94 -26.72
C HIS B 139 -22.56 -23.43 -28.11
N ALA B 140 -21.27 -23.27 -28.37
CA ALA B 140 -20.77 -22.84 -29.67
C ALA B 140 -19.37 -23.37 -29.91
N ARG B 141 -19.09 -23.79 -31.14
CA ARG B 141 -17.73 -24.17 -31.53
C ARG B 141 -17.03 -22.97 -32.15
N GLY B 142 -15.95 -23.24 -32.87
CA GLY B 142 -15.22 -22.21 -33.60
C GLY B 142 -13.88 -22.75 -34.04
N PRO B 143 -13.12 -21.97 -34.81
CA PRO B 143 -11.84 -22.44 -35.31
C PRO B 143 -11.02 -22.57 -34.02
N GLY B 144 -10.67 -23.79 -33.66
CA GLY B 144 -9.85 -24.04 -32.48
C GLY B 144 -10.34 -23.71 -31.07
N TRP B 145 -11.62 -23.36 -30.94
CA TRP B 145 -12.17 -23.02 -29.63
C TRP B 145 -13.63 -23.45 -29.47
N ARG B 146 -14.09 -23.56 -28.23
CA ARG B 146 -15.47 -23.92 -27.97
C ARG B 146 -15.99 -23.42 -26.63
N VAL B 147 -17.28 -23.12 -26.60
CA VAL B 147 -17.93 -22.68 -25.36
C VAL B 147 -18.89 -23.76 -24.87
N LEU B 148 -18.67 -24.22 -23.65
CA LEU B 148 -19.53 -25.23 -23.07
C LEU B 148 -20.60 -24.59 -22.19
N GLY B 149 -21.78 -25.19 -22.21
CA GLY B 149 -22.88 -24.75 -21.37
C GLY B 149 -23.16 -25.77 -20.28
N GLY B 150 -23.39 -25.26 -19.08
CA GLY B 150 -23.70 -26.08 -17.92
C GLY B 150 -24.19 -25.24 -16.76
N ALA B 151 -23.67 -25.51 -15.56
CA ALA B 151 -24.12 -24.81 -14.37
C ALA B 151 -23.12 -24.87 -13.23
N VAL B 152 -23.12 -23.82 -12.42
CA VAL B 152 -22.43 -23.79 -11.16
C VAL B 152 -23.38 -24.30 -10.09
N LEU B 153 -22.89 -25.21 -9.26
CA LEU B 153 -23.74 -25.92 -8.30
C LEU B 153 -23.27 -25.70 -6.88
N ASP B 154 -24.16 -25.95 -5.93
CA ASP B 154 -23.78 -26.00 -4.52
C ASP B 154 -24.74 -26.93 -3.81
N LEU B 155 -24.31 -27.49 -2.69
CA LEU B 155 -25.12 -28.45 -1.97
C LEU B 155 -24.95 -28.24 -0.46
N TRP B 156 -26.05 -28.02 0.24
CA TRP B 156 -25.93 -27.94 1.70
C TRP B 156 -27.14 -28.60 2.37
N VAL B 157 -27.30 -28.38 3.67
CA VAL B 157 -28.32 -29.08 4.44
C VAL B 157 -29.26 -28.09 5.12
N SER B 158 -30.56 -28.26 4.90
CA SER B 158 -31.55 -27.41 5.55
C SER B 158 -31.72 -27.78 7.03
N ASP B 159 -32.42 -26.94 7.78
CA ASP B 159 -32.58 -27.18 9.20
C ASP B 159 -33.61 -28.27 9.49
N SER B 160 -34.29 -28.75 8.44
CA SER B 160 -35.22 -29.88 8.59
C SER B 160 -34.50 -31.21 8.26
N GLY B 161 -33.25 -31.11 7.81
CA GLY B 161 -32.43 -32.28 7.60
C GLY B 161 -32.38 -32.82 6.17
N ALA B 162 -32.67 -31.96 5.20
CA ALA B 162 -32.71 -32.37 3.81
C ALA B 162 -31.62 -31.69 3.00
N PHE B 163 -31.25 -32.29 1.88
CA PHE B 163 -30.28 -31.66 1.00
C PHE B 163 -30.94 -30.48 0.27
N LEU B 164 -30.15 -29.45 0.03
CA LEU B 164 -30.56 -28.29 -0.75
C LEU B 164 -29.54 -28.07 -1.86
N LEU B 165 -30.03 -28.06 -3.10
CA LEU B 165 -29.19 -27.89 -4.30
C LEU B 165 -29.38 -26.49 -4.84
N GLU B 166 -28.29 -25.74 -4.96
CA GLU B 166 -28.31 -24.47 -5.65
C GLU B 166 -27.76 -24.69 -7.05
N VAL B 167 -28.44 -24.15 -8.05
CA VAL B 167 -28.08 -24.29 -9.46
C VAL B 167 -28.08 -22.94 -10.14
N ASP B 168 -27.04 -22.64 -10.91
CA ASP B 168 -27.10 -21.44 -11.74
C ASP B 168 -26.37 -21.69 -13.06
N PRO B 169 -27.13 -21.71 -14.16
CA PRO B 169 -26.59 -21.91 -15.51
C PRO B 169 -25.38 -21.02 -15.75
N ALA B 170 -24.37 -21.59 -16.39
CA ALA B 170 -23.12 -20.89 -16.64
C ALA B 170 -22.48 -21.42 -17.90
N TYR B 171 -21.67 -20.57 -18.54
CA TYR B 171 -20.90 -21.00 -19.68
C TYR B 171 -19.42 -20.95 -19.35
N ARG B 172 -18.64 -21.71 -20.11
CA ARG B 172 -17.20 -21.78 -19.92
C ARG B 172 -16.49 -21.75 -21.27
N ILE B 173 -15.44 -20.94 -21.37
CA ILE B 173 -14.73 -20.77 -22.64
C ILE B 173 -13.45 -21.59 -22.69
N LEU B 174 -13.34 -22.46 -23.69
CA LEU B 174 -12.17 -23.33 -23.81
C LEU B 174 -11.40 -23.13 -25.11
N CYS B 175 -10.09 -22.98 -24.96
CA CYS B 175 -9.15 -23.05 -26.08
C CYS B 175 -8.68 -24.48 -26.21
N GLU B 176 -8.55 -24.96 -27.43
CA GLU B 176 -8.08 -26.32 -27.67
C GLU B 176 -6.76 -26.33 -28.44
N MET B 177 -6.14 -25.16 -28.55
CA MET B 177 -4.92 -25.03 -29.34
C MET B 177 -3.82 -24.26 -28.62
N SER B 178 -2.59 -24.40 -29.11
CA SER B 178 -1.44 -23.70 -28.55
C SER B 178 -1.31 -22.30 -29.13
N LEU B 179 -0.51 -21.46 -28.49
CA LEU B 179 -0.23 -20.11 -28.99
C LEU B 179 0.28 -20.21 -30.43
N GLU B 180 1.07 -21.25 -30.68
CA GLU B 180 1.52 -21.59 -32.02
C GLU B 180 0.31 -21.76 -32.94
N ALA B 181 -0.46 -22.81 -32.67
CA ALA B 181 -1.64 -23.13 -33.46
C ALA B 181 -2.65 -21.98 -33.53
N TRP B 182 -2.81 -21.28 -32.42
CA TRP B 182 -3.75 -20.16 -32.36
C TRP B 182 -3.34 -19.06 -33.32
N LEU B 183 -2.06 -18.67 -33.26
CA LEU B 183 -1.56 -17.63 -34.16
C LEU B 183 -1.48 -18.18 -35.59
N ALA B 184 -1.52 -19.51 -35.71
CA ALA B 184 -1.54 -20.17 -37.02
C ALA B 184 -2.96 -20.22 -37.59
N GLN B 185 -3.85 -19.36 -37.10
CA GLN B 185 -5.22 -19.35 -37.55
C GLN B 185 -5.69 -17.96 -37.99
N GLY B 186 -4.81 -16.98 -37.87
CA GLY B 186 -5.16 -15.62 -38.22
C GLY B 186 -5.67 -14.83 -37.02
N HIS B 187 -5.96 -15.55 -35.93
CA HIS B 187 -6.37 -14.92 -34.68
C HIS B 187 -5.24 -14.01 -34.19
N PRO B 188 -5.57 -12.78 -33.78
CA PRO B 188 -4.52 -11.90 -33.26
C PRO B 188 -4.07 -12.31 -31.86
N LEU B 189 -3.06 -11.62 -31.33
CA LEU B 189 -2.42 -12.01 -30.08
C LEU B 189 -3.39 -11.88 -28.91
N PRO B 190 -3.54 -12.96 -28.12
CA PRO B 190 -4.31 -12.89 -26.87
C PRO B 190 -3.65 -11.98 -25.85
N LYS B 191 -4.46 -11.31 -25.03
CA LYS B 191 -3.92 -10.41 -24.02
C LYS B 191 -3.27 -11.19 -22.89
N ARG B 192 -3.69 -12.44 -22.71
CA ARG B 192 -3.14 -13.28 -21.67
C ARG B 192 -2.94 -14.71 -22.17
N VAL B 193 -1.92 -15.37 -21.63
CA VAL B 193 -1.57 -16.72 -22.03
C VAL B 193 -1.18 -17.53 -20.79
N ARG B 194 -1.42 -18.84 -20.83
CA ARG B 194 -1.11 -19.74 -19.73
C ARG B 194 0.00 -20.71 -20.16
N ASN B 195 0.81 -21.19 -19.22
CA ASN B 195 1.76 -22.26 -19.54
C ASN B 195 1.02 -23.53 -19.95
N ALA B 196 1.66 -24.36 -20.77
CA ALA B 196 1.06 -25.63 -21.16
C ALA B 196 1.27 -26.69 -20.09
N TYR B 197 2.33 -26.53 -19.30
CA TYR B 197 2.77 -27.55 -18.36
C TYR B 197 2.23 -27.33 -16.95
N ASP B 198 1.71 -26.14 -16.69
CA ASP B 198 1.04 -25.86 -15.42
C ASP B 198 0.06 -24.69 -15.53
N ARG B 199 -0.40 -24.19 -14.39
CA ARG B 199 -1.52 -23.26 -14.35
C ARG B 199 -1.12 -21.78 -14.29
N ARG B 200 0.17 -21.50 -14.18
CA ARG B 200 0.62 -20.11 -14.11
C ARG B 200 0.39 -19.41 -15.44
N THR B 201 -0.12 -18.17 -15.39
CA THR B 201 -0.43 -17.43 -16.60
C THR B 201 0.52 -16.24 -16.84
N TRP B 202 0.55 -15.76 -18.08
CA TRP B 202 1.41 -14.65 -18.46
C TRP B 202 0.66 -13.59 -19.26
N GLU B 203 1.33 -12.46 -19.48
CA GLU B 203 0.79 -11.38 -20.27
C GLU B 203 1.55 -11.29 -21.59
N LEU B 204 0.89 -11.61 -22.69
CA LEU B 204 1.57 -11.64 -23.98
C LEU B 204 1.85 -10.23 -24.51
N LEU B 205 3.12 -9.96 -24.80
CA LEU B 205 3.53 -8.66 -25.31
C LEU B 205 3.92 -8.57 -26.79
N ARG B 206 4.68 -9.54 -27.27
CA ARG B 206 5.03 -9.60 -28.69
C ARG B 206 5.77 -10.88 -29.07
N LEU B 207 5.85 -11.14 -30.37
CA LEU B 207 6.64 -12.25 -30.90
C LEU B 207 8.03 -11.77 -31.33
N GLY B 208 9.02 -12.65 -31.23
CA GLY B 208 10.37 -12.34 -31.69
C GLY B 208 10.78 -13.19 -32.87
N GLU B 209 11.68 -12.65 -33.69
CA GLU B 209 12.23 -13.37 -34.85
C GLU B 209 13.46 -14.14 -34.40
N GLU B 210 13.74 -14.02 -33.10
CA GLU B 210 14.97 -14.57 -32.51
C GLU B 210 14.91 -16.09 -32.42
N ASP B 211 16.06 -16.69 -32.12
CA ASP B 211 16.19 -18.13 -32.01
C ASP B 211 16.14 -18.56 -30.54
N PRO B 212 15.24 -19.51 -30.20
CA PRO B 212 15.12 -20.01 -28.83
C PRO B 212 16.36 -20.78 -28.38
N LYS B 213 17.10 -21.35 -29.33
CA LYS B 213 18.32 -22.11 -29.06
C LYS B 213 19.53 -21.19 -28.90
N GLU B 214 19.31 -19.88 -29.02
CA GLU B 214 20.39 -18.91 -28.96
C GLU B 214 20.15 -17.85 -27.88
N LEU B 215 18.95 -17.88 -27.29
CA LEU B 215 18.54 -16.88 -26.29
C LEU B 215 19.12 -17.20 -24.91
N PRO B 216 20.02 -16.35 -24.41
CA PRO B 216 20.62 -16.61 -23.10
C PRO B 216 19.62 -16.52 -21.95
N GLY B 219 20.98 -17.45 -16.71
CA GLY B 219 21.61 -18.50 -15.94
C GLY B 219 22.62 -19.35 -16.72
N GLY B 220 22.77 -19.06 -18.00
CA GLY B 220 23.75 -19.77 -18.81
C GLY B 220 23.11 -20.60 -19.90
N LEU B 221 21.95 -21.20 -19.58
CA LEU B 221 21.22 -22.01 -20.55
C LEU B 221 20.55 -21.14 -21.62
N SER B 222 20.19 -21.75 -22.74
CA SER B 222 19.33 -21.08 -23.70
C SER B 222 17.89 -21.36 -23.30
N LEU B 223 16.95 -20.68 -23.95
CA LEU B 223 15.52 -20.90 -23.70
C LEU B 223 15.14 -22.37 -23.93
N LEU B 224 15.53 -22.83 -25.12
CA LEU B 224 15.10 -24.11 -25.66
C LEU B 224 15.53 -25.30 -24.80
N ASP B 225 16.79 -25.33 -24.39
CA ASP B 225 17.29 -26.45 -23.61
C ASP B 225 16.95 -26.27 -22.12
N TYR B 226 16.62 -25.04 -21.72
CA TYR B 226 16.08 -24.84 -20.38
C TYR B 226 14.75 -25.55 -20.30
N HIS B 227 13.87 -25.30 -21.28
CA HIS B 227 12.58 -25.97 -21.27
C HIS B 227 12.70 -27.45 -21.60
N ALA B 228 13.75 -27.82 -22.31
CA ALA B 228 14.02 -29.21 -22.64
C ALA B 228 14.41 -29.97 -21.38
N SER B 229 15.16 -29.32 -20.51
CA SER B 229 15.72 -29.96 -19.32
C SER B 229 14.65 -30.42 -18.34
N LYS B 230 13.43 -29.88 -18.44
CA LYS B 230 12.37 -30.28 -17.52
C LYS B 230 11.34 -31.22 -18.15
N GLY B 231 11.61 -31.67 -19.38
CA GLY B 231 10.74 -32.66 -20.00
C GLY B 231 9.46 -32.06 -20.57
N ARG B 232 9.49 -30.76 -20.81
CA ARG B 232 8.32 -30.05 -21.32
C ARG B 232 8.18 -30.17 -22.83
N LEU B 233 9.27 -30.56 -23.50
CA LEU B 233 9.28 -30.67 -24.95
C LEU B 233 8.94 -32.10 -25.40
N GLN B 234 8.59 -32.95 -24.44
CA GLN B 234 8.18 -34.31 -24.74
C GLN B 234 6.67 -34.38 -25.04
N GLY B 235 6.32 -34.32 -26.32
CA GLY B 235 4.92 -34.39 -26.72
C GLY B 235 4.45 -33.20 -27.51
N ARG B 236 5.32 -32.21 -27.67
CA ARG B 236 5.01 -31.04 -28.48
C ARG B 236 6.26 -30.39 -29.04
N GLU B 237 6.07 -29.25 -29.71
CA GLU B 237 7.16 -28.55 -30.37
C GLU B 237 7.42 -27.21 -29.68
N GLY B 238 8.62 -26.67 -29.86
CA GLY B 238 9.03 -25.47 -29.17
C GLY B 238 8.36 -24.20 -29.67
N GLY B 239 8.46 -23.96 -30.96
CA GLY B 239 7.89 -22.76 -31.56
C GLY B 239 8.81 -21.56 -31.46
N ARG B 240 8.22 -20.37 -31.41
CA ARG B 240 8.98 -19.13 -31.49
C ARG B 240 9.24 -18.49 -30.12
N VAL B 241 9.86 -17.32 -30.17
CA VAL B 241 10.16 -16.55 -28.96
C VAL B 241 8.98 -15.63 -28.68
N ALA B 242 8.16 -16.01 -27.70
CA ALA B 242 7.08 -15.14 -27.27
C ALA B 242 7.60 -14.31 -26.11
N TRP B 243 7.43 -13.00 -26.21
CA TRP B 243 7.84 -12.12 -25.12
C TRP B 243 6.66 -11.86 -24.20
N VAL B 244 6.70 -12.46 -23.01
CA VAL B 244 5.63 -12.32 -22.04
C VAL B 244 6.06 -11.39 -20.90
N ALA B 245 5.13 -11.08 -20.01
CA ALA B 245 5.40 -10.11 -18.95
C ALA B 245 5.26 -10.70 -17.55
N ASP B 246 6.09 -10.20 -16.64
CA ASP B 246 6.08 -10.65 -15.24
C ASP B 246 4.81 -10.21 -14.50
N PRO B 247 4.45 -10.98 -13.48
CA PRO B 247 3.32 -10.63 -12.64
C PRO B 247 3.78 -9.83 -11.43
N LYS B 252 10.15 -5.66 -17.08
CA LYS B 252 11.02 -6.75 -17.50
C LYS B 252 10.30 -7.70 -18.46
N PRO B 253 10.54 -7.52 -19.77
CA PRO B 253 10.01 -8.48 -20.75
C PRO B 253 10.75 -9.81 -20.64
N ILE B 254 10.04 -10.92 -20.83
CA ILE B 254 10.60 -12.26 -20.60
C ILE B 254 10.40 -13.18 -21.79
N PRO B 255 11.46 -13.91 -22.19
CA PRO B 255 11.37 -14.88 -23.28
C PRO B 255 10.56 -16.12 -22.91
N HIS B 256 9.93 -16.73 -23.91
CA HIS B 256 9.14 -17.95 -23.74
C HIS B 256 8.96 -18.62 -25.09
N LEU B 257 8.39 -19.82 -25.08
CA LEU B 257 8.13 -20.56 -26.30
C LEU B 257 6.62 -20.56 -26.59
N THR B 258 6.27 -20.32 -27.85
CA THR B 258 4.87 -20.29 -28.25
C THR B 258 4.25 -21.70 -28.25
N GLY B 259 5.10 -22.71 -28.28
CA GLY B 259 4.64 -24.08 -28.32
C GLY B 259 4.29 -24.62 -26.95
N LEU B 260 4.80 -23.98 -25.91
CA LEU B 260 4.55 -24.40 -24.54
C LEU B 260 3.52 -23.49 -23.88
N LEU B 261 2.80 -22.75 -24.71
CA LEU B 261 1.83 -21.79 -24.23
C LEU B 261 0.46 -22.03 -24.82
N VAL B 262 -0.57 -21.91 -23.98
CA VAL B 262 -1.96 -21.99 -24.41
C VAL B 262 -2.68 -20.73 -23.99
N PRO B 263 -3.21 -19.97 -24.97
CA PRO B 263 -3.89 -18.70 -24.71
C PRO B 263 -5.10 -18.85 -23.80
N VAL B 264 -5.34 -17.86 -22.94
CA VAL B 264 -6.59 -17.82 -22.17
C VAL B 264 -7.57 -16.95 -22.92
N LEU B 265 -8.68 -17.55 -23.38
CA LEU B 265 -9.60 -16.84 -24.25
C LEU B 265 -10.63 -16.03 -23.48
N THR B 266 -10.77 -14.76 -23.87
CA THR B 266 -11.81 -13.90 -23.35
C THR B 266 -12.81 -13.61 -24.46
N LEU B 267 -13.82 -12.79 -24.15
CA LEU B 267 -14.77 -12.37 -25.16
C LEU B 267 -14.09 -11.55 -26.24
N GLU B 268 -13.07 -10.79 -25.84
CA GLU B 268 -12.29 -9.96 -26.77
C GLU B 268 -11.54 -10.83 -27.78
N ASP B 269 -11.20 -12.05 -27.38
CA ASP B 269 -10.46 -12.97 -28.26
C ASP B 269 -11.37 -13.67 -29.27
N LEU B 270 -12.68 -13.51 -29.13
CA LEU B 270 -13.65 -14.14 -30.02
C LEU B 270 -14.63 -13.13 -30.62
N HIS B 271 -14.49 -11.87 -30.23
CA HIS B 271 -15.43 -10.82 -30.62
C HIS B 271 -15.45 -10.57 -32.12
N GLU B 272 -14.33 -10.85 -32.79
CA GLU B 272 -14.19 -10.59 -34.22
C GLU B 272 -14.71 -11.75 -35.09
N GLU B 273 -15.64 -12.53 -34.55
CA GLU B 273 -16.33 -13.57 -35.32
C GLU B 273 -17.83 -13.53 -35.03
N GLU B 274 -18.24 -12.45 -34.35
CA GLU B 274 -19.61 -12.28 -33.85
C GLU B 274 -20.70 -12.57 -34.88
N LEU B 277 -22.55 -13.92 -30.37
CA LEU B 277 -22.30 -14.84 -29.26
C LEU B 277 -22.75 -14.22 -27.92
N ALA B 278 -24.01 -14.44 -27.57
CA ALA B 278 -24.59 -13.87 -26.36
C ALA B 278 -24.65 -14.90 -25.23
N LEU B 279 -23.98 -14.60 -24.13
CA LEU B 279 -23.86 -15.57 -23.05
C LEU B 279 -24.77 -15.23 -21.88
N SER B 280 -25.51 -14.13 -22.00
CA SER B 280 -26.53 -13.80 -21.00
C SER B 280 -27.88 -14.42 -21.40
N LEU B 281 -28.60 -14.95 -20.41
CA LEU B 281 -29.87 -15.60 -20.67
C LEU B 281 -31.04 -14.72 -20.26
N PRO B 282 -32.11 -14.73 -21.06
CA PRO B 282 -33.36 -14.12 -20.58
C PRO B 282 -33.87 -14.96 -19.42
N TRP B 283 -34.52 -14.35 -18.43
CA TRP B 283 -34.73 -15.03 -17.16
C TRP B 283 -35.64 -16.26 -17.31
N GLU B 284 -36.55 -16.25 -18.29
CA GLU B 284 -37.40 -17.42 -18.56
C GLU B 284 -36.57 -18.66 -18.91
N GLU B 285 -35.64 -18.46 -19.83
CA GLU B 285 -34.73 -19.51 -20.28
C GLU B 285 -33.80 -19.96 -19.15
N ARG B 286 -33.29 -19.00 -18.38
CA ARG B 286 -32.40 -19.34 -17.28
C ARG B 286 -33.14 -20.18 -16.23
N ARG B 287 -34.40 -19.83 -15.96
CA ARG B 287 -35.24 -20.61 -15.07
C ARG B 287 -35.45 -22.03 -15.58
N ARG B 288 -35.80 -22.14 -16.86
CA ARG B 288 -36.03 -23.44 -17.47
C ARG B 288 -34.78 -24.34 -17.35
N ARG B 289 -33.63 -23.78 -17.75
CA ARG B 289 -32.37 -24.52 -17.64
C ARG B 289 -32.05 -24.90 -16.20
N THR B 290 -32.32 -23.99 -15.27
CA THR B 290 -32.11 -24.27 -13.85
C THR B 290 -32.92 -25.50 -13.43
N ARG B 291 -34.19 -25.54 -13.84
CA ARG B 291 -35.03 -26.69 -13.52
C ARG B 291 -34.49 -27.99 -14.12
N GLU B 292 -34.20 -27.96 -15.42
CA GLU B 292 -33.70 -29.15 -16.13
C GLU B 292 -32.46 -29.71 -15.43
N ILE B 293 -31.50 -28.83 -15.18
CA ILE B 293 -30.24 -29.22 -14.58
C ILE B 293 -30.45 -29.72 -13.13
N ALA B 294 -31.37 -29.09 -12.41
CA ALA B 294 -31.69 -29.55 -11.05
C ALA B 294 -32.20 -31.01 -11.09
N SER B 295 -33.13 -31.31 -11.99
CA SER B 295 -33.66 -32.67 -12.09
C SER B 295 -32.57 -33.68 -12.52
N TRP B 296 -31.77 -33.27 -13.50
CA TRP B 296 -30.64 -34.07 -13.97
C TRP B 296 -29.71 -34.48 -12.85
N ILE B 297 -29.17 -33.46 -12.17
CA ILE B 297 -28.27 -33.63 -11.04
C ILE B 297 -28.93 -34.52 -10.01
N GLY B 298 -30.21 -34.28 -9.80
CA GLY B 298 -30.93 -35.00 -8.77
C GLY B 298 -31.01 -36.50 -9.03
N ARG B 299 -31.28 -36.90 -10.27
CA ARG B 299 -31.40 -38.34 -10.53
C ARG B 299 -30.02 -38.98 -10.72
N ARG B 300 -29.07 -38.24 -11.29
CA ARG B 300 -27.73 -38.78 -11.51
C ARG B 300 -26.97 -39.06 -10.22
N LEU B 301 -27.23 -38.24 -9.19
CA LEU B 301 -26.49 -38.33 -7.94
C LEU B 301 -27.23 -39.15 -6.89
N GLY B 302 -28.41 -39.62 -7.25
CA GLY B 302 -29.24 -40.44 -6.36
C GLY B 302 -29.76 -39.67 -5.17
N LEU B 303 -30.17 -38.43 -5.40
CA LEU B 303 -30.64 -37.57 -4.32
C LEU B 303 -32.13 -37.26 -4.39
N GLY B 304 -32.85 -37.91 -5.30
CA GLY B 304 -34.29 -37.77 -5.34
C GLY B 304 -34.76 -36.71 -6.33
N THR B 305 -36.06 -36.45 -6.33
CA THR B 305 -36.67 -35.46 -7.22
C THR B 305 -36.65 -34.08 -6.57
N PRO B 306 -36.19 -33.06 -7.31
CA PRO B 306 -36.05 -31.68 -6.79
C PRO B 306 -37.37 -30.96 -6.61
N GLU B 307 -37.56 -30.34 -5.45
CA GLU B 307 -38.75 -29.53 -5.21
C GLU B 307 -38.33 -28.06 -5.07
N ALA B 308 -38.72 -27.23 -6.03
CA ALA B 308 -38.28 -25.83 -6.05
C ALA B 308 -38.70 -25.11 -4.78
N VAL B 309 -37.78 -24.37 -4.16
CA VAL B 309 -38.14 -23.71 -2.93
C VAL B 309 -38.78 -22.36 -3.22
N ARG B 310 -39.76 -22.01 -2.41
CA ARG B 310 -40.53 -20.80 -2.55
C ARG B 310 -40.20 -19.88 -1.38
N ALA B 311 -40.33 -18.59 -1.60
CA ALA B 311 -40.09 -17.61 -0.57
C ALA B 311 -41.08 -16.48 -0.70
N GLN B 312 -41.48 -15.90 0.43
CA GLN B 312 -42.37 -14.74 0.43
C GLN B 312 -41.60 -13.49 0.04
N ALA B 313 -42.08 -12.80 -0.99
CA ALA B 313 -41.48 -11.56 -1.46
C ALA B 313 -42.47 -10.39 -1.33
N TYR B 314 -41.97 -9.17 -1.34
CA TYR B 314 -42.79 -7.98 -1.20
C TYR B 314 -42.40 -6.93 -2.21
N ARG B 315 -43.40 -6.39 -2.91
CA ARG B 315 -43.15 -5.31 -3.84
C ARG B 315 -43.01 -4.00 -3.05
N LEU B 316 -41.88 -3.34 -3.20
CA LEU B 316 -41.63 -2.10 -2.48
C LEU B 316 -42.31 -0.94 -3.19
N SER B 317 -42.59 0.13 -2.45
CA SER B 317 -43.19 1.31 -3.07
C SER B 317 -42.22 1.87 -4.10
N ILE B 318 -42.78 2.42 -5.17
CA ILE B 318 -42.02 3.05 -6.24
C ILE B 318 -41.38 4.35 -5.79
N PRO B 319 -40.07 4.50 -6.04
CA PRO B 319 -39.38 5.72 -5.64
C PRO B 319 -39.86 6.92 -6.45
N LYS B 320 -40.04 8.03 -5.77
CA LYS B 320 -40.45 9.26 -6.42
C LYS B 320 -39.24 10.10 -6.75
N LEU B 321 -38.79 10.03 -8.00
CA LEU B 321 -37.70 10.84 -8.52
C LEU B 321 -38.09 12.25 -8.93
N MET B 322 -37.31 13.22 -8.48
CA MET B 322 -37.53 14.64 -8.76
C MET B 322 -36.32 15.37 -9.31
N GLY B 323 -36.53 16.07 -10.41
CA GLY B 323 -35.66 17.16 -10.80
C GLY B 323 -36.35 18.39 -10.23
N ARG B 324 -36.50 19.44 -11.04
CA ARG B 324 -37.32 20.58 -10.65
C ARG B 324 -38.77 20.12 -10.40
N ARG B 325 -39.22 19.15 -11.19
CA ARG B 325 -40.44 18.42 -10.86
C ARG B 325 -40.26 16.94 -11.16
N ALA B 326 -41.36 16.20 -11.10
CA ALA B 326 -41.30 14.73 -11.20
C ALA B 326 -40.70 14.25 -12.51
N VAL B 327 -39.77 13.32 -12.42
CA VAL B 327 -39.16 12.73 -13.60
C VAL B 327 -39.22 11.23 -13.51
N SER B 328 -39.08 10.55 -14.63
CA SER B 328 -39.07 9.10 -14.60
C SER B 328 -37.62 8.60 -14.72
N LYS B 329 -36.74 9.50 -15.11
CA LYS B 329 -35.31 9.20 -15.31
C LYS B 329 -34.51 10.49 -15.21
N PRO B 330 -33.24 10.41 -14.77
CA PRO B 330 -32.43 11.63 -14.59
C PRO B 330 -32.29 12.48 -15.85
N ALA B 331 -32.29 11.85 -17.02
CA ALA B 331 -32.16 12.61 -18.26
C ALA B 331 -33.30 13.60 -18.44
N ASP B 332 -34.49 13.28 -17.90
CA ASP B 332 -35.64 14.19 -18.02
C ASP B 332 -35.38 15.55 -17.35
N ALA B 333 -34.44 15.61 -16.42
CA ALA B 333 -34.11 16.86 -15.74
C ALA B 333 -33.53 17.91 -16.70
N LEU B 334 -33.04 17.47 -17.85
CA LEU B 334 -32.55 18.38 -18.87
C LEU B 334 -33.67 19.19 -19.51
N ARG B 335 -34.86 18.59 -19.60
CA ARG B 335 -36.03 19.32 -20.12
C ARG B 335 -36.90 19.93 -19.02
N VAL B 336 -36.93 19.28 -17.87
CA VAL B 336 -37.88 19.65 -16.83
C VAL B 336 -37.24 20.62 -15.83
N GLY B 337 -35.92 20.55 -15.70
CA GLY B 337 -35.20 21.38 -14.76
C GLY B 337 -34.55 20.55 -13.68
N PHE B 338 -33.51 21.08 -13.05
CA PHE B 338 -32.78 20.37 -12.02
C PHE B 338 -33.39 20.52 -10.63
N TYR B 339 -33.05 19.62 -9.73
CA TYR B 339 -33.54 19.72 -8.36
C TYR B 339 -32.98 20.96 -7.66
N ARG B 340 -31.70 21.23 -7.87
CA ARG B 340 -31.11 22.47 -7.39
C ARG B 340 -29.96 22.91 -8.29
N ALA B 341 -30.11 24.09 -8.87
CA ALA B 341 -29.10 24.62 -9.76
C ALA B 341 -28.66 25.99 -9.26
N GLN B 342 -27.36 26.22 -9.23
CA GLN B 342 -26.82 27.52 -8.85
C GLN B 342 -26.31 28.20 -10.11
N GLU B 343 -25.75 29.40 -9.98
CA GLU B 343 -25.09 30.01 -11.12
C GLU B 343 -23.85 29.19 -11.45
N THR B 344 -23.76 28.67 -12.67
CA THR B 344 -22.62 27.81 -12.98
C THR B 344 -21.88 28.26 -14.24
N ALA B 345 -20.60 27.89 -14.29
CA ALA B 345 -19.75 28.20 -15.44
C ALA B 345 -19.06 26.92 -15.92
N LEU B 346 -19.21 26.65 -17.21
CA LEU B 346 -18.63 25.47 -17.83
C LEU B 346 -17.62 25.89 -18.89
N ALA B 347 -16.54 25.14 -19.06
CA ALA B 347 -15.61 25.48 -20.14
C ALA B 347 -15.53 24.37 -21.16
N LEU B 348 -15.19 24.72 -22.40
CA LEU B 348 -15.00 23.72 -23.45
C LEU B 348 -13.53 23.58 -23.86
N LEU B 349 -13.06 22.34 -23.89
CA LEU B 349 -11.72 22.04 -24.38
C LEU B 349 -11.82 21.08 -25.55
N ARG B 350 -11.47 21.58 -26.72
CA ARG B 350 -11.50 20.81 -27.94
C ARG B 350 -10.11 20.36 -28.33
N LEU B 351 -9.93 19.05 -28.52
CA LEU B 351 -8.64 18.51 -28.93
C LEU B 351 -8.69 18.01 -30.37
N ASP B 352 -9.78 18.33 -31.06
CA ASP B 352 -10.00 17.89 -32.44
C ASP B 352 -9.83 19.03 -33.44
N GLY B 353 -9.36 20.17 -32.98
CA GLY B 353 -9.06 21.28 -33.87
C GLY B 353 -10.23 22.12 -34.31
N ALA B 354 -11.42 21.85 -33.77
CA ALA B 354 -12.61 22.58 -34.15
C ALA B 354 -12.89 23.73 -33.17
N GLN B 355 -13.88 24.57 -33.47
CA GLN B 355 -14.08 25.79 -32.72
C GLN B 355 -15.43 25.85 -32.05
N GLY B 356 -15.46 26.23 -30.77
CA GLY B 356 -16.72 26.55 -30.12
C GLY B 356 -17.63 25.39 -29.77
N TRP B 357 -18.65 25.72 -28.98
CA TRP B 357 -19.64 24.73 -28.56
C TRP B 357 -20.48 24.25 -29.72
N PRO B 358 -20.60 22.93 -29.90
CA PRO B 358 -21.58 22.37 -30.83
C PRO B 358 -22.96 22.92 -30.48
N GLU B 359 -23.70 23.40 -31.48
CA GLU B 359 -24.89 24.19 -31.21
C GLU B 359 -25.95 23.43 -30.42
N PHE B 360 -26.10 22.14 -30.69
CA PHE B 360 -27.14 21.38 -29.98
C PHE B 360 -26.78 21.16 -28.52
N LEU B 361 -25.49 21.09 -28.21
CA LEU B 361 -25.08 21.02 -26.82
C LEU B 361 -25.41 22.32 -26.09
N ARG B 362 -25.04 23.44 -26.72
CA ARG B 362 -25.35 24.76 -26.19
C ARG B 362 -26.83 24.93 -25.91
N ARG B 363 -27.65 24.55 -26.89
CA ARG B 363 -29.10 24.66 -26.77
C ARG B 363 -29.64 23.76 -25.65
N ALA B 364 -29.17 22.52 -25.57
CA ALA B 364 -29.65 21.63 -24.50
C ALA B 364 -29.32 22.21 -23.12
N LEU B 365 -28.08 22.68 -22.96
CA LEU B 365 -27.67 23.29 -21.70
C LEU B 365 -28.50 24.54 -21.35
N LEU B 366 -28.67 25.43 -22.33
CA LEU B 366 -29.46 26.65 -22.15
C LEU B 366 -30.92 26.33 -21.77
N ARG B 367 -31.51 25.32 -22.42
CA ARG B 367 -32.86 24.85 -22.07
C ARG B 367 -32.90 24.36 -20.63
N ALA B 368 -31.96 23.49 -20.27
CA ALA B 368 -31.92 22.96 -18.91
C ALA B 368 -31.82 24.06 -17.84
N PHE B 369 -30.92 25.01 -18.06
CA PHE B 369 -30.72 26.07 -17.06
C PHE B 369 -31.88 27.05 -17.05
N GLY B 370 -32.49 27.28 -18.22
CA GLY B 370 -33.65 28.14 -18.30
C GLY B 370 -34.81 27.55 -17.52
N ALA B 371 -35.01 26.25 -17.71
CA ALA B 371 -36.07 25.53 -17.01
C ALA B 371 -35.76 25.48 -15.52
N SER B 372 -34.47 25.54 -15.18
CA SER B 372 -34.09 25.54 -13.77
C SER B 372 -34.14 26.94 -13.14
N GLY B 373 -34.27 27.97 -13.97
CA GLY B 373 -34.21 29.34 -13.46
C GLY B 373 -32.84 29.68 -12.89
N ALA B 374 -31.78 29.15 -13.51
CA ALA B 374 -30.41 29.44 -13.11
C ALA B 374 -29.64 29.99 -14.31
N SER B 375 -28.67 30.86 -14.04
CA SER B 375 -27.89 31.44 -15.12
C SER B 375 -26.70 30.55 -15.44
N LEU B 376 -26.30 30.55 -16.72
CA LEU B 376 -25.23 29.70 -17.22
C LEU B 376 -24.18 30.50 -17.98
N ARG B 377 -22.90 30.26 -17.67
CA ARG B 377 -21.82 30.89 -18.43
C ARG B 377 -21.03 29.81 -19.17
N LEU B 378 -20.87 29.98 -20.49
CA LEU B 378 -20.11 29.02 -21.29
C LEU B 378 -18.80 29.63 -21.80
N HIS B 379 -17.69 29.18 -21.22
CA HIS B 379 -16.34 29.58 -21.61
C HIS B 379 -15.75 28.61 -22.64
N THR B 380 -14.69 29.06 -23.30
CA THR B 380 -13.92 28.17 -24.17
C THR B 380 -12.43 28.32 -23.86
N LEU B 381 -11.79 27.20 -23.56
CA LEU B 381 -10.36 27.16 -23.33
C LEU B 381 -9.61 27.18 -24.66
N HIS B 382 -9.01 28.33 -24.98
CA HIS B 382 -8.20 28.45 -26.18
C HIS B 382 -6.77 28.10 -25.87
N ALA B 383 -6.56 26.84 -25.51
CA ALA B 383 -5.26 26.33 -25.13
C ALA B 383 -5.23 24.85 -25.44
N HIS B 384 -4.04 24.27 -25.46
CA HIS B 384 -3.89 22.87 -25.83
C HIS B 384 -2.78 22.25 -25.01
N PRO B 385 -2.94 20.98 -24.62
CA PRO B 385 -1.94 20.28 -23.80
C PRO B 385 -0.51 20.31 -24.36
N SER B 386 -0.37 20.34 -25.68
CA SER B 386 0.96 20.34 -26.29
C SER B 386 1.77 21.61 -25.99
N GLN B 387 1.12 22.62 -25.41
CA GLN B 387 1.80 23.87 -25.06
C GLN B 387 2.70 23.74 -23.83
N GLY B 388 2.53 22.65 -23.09
CA GLY B 388 3.27 22.44 -21.86
C GLY B 388 2.64 23.18 -20.70
N LEU B 389 3.46 23.77 -19.84
CA LEU B 389 2.99 24.46 -18.64
C LEU B 389 2.06 25.64 -18.95
N ALA B 390 2.23 26.20 -20.15
CA ALA B 390 1.39 27.31 -20.60
C ALA B 390 -0.07 26.88 -20.52
N PHE B 391 -0.31 25.60 -20.84
CA PHE B 391 -1.65 25.03 -20.77
C PHE B 391 -2.21 25.10 -19.34
N ARG B 392 -1.38 24.72 -18.36
CA ARG B 392 -1.80 24.76 -16.97
C ARG B 392 -2.10 26.19 -16.55
N GLU B 393 -1.33 27.13 -17.08
CA GLU B 393 -1.58 28.54 -16.78
C GLU B 393 -2.97 28.95 -17.29
N ALA B 394 -3.29 28.49 -18.50
CA ALA B 394 -4.63 28.74 -19.02
C ALA B 394 -5.70 28.16 -18.08
N LEU B 395 -5.49 26.91 -17.63
CA LEU B 395 -6.43 26.29 -16.69
C LEU B 395 -6.63 27.13 -15.43
N ARG B 396 -5.51 27.57 -14.86
CA ARG B 396 -5.55 28.41 -13.67
C ARG B 396 -6.38 29.66 -13.92
N LYS B 397 -6.15 30.32 -15.05
CA LYS B 397 -6.93 31.51 -15.35
C LYS B 397 -8.43 31.18 -15.46
N ALA B 398 -8.75 30.05 -16.09
CA ALA B 398 -10.17 29.70 -16.24
C ALA B 398 -10.83 29.46 -14.88
N LYS B 399 -10.11 28.78 -14.00
CA LYS B 399 -10.60 28.53 -12.65
C LYS B 399 -10.78 29.86 -11.92
N GLU B 400 -9.87 30.80 -12.13
CA GLU B 400 -9.96 32.12 -11.51
C GLU B 400 -11.22 32.86 -11.97
N GLU B 401 -11.64 32.60 -13.22
CA GLU B 401 -12.80 33.25 -13.79
C GLU B 401 -14.10 32.55 -13.40
N GLY B 402 -13.97 31.49 -12.61
CA GLY B 402 -15.15 30.83 -12.05
C GLY B 402 -15.57 29.56 -12.76
N VAL B 403 -14.77 29.06 -13.70
CA VAL B 403 -15.12 27.79 -14.34
C VAL B 403 -15.13 26.64 -13.34
N GLN B 404 -16.20 25.87 -13.36
CA GLN B 404 -16.36 24.80 -12.38
C GLN B 404 -16.04 23.41 -12.93
N ALA B 405 -16.18 23.23 -14.25
CA ALA B 405 -15.91 21.94 -14.88
C ALA B 405 -15.64 22.14 -16.36
N VAL B 406 -14.99 21.17 -16.98
CA VAL B 406 -14.69 21.34 -18.40
C VAL B 406 -15.11 20.13 -19.20
N LEU B 407 -15.78 20.40 -20.32
CA LEU B 407 -16.16 19.37 -21.27
C LEU B 407 -15.01 19.20 -22.26
N VAL B 408 -14.55 17.97 -22.43
CA VAL B 408 -13.45 17.73 -23.35
C VAL B 408 -13.93 16.95 -24.58
N LEU B 409 -14.01 17.64 -25.71
CA LEU B 409 -14.36 17.00 -26.97
C LEU B 409 -13.09 16.48 -27.61
N THR B 410 -13.01 15.16 -27.80
CA THR B 410 -11.76 14.63 -28.32
C THR B 410 -11.99 13.31 -29.02
N PRO B 411 -11.10 12.95 -29.97
CA PRO B 411 -11.03 11.57 -30.46
C PRO B 411 -10.76 10.65 -29.29
N PRO B 412 -11.12 9.37 -29.41
CA PRO B 412 -10.83 8.39 -28.35
C PRO B 412 -9.37 8.48 -27.87
N MET B 413 -9.18 8.68 -26.58
CA MET B 413 -7.84 8.77 -26.03
C MET B 413 -7.36 7.43 -25.51
N ALA B 414 -6.05 7.20 -25.58
CA ALA B 414 -5.45 6.07 -24.89
C ALA B 414 -5.59 6.25 -23.38
N TRP B 415 -5.72 5.15 -22.65
CA TRP B 415 -5.90 5.17 -21.20
C TRP B 415 -4.95 6.14 -20.51
N GLU B 416 -3.70 6.10 -20.92
CA GLU B 416 -2.64 6.87 -20.27
C GLU B 416 -2.81 8.37 -20.50
N ASP B 417 -3.24 8.75 -21.70
CA ASP B 417 -3.45 10.15 -22.01
C ASP B 417 -4.72 10.67 -21.31
N ARG B 418 -5.77 9.84 -21.32
CA ARG B 418 -7.00 10.13 -20.60
C ARG B 418 -6.71 10.43 -19.13
N ASN B 419 -6.01 9.49 -18.50
CA ASN B 419 -5.58 9.64 -17.12
C ASN B 419 -4.72 10.88 -16.88
N ARG B 420 -3.73 11.09 -17.74
CA ARG B 420 -2.79 12.19 -17.55
C ARG B 420 -3.55 13.52 -17.60
N LEU B 421 -4.37 13.65 -18.63
CA LEU B 421 -5.16 14.86 -18.84
C LEU B 421 -6.11 15.10 -17.66
N LYS B 422 -6.85 14.07 -17.28
CA LYS B 422 -7.78 14.23 -16.15
C LYS B 422 -7.07 14.62 -14.85
N ALA B 423 -5.95 13.98 -14.54
CA ALA B 423 -5.18 14.30 -13.33
C ALA B 423 -4.70 15.74 -13.34
N LEU B 424 -4.18 16.16 -14.50
CA LEU B 424 -3.72 17.52 -14.67
C LEU B 424 -4.86 18.52 -14.43
N LEU B 425 -6.04 18.30 -15.03
CA LEU B 425 -7.13 19.24 -14.80
C LEU B 425 -7.52 19.25 -13.34
N LEU B 426 -7.53 18.07 -12.71
CA LEU B 426 -7.85 17.97 -11.27
C LEU B 426 -6.91 18.81 -10.40
N ARG B 427 -5.62 18.83 -10.75
CA ARG B 427 -4.66 19.61 -9.95
C ARG B 427 -4.92 21.12 -10.00
N GLU B 428 -5.68 21.58 -10.99
CA GLU B 428 -6.14 22.97 -10.99
C GLU B 428 -7.57 23.10 -10.48
N GLY B 429 -8.05 22.03 -9.84
CA GLY B 429 -9.36 22.05 -9.22
C GLY B 429 -10.49 21.91 -10.22
N LEU B 430 -10.18 21.37 -11.40
CA LEU B 430 -11.16 21.26 -12.47
C LEU B 430 -11.53 19.82 -12.85
N PRO B 431 -12.74 19.40 -12.48
CA PRO B 431 -13.28 18.14 -12.97
C PRO B 431 -13.52 18.21 -14.47
N SER B 432 -13.40 17.07 -15.15
CA SER B 432 -13.55 17.02 -16.58
C SER B 432 -14.52 15.93 -17.04
N GLN B 433 -15.26 16.22 -18.11
CA GLN B 433 -16.11 15.22 -18.75
C GLN B 433 -15.67 14.98 -20.19
N ILE B 434 -15.20 13.77 -20.48
CA ILE B 434 -14.75 13.50 -21.83
C ILE B 434 -15.95 13.11 -22.69
N LEU B 435 -15.98 13.62 -23.92
CA LEU B 435 -17.01 13.30 -24.90
C LEU B 435 -16.30 13.07 -26.23
N ASN B 436 -16.52 11.88 -26.78
CA ASN B 436 -15.76 11.47 -27.96
C ASN B 436 -16.35 12.03 -29.25
N VAL B 437 -15.44 12.46 -30.11
CA VAL B 437 -15.77 12.93 -31.44
C VAL B 437 -15.23 11.89 -32.42
N PRO B 438 -15.92 11.67 -33.56
CA PRO B 438 -17.12 12.34 -34.06
C PRO B 438 -18.36 12.12 -33.21
N LEU B 439 -19.24 13.13 -33.24
CA LEU B 439 -20.46 13.15 -32.47
C LEU B 439 -21.59 13.77 -33.27
N ARG B 440 -22.64 13.01 -33.53
CA ARG B 440 -23.82 13.56 -34.21
C ARG B 440 -24.94 13.80 -33.21
N GLU B 441 -25.82 14.75 -33.55
CA GLU B 441 -26.93 15.15 -32.68
C GLU B 441 -27.91 14.04 -32.35
N GLU B 442 -27.97 13.00 -33.18
CA GLU B 442 -28.93 11.94 -32.94
C GLU B 442 -28.41 10.89 -31.98
N GLU B 443 -27.17 11.05 -31.55
CA GLU B 443 -26.60 10.18 -30.52
C GLU B 443 -26.96 10.74 -29.15
N ARG B 444 -28.25 10.89 -28.91
CA ARG B 444 -28.77 11.66 -27.79
C ARG B 444 -28.35 11.08 -26.45
N HIS B 445 -28.39 9.76 -26.34
CA HIS B 445 -28.10 9.11 -25.08
C HIS B 445 -26.68 9.40 -24.60
N ARG B 446 -25.75 9.31 -25.54
CA ARG B 446 -24.33 9.54 -25.25
C ARG B 446 -24.04 10.97 -24.81
N TRP B 447 -24.50 11.97 -25.58
CA TRP B 447 -24.13 13.33 -25.21
C TRP B 447 -24.99 13.88 -24.07
N GLU B 448 -26.20 13.35 -23.89
CA GLU B 448 -27.00 13.75 -22.74
C GLU B 448 -26.38 13.18 -21.49
N ASN B 449 -25.89 11.94 -21.57
CA ASN B 449 -25.22 11.37 -20.41
C ASN B 449 -23.91 12.11 -20.12
N ALA B 450 -23.19 12.51 -21.16
CA ALA B 450 -22.00 13.34 -20.94
C ALA B 450 -22.38 14.64 -20.27
N LEU B 451 -23.50 15.20 -20.70
CA LEU B 451 -23.99 16.45 -20.13
C LEU B 451 -24.32 16.32 -18.63
N LEU B 452 -25.02 15.24 -18.29
CA LEU B 452 -25.33 14.95 -16.89
C LEU B 452 -24.06 14.75 -16.07
N GLY B 453 -23.09 14.04 -16.63
CA GLY B 453 -21.81 13.86 -15.94
C GLY B 453 -21.15 15.21 -15.69
N LEU B 454 -21.06 16.04 -16.72
CA LEU B 454 -20.49 17.39 -16.65
C LEU B 454 -21.15 18.16 -15.52
N LEU B 455 -22.48 18.05 -15.44
CA LEU B 455 -23.23 18.83 -14.47
C LEU B 455 -23.02 18.35 -13.03
N ALA B 456 -22.98 17.03 -12.85
CA ALA B 456 -22.68 16.48 -11.54
C ALA B 456 -21.27 16.86 -11.12
N LYS B 457 -20.38 16.96 -12.11
CA LYS B 457 -18.99 17.35 -11.90
C LYS B 457 -18.87 18.84 -11.58
N ALA B 458 -19.88 19.63 -11.96
CA ALA B 458 -19.86 21.05 -11.64
C ALA B 458 -20.55 21.29 -10.29
N GLY B 459 -21.13 20.23 -9.73
CA GLY B 459 -21.66 20.29 -8.37
C GLY B 459 -23.14 20.58 -8.25
N LEU B 460 -23.88 20.38 -9.33
CA LEU B 460 -25.34 20.52 -9.29
C LEU B 460 -26.02 19.25 -8.79
N GLN B 461 -27.15 19.42 -8.11
CA GLN B 461 -28.03 18.30 -7.85
C GLN B 461 -29.03 18.23 -8.98
N VAL B 462 -28.87 17.23 -9.84
CA VAL B 462 -29.73 17.14 -11.00
C VAL B 462 -31.05 16.49 -10.59
N VAL B 463 -31.00 15.46 -9.74
CA VAL B 463 -32.24 14.88 -9.22
C VAL B 463 -32.17 14.60 -7.72
N ALA B 464 -33.33 14.36 -7.12
CA ALA B 464 -33.43 13.98 -5.71
C ALA B 464 -34.67 13.12 -5.44
N LEU B 465 -34.76 12.55 -4.24
CA LEU B 465 -35.89 11.70 -3.88
C LEU B 465 -36.95 12.47 -3.08
N SER B 466 -38.21 12.12 -3.33
CA SER B 466 -39.31 12.66 -2.53
C SER B 466 -39.91 11.52 -1.71
N GLY B 467 -39.78 11.60 -0.39
CA GLY B 467 -40.32 10.56 0.46
C GLY B 467 -39.94 10.73 1.92
N ALA B 468 -40.34 9.77 2.74
CA ALA B 468 -39.97 9.79 4.15
C ALA B 468 -39.12 8.58 4.44
N TYR B 469 -37.94 8.81 5.02
CA TYR B 469 -37.00 7.73 5.26
C TYR B 469 -36.51 7.77 6.71
N PRO B 470 -36.14 6.62 7.25
CA PRO B 470 -35.62 6.59 8.61
C PRO B 470 -34.30 7.36 8.77
N ALA B 471 -33.44 7.31 7.76
CA ALA B 471 -32.14 8.00 7.83
C ALA B 471 -32.07 9.19 6.88
N GLU B 472 -31.56 10.32 7.36
CA GLU B 472 -31.42 11.52 6.50
C GLU B 472 -29.96 11.74 6.10
N LEU B 473 -29.12 10.76 6.40
CA LEU B 473 -27.74 10.75 5.91
C LEU B 473 -27.42 9.33 5.51
N ALA B 474 -26.98 9.14 4.28
CA ALA B 474 -26.66 7.79 3.82
C ALA B 474 -25.24 7.78 3.27
N VAL B 475 -24.40 6.88 3.77
CA VAL B 475 -23.01 6.91 3.35
C VAL B 475 -22.53 5.51 2.98
N GLY B 476 -21.79 5.44 1.88
CA GLY B 476 -21.26 4.18 1.38
C GLY B 476 -19.75 4.11 1.56
N PHE B 477 -19.26 2.91 1.89
CA PHE B 477 -17.85 2.63 2.11
C PHE B 477 -17.39 1.53 1.16
N ASP B 478 -16.27 1.76 0.48
CA ASP B 478 -15.71 0.75 -0.41
C ASP B 478 -14.18 0.81 -0.44
N ALA B 479 -13.56 -0.25 -0.95
CA ALA B 479 -12.13 -0.25 -1.20
C ALA B 479 -11.86 -0.52 -2.67
N GLY B 480 -10.83 0.13 -3.21
CA GLY B 480 -10.50 -0.04 -4.62
C GLY B 480 -9.02 0.19 -4.89
N GLY B 481 -8.63 0.16 -6.16
CA GLY B 481 -7.23 0.32 -6.52
C GLY B 481 -6.71 -0.99 -7.07
N ARG B 482 -5.80 -0.90 -8.03
CA ARG B 482 -5.36 -2.09 -8.75
C ARG B 482 -3.92 -2.45 -8.46
N GLU B 483 -3.56 -2.45 -7.18
CA GLU B 483 -2.20 -2.79 -6.76
C GLU B 483 -2.12 -3.57 -5.46
N SER B 484 -0.92 -3.63 -4.88
CA SER B 484 -0.69 -4.35 -3.63
C SER B 484 -1.26 -3.58 -2.44
N PHE B 485 -1.61 -2.32 -2.67
CA PHE B 485 -2.32 -1.53 -1.68
C PHE B 485 -3.62 -1.01 -2.27
N ARG B 486 -4.52 -0.52 -1.42
CA ARG B 486 -5.84 -0.07 -1.84
C ARG B 486 -6.17 1.29 -1.25
N PHE B 487 -7.25 1.89 -1.74
CA PHE B 487 -7.83 3.07 -1.14
C PHE B 487 -9.18 2.72 -0.54
N GLY B 488 -9.32 3.01 0.75
CA GLY B 488 -10.60 2.92 1.41
C GLY B 488 -11.26 4.28 1.33
N GLY B 489 -12.53 4.30 0.96
CA GLY B 489 -13.23 5.56 0.76
C GLY B 489 -14.71 5.53 1.04
N ALA B 490 -15.28 6.74 1.14
CA ALA B 490 -16.69 6.91 1.43
C ALA B 490 -17.30 8.05 0.62
N ALA B 491 -18.54 7.84 0.18
CA ALA B 491 -19.31 8.92 -0.44
C ALA B 491 -20.67 8.98 0.24
N CYS B 492 -21.40 10.07 0.09
CA CYS B 492 -22.66 10.20 0.82
C CYS B 492 -23.75 11.01 0.11
N ALA B 493 -25.00 10.71 0.48
CA ALA B 493 -26.18 11.50 0.17
C ALA B 493 -26.71 12.13 1.46
N VAL B 494 -26.72 13.45 1.53
CA VAL B 494 -27.19 14.13 2.75
C VAL B 494 -28.59 14.73 2.56
N GLY B 495 -29.40 14.62 3.62
CA GLY B 495 -30.79 15.04 3.55
C GLY B 495 -31.68 13.86 3.22
N GLY B 496 -32.94 13.91 3.67
CA GLY B 496 -33.90 12.85 3.39
C GLY B 496 -34.12 12.66 1.90
N ASP B 497 -34.10 13.78 1.17
CA ASP B 497 -34.25 13.79 -0.28
C ASP B 497 -32.98 13.29 -1.00
N GLY B 498 -31.88 13.18 -0.27
CA GLY B 498 -30.58 12.84 -0.86
C GLY B 498 -30.14 13.98 -1.76
N GLY B 499 -30.52 15.20 -1.39
CA GLY B 499 -30.33 16.38 -2.21
C GLY B 499 -28.97 17.03 -2.13
N HIS B 500 -28.00 16.30 -1.60
CA HIS B 500 -26.59 16.71 -1.62
C HIS B 500 -25.72 15.47 -1.71
N LEU B 501 -24.92 15.37 -2.76
CA LEU B 501 -24.00 14.26 -2.92
C LEU B 501 -22.57 14.74 -2.72
N LEU B 502 -21.83 14.07 -1.85
CA LEU B 502 -20.47 14.48 -1.51
C LEU B 502 -19.51 13.28 -1.55
N TRP B 503 -18.25 13.52 -1.86
CA TRP B 503 -17.20 12.52 -1.68
C TRP B 503 -16.27 13.05 -0.62
N THR B 504 -15.46 12.17 -0.03
CA THR B 504 -14.44 12.65 0.88
C THR B 504 -13.09 12.05 0.50
N LEU B 505 -11.99 12.67 0.94
CA LEU B 505 -10.65 12.20 0.64
C LEU B 505 -10.43 10.78 1.13
N PRO B 506 -10.12 9.85 0.22
CA PRO B 506 -9.88 8.44 0.60
C PRO B 506 -8.57 8.28 1.35
N GLU B 507 -8.31 7.08 1.85
CA GLU B 507 -7.09 6.79 2.60
C GLU B 507 -6.45 5.51 2.08
N ALA B 508 -5.13 5.48 2.01
CA ALA B 508 -4.45 4.28 1.55
C ALA B 508 -4.38 3.23 2.67
N GLN B 509 -4.53 1.97 2.29
CA GLN B 509 -4.57 0.85 3.24
C GLN B 509 -3.99 -0.42 2.60
N ALA B 510 -3.63 -1.39 3.43
CA ALA B 510 -2.93 -2.56 2.94
C ALA B 510 -3.85 -3.52 2.20
N GLY B 511 -5.08 -3.66 2.67
CA GLY B 511 -6.02 -4.60 2.07
C GLY B 511 -7.46 -4.14 1.97
N GLU B 512 -8.38 -5.10 2.11
CA GLU B 512 -9.81 -4.83 1.93
C GLU B 512 -10.42 -4.19 3.18
N ARG B 513 -9.86 -4.53 4.33
CA ARG B 513 -10.34 -4.00 5.60
C ARG B 513 -9.99 -2.53 5.77
N ILE B 514 -10.99 -1.72 6.13
CA ILE B 514 -10.75 -0.32 6.45
C ILE B 514 -10.50 -0.16 7.94
N PRO B 515 -9.33 0.38 8.30
CA PRO B 515 -8.99 0.56 9.73
C PRO B 515 -10.08 1.37 10.45
N GLN B 516 -10.41 0.97 11.68
CA GLN B 516 -11.52 1.58 12.42
C GLN B 516 -11.47 3.11 12.50
N GLU B 517 -10.26 3.64 12.72
CA GLU B 517 -10.05 5.09 12.79
C GLU B 517 -10.36 5.72 11.45
N VAL B 518 -10.05 5.02 10.36
CA VAL B 518 -10.36 5.54 9.04
C VAL B 518 -11.88 5.57 8.80
N VAL B 519 -12.57 4.47 9.15
CA VAL B 519 -14.02 4.43 8.98
C VAL B 519 -14.65 5.60 9.71
N TRP B 520 -14.25 5.77 10.97
CA TRP B 520 -14.80 6.89 11.73
C TRP B 520 -14.43 8.27 11.14
N ASP B 521 -13.19 8.45 10.71
CA ASP B 521 -12.82 9.76 10.16
C ASP B 521 -13.62 10.11 8.89
N LEU B 522 -13.78 9.13 7.99
CA LEU B 522 -14.59 9.32 6.79
C LEU B 522 -16.05 9.65 7.14
N LEU B 523 -16.61 8.86 8.07
CA LEU B 523 -17.97 9.08 8.53
C LEU B 523 -18.13 10.48 9.12
N GLU B 524 -17.11 10.92 9.85
CA GLU B 524 -17.12 12.23 10.48
C GLU B 524 -17.12 13.31 9.43
N GLU B 525 -16.36 13.12 8.36
CA GLU B 525 -16.43 14.07 7.26
C GLU B 525 -17.84 14.15 6.70
N THR B 526 -18.50 13.00 6.50
CA THR B 526 -19.87 13.09 5.96
C THR B 526 -20.87 13.80 6.94
N LEU B 527 -20.73 13.49 8.23
CA LEU B 527 -21.48 14.19 9.27
C LEU B 527 -21.26 15.69 9.21
N TRP B 528 -20.02 16.09 8.98
CA TRP B 528 -19.68 17.49 8.91
C TRP B 528 -20.28 18.13 7.66
N ALA B 529 -20.33 17.38 6.57
CA ALA B 529 -21.00 17.86 5.36
C ALA B 529 -22.47 18.13 5.63
N PHE B 530 -23.10 17.19 6.32
CA PHE B 530 -24.50 17.38 6.72
C PHE B 530 -24.65 18.61 7.64
N ARG B 531 -23.74 18.76 8.59
CA ARG B 531 -23.75 19.89 9.51
C ARG B 531 -23.72 21.19 8.73
N ARG B 532 -22.83 21.26 7.73
CA ARG B 532 -22.69 22.46 6.91
C ARG B 532 -23.95 22.70 6.06
N LYS B 533 -24.60 21.64 5.61
CA LYS B 533 -25.79 21.82 4.77
C LYS B 533 -27.08 22.09 5.57
N ALA B 534 -27.26 21.41 6.70
CA ALA B 534 -28.54 21.43 7.39
C ALA B 534 -28.54 22.24 8.67
N GLY B 535 -27.37 22.73 9.09
CA GLY B 535 -27.29 23.52 10.32
C GLY B 535 -27.64 22.72 11.57
N ARG B 536 -27.45 21.40 11.51
CA ARG B 536 -27.72 20.52 12.66
C ARG B 536 -27.09 19.16 12.42
N LEU B 537 -27.14 18.28 13.42
CA LEU B 537 -26.70 16.90 13.26
C LEU B 537 -27.86 16.00 12.79
N PRO B 538 -27.57 14.97 12.00
CA PRO B 538 -28.66 14.08 11.57
C PRO B 538 -29.20 13.25 12.72
N SER B 539 -30.51 13.03 12.70
CA SER B 539 -31.18 12.19 13.69
C SER B 539 -30.71 10.73 13.59
N ARG B 540 -30.47 10.29 12.35
CA ARG B 540 -30.11 8.90 12.08
C ARG B 540 -29.31 8.77 10.79
N VAL B 541 -28.34 7.85 10.77
CA VAL B 541 -27.54 7.62 9.58
C VAL B 541 -27.62 6.17 9.10
N LEU B 542 -27.58 6.00 7.79
CA LEU B 542 -27.58 4.70 7.14
C LEU B 542 -26.18 4.41 6.63
N LEU B 543 -25.57 3.38 7.19
CA LEU B 543 -24.21 3.00 6.83
C LEU B 543 -24.23 1.79 5.89
N LEU B 544 -23.68 1.99 4.69
CA LEU B 544 -23.63 0.93 3.69
C LEU B 544 -22.17 0.50 3.45
N ARG B 545 -21.90 -0.79 3.64
CA ARG B 545 -20.57 -1.33 3.37
C ARG B 545 -20.62 -2.21 2.13
N ASP B 546 -19.75 -1.93 1.16
CA ASP B 546 -19.68 -2.78 -0.01
C ASP B 546 -19.12 -4.14 0.38
N GLY B 547 -19.85 -5.21 0.07
CA GLY B 547 -19.47 -6.55 0.48
C GLY B 547 -19.67 -6.77 1.97
N ARG B 548 -18.92 -7.70 2.55
CA ARG B 548 -19.10 -8.01 3.96
C ARG B 548 -18.34 -7.03 4.85
N VAL B 549 -18.80 -6.90 6.09
CA VAL B 549 -18.12 -6.09 7.08
C VAL B 549 -17.06 -6.93 7.80
N PRO B 550 -15.77 -6.58 7.65
CA PRO B 550 -14.78 -7.30 8.46
C PRO B 550 -15.09 -7.11 9.93
N GLN B 551 -14.82 -8.13 10.74
CA GLN B 551 -15.22 -8.12 12.14
C GLN B 551 -14.68 -6.90 12.85
N ASP B 552 -15.60 -6.11 13.44
CA ASP B 552 -15.30 -4.91 14.24
C ASP B 552 -14.83 -3.69 13.44
N GLU B 553 -14.94 -3.74 12.12
CA GLU B 553 -14.47 -2.63 11.30
C GLU B 553 -15.15 -1.31 11.68
N PHE B 554 -16.44 -1.38 12.04
CA PHE B 554 -17.19 -0.18 12.38
C PHE B 554 -17.33 0.07 13.88
N ALA B 555 -16.60 -0.67 14.71
CA ALA B 555 -16.82 -0.59 16.17
C ALA B 555 -16.60 0.82 16.73
N LEU B 556 -15.45 1.39 16.43
CA LEU B 556 -15.10 2.73 16.89
C LEU B 556 -16.11 3.75 16.37
N ALA B 557 -16.48 3.62 15.10
CA ALA B 557 -17.42 4.57 14.49
C ALA B 557 -18.80 4.48 15.13
N LEU B 558 -19.25 3.27 15.42
CA LEU B 558 -20.55 3.06 16.04
C LEU B 558 -20.56 3.63 17.45
N GLU B 559 -19.50 3.35 18.19
CA GLU B 559 -19.33 3.93 19.52
C GLU B 559 -19.39 5.46 19.49
N ALA B 560 -18.67 6.04 18.54
CA ALA B 560 -18.63 7.50 18.38
C ALA B 560 -20.02 8.04 18.01
N LEU B 561 -20.75 7.32 17.17
CA LEU B 561 -22.11 7.70 16.81
C LEU B 561 -22.99 7.72 18.06
N ALA B 562 -22.87 6.67 18.88
CA ALA B 562 -23.66 6.57 20.11
C ALA B 562 -23.34 7.71 21.07
N ARG B 563 -22.06 8.04 21.19
CA ARG B 563 -21.63 9.15 22.05
C ARG B 563 -22.22 10.48 21.62
N GLU B 564 -22.40 10.67 20.31
CA GLU B 564 -22.96 11.93 19.80
C GLU B 564 -24.48 11.94 19.77
N GLY B 565 -25.10 10.79 20.07
CA GLY B 565 -26.55 10.67 20.04
C GLY B 565 -27.15 10.54 18.65
N ILE B 566 -26.36 10.03 17.71
CA ILE B 566 -26.84 9.82 16.36
C ILE B 566 -27.20 8.36 16.21
N ALA B 567 -28.44 8.08 15.80
CA ALA B 567 -28.83 6.68 15.62
C ALA B 567 -28.23 6.18 14.33
N TYR B 568 -28.15 4.86 14.17
CA TYR B 568 -27.55 4.29 12.99
C TYR B 568 -28.12 2.92 12.61
N ASP B 569 -27.95 2.58 11.34
CA ASP B 569 -28.03 1.20 10.90
C ASP B 569 -26.83 0.91 10.01
N LEU B 570 -26.24 -0.26 10.19
CA LEU B 570 -25.10 -0.73 9.41
C LEU B 570 -25.58 -1.87 8.55
N VAL B 571 -25.43 -1.75 7.24
CA VAL B 571 -25.85 -2.83 6.35
C VAL B 571 -24.71 -3.30 5.44
N SER B 572 -24.48 -4.60 5.46
CA SER B 572 -23.57 -5.25 4.51
C SER B 572 -24.31 -5.45 3.20
N VAL B 573 -23.73 -4.95 2.10
CA VAL B 573 -24.36 -5.05 0.79
C VAL B 573 -23.50 -5.88 -0.14
N ARG B 574 -24.03 -7.04 -0.51
CA ARG B 574 -23.25 -8.04 -1.24
C ARG B 574 -23.73 -8.21 -2.67
N LYS B 575 -22.81 -8.01 -3.61
CA LYS B 575 -23.11 -8.00 -5.04
C LYS B 575 -23.17 -9.42 -5.60
N SER B 576 -22.79 -10.40 -4.78
CA SER B 576 -22.90 -11.80 -5.16
C SER B 576 -23.31 -12.63 -3.95
N GLY B 577 -23.81 -13.84 -4.18
CA GLY B 577 -24.21 -14.71 -3.10
C GLY B 577 -25.70 -14.66 -2.83
N GLY B 578 -26.41 -13.87 -3.63
CA GLY B 578 -27.85 -13.73 -3.49
C GLY B 578 -28.61 -14.74 -4.33
N GLY B 579 -27.89 -15.44 -5.21
CA GLY B 579 -28.51 -16.41 -6.10
C GLY B 579 -29.48 -15.74 -7.05
N ARG B 580 -30.53 -16.47 -7.42
CA ARG B 580 -31.50 -15.92 -8.35
C ARG B 580 -32.90 -15.90 -7.75
N VAL B 581 -33.74 -15.01 -8.27
CA VAL B 581 -35.14 -14.90 -7.87
C VAL B 581 -36.04 -14.91 -9.11
N TYR B 582 -37.04 -15.79 -9.11
CA TYR B 582 -37.97 -15.91 -10.22
C TYR B 582 -39.40 -15.79 -9.77
N PRO B 583 -40.24 -15.15 -10.58
CA PRO B 583 -41.67 -15.08 -10.23
C PRO B 583 -42.34 -16.46 -10.30
N VAL B 584 -43.15 -16.77 -9.30
CA VAL B 584 -43.95 -17.98 -9.35
C VAL B 584 -44.95 -17.87 -10.50
N GLN B 585 -45.67 -16.75 -10.53
CA GLN B 585 -46.61 -16.48 -11.60
C GLN B 585 -46.36 -15.07 -12.14
N GLY B 586 -46.49 -14.91 -13.45
CA GLY B 586 -46.38 -13.59 -14.05
C GLY B 586 -44.95 -13.12 -14.26
N ARG B 587 -44.81 -11.83 -14.54
CA ARG B 587 -43.52 -11.26 -14.92
C ARG B 587 -42.62 -10.97 -13.73
N LEU B 588 -41.33 -10.89 -14.03
CA LEU B 588 -40.30 -10.49 -13.08
C LEU B 588 -40.22 -8.97 -13.07
N ALA B 589 -40.31 -8.38 -11.89
CA ALA B 589 -40.29 -6.94 -11.77
C ALA B 589 -39.28 -6.46 -10.75
N ASP B 590 -39.09 -5.15 -10.76
CA ASP B 590 -38.21 -4.44 -9.85
C ASP B 590 -38.79 -4.17 -8.49
N GLY B 591 -37.91 -3.91 -7.53
CA GLY B 591 -38.34 -3.48 -6.22
C GLY B 591 -38.81 -4.67 -5.44
N LEU B 592 -38.04 -5.75 -5.52
CA LEU B 592 -38.45 -6.98 -4.85
C LEU B 592 -37.66 -7.15 -3.57
N TYR B 593 -38.38 -7.32 -2.47
CA TYR B 593 -37.76 -7.49 -1.16
C TYR B 593 -38.06 -8.89 -0.66
N VAL B 594 -37.00 -9.70 -0.49
CA VAL B 594 -37.18 -11.09 -0.05
C VAL B 594 -36.48 -11.38 1.27
N PRO B 595 -37.23 -11.36 2.37
CA PRO B 595 -36.65 -11.69 3.67
C PRO B 595 -36.30 -13.18 3.78
N LEU B 596 -35.05 -13.49 4.11
CA LEU B 596 -34.58 -14.87 4.07
C LEU B 596 -34.44 -15.51 5.44
N GLU B 597 -33.78 -14.78 6.32
CA GLU B 597 -33.46 -15.23 7.65
C GLU B 597 -33.44 -13.98 8.47
N ASP B 598 -33.21 -14.07 9.76
CA ASP B 598 -33.28 -12.86 10.56
C ASP B 598 -32.09 -11.99 10.20
N LYS B 599 -32.39 -10.72 9.93
CA LYS B 599 -31.40 -9.68 9.60
C LYS B 599 -30.75 -9.84 8.23
N THR B 600 -31.16 -10.82 7.43
CA THR B 600 -30.65 -10.93 6.05
C THR B 600 -31.80 -10.98 5.04
N PHE B 601 -31.61 -10.32 3.90
CA PHE B 601 -32.63 -10.33 2.86
C PHE B 601 -32.04 -10.10 1.47
N LEU B 602 -32.80 -10.51 0.46
CA LEU B 602 -32.46 -10.24 -0.93
C LEU B 602 -33.21 -8.98 -1.36
N LEU B 603 -32.61 -8.25 -2.28
CA LEU B 603 -33.23 -7.04 -2.81
C LEU B 603 -32.97 -6.98 -4.31
N LEU B 604 -34.02 -7.16 -5.10
CA LEU B 604 -33.94 -7.01 -6.54
C LEU B 604 -34.19 -5.54 -6.85
N THR B 605 -33.13 -4.85 -7.23
CA THR B 605 -33.13 -3.40 -7.36
C THR B 605 -33.35 -2.96 -8.80
N VAL B 606 -32.76 -3.67 -9.76
CA VAL B 606 -32.88 -3.26 -11.17
C VAL B 606 -33.13 -4.47 -12.07
N HIS B 607 -33.89 -4.26 -13.14
CA HIS B 607 -34.12 -5.30 -14.12
C HIS B 607 -34.71 -4.75 -15.41
N ARG B 608 -34.10 -5.14 -16.53
CA ARG B 608 -34.71 -4.91 -17.85
C ARG B 608 -34.74 -6.24 -18.60
N ASP B 609 -35.85 -6.53 -19.26
CA ASP B 609 -36.02 -7.78 -20.00
C ASP B 609 -34.89 -7.99 -21.01
N PHE B 610 -34.48 -6.92 -21.69
CA PHE B 610 -33.46 -7.03 -22.72
C PHE B 610 -32.12 -7.43 -22.12
N ARG B 611 -31.95 -7.15 -20.83
CA ARG B 611 -30.74 -7.53 -20.16
C ARG B 611 -30.87 -9.01 -19.84
N GLY B 612 -29.83 -9.59 -19.26
CA GLY B 612 -29.90 -10.98 -18.83
C GLY B 612 -30.87 -11.16 -17.69
N THR B 613 -30.55 -12.12 -16.84
CA THR B 613 -31.32 -12.42 -15.64
C THR B 613 -30.71 -11.60 -14.50
N PRO B 614 -31.57 -10.89 -13.74
CA PRO B 614 -31.04 -10.03 -12.70
C PRO B 614 -30.38 -10.79 -11.55
N ARG B 615 -29.34 -10.19 -10.98
CA ARG B 615 -28.65 -10.73 -9.82
C ARG B 615 -29.00 -9.88 -8.61
N PRO B 616 -29.99 -10.34 -7.82
CA PRO B 616 -30.43 -9.60 -6.64
C PRO B 616 -29.29 -9.43 -5.66
N LEU B 617 -29.30 -8.31 -4.94
CA LEU B 617 -28.30 -8.05 -3.93
C LEU B 617 -28.64 -8.84 -2.67
N LYS B 618 -27.62 -9.27 -1.95
CA LYS B 618 -27.83 -9.91 -0.66
C LYS B 618 -27.37 -8.99 0.44
N LEU B 619 -28.25 -8.68 1.38
CA LEU B 619 -27.95 -7.68 2.40
C LEU B 619 -28.08 -8.26 3.81
N VAL B 620 -27.17 -7.85 4.69
CA VAL B 620 -27.28 -8.27 6.09
C VAL B 620 -27.26 -7.06 7.02
N HIS B 621 -28.32 -6.94 7.83
CA HIS B 621 -28.43 -5.88 8.82
C HIS B 621 -27.52 -6.16 10.01
N GLU B 622 -26.34 -5.56 9.98
CA GLU B 622 -25.28 -5.91 10.90
C GLU B 622 -25.39 -5.20 12.27
N ALA B 623 -26.07 -4.04 12.31
CA ALA B 623 -26.27 -3.28 13.54
C ALA B 623 -27.38 -2.25 13.36
N GLY B 624 -28.07 -1.94 14.45
CA GLY B 624 -29.17 -0.99 14.42
C GLY B 624 -30.49 -1.67 14.66
N ASP B 625 -31.54 -0.89 14.89
CA ASP B 625 -32.85 -1.45 15.23
C ASP B 625 -33.95 -1.11 14.22
N THR B 626 -33.58 -0.56 13.07
CA THR B 626 -34.57 -0.23 12.03
C THR B 626 -35.13 -1.50 11.41
N PRO B 627 -36.46 -1.58 11.28
CA PRO B 627 -37.07 -2.75 10.63
C PRO B 627 -36.49 -3.00 9.25
N LEU B 628 -36.27 -4.27 8.94
CA LEU B 628 -35.71 -4.69 7.66
C LEU B 628 -36.43 -4.09 6.46
N GLU B 629 -37.76 -4.13 6.48
CA GLU B 629 -38.57 -3.62 5.36
C GLU B 629 -38.22 -2.16 5.06
N ALA B 630 -38.05 -1.37 6.12
CA ALA B 630 -37.74 0.05 5.95
C ALA B 630 -36.35 0.25 5.33
N LEU B 631 -35.38 -0.55 5.76
CA LEU B 631 -34.03 -0.51 5.20
C LEU B 631 -34.07 -0.86 3.72
N ALA B 632 -34.79 -1.94 3.39
CA ALA B 632 -34.96 -2.33 2.00
C ALA B 632 -35.54 -1.17 1.18
N HIS B 633 -36.57 -0.54 1.73
CA HIS B 633 -37.21 0.60 1.10
C HIS B 633 -36.19 1.71 0.79
N GLN B 634 -35.43 2.12 1.80
CA GLN B 634 -34.52 3.24 1.58
C GLN B 634 -33.39 2.88 0.62
N ILE B 635 -32.85 1.67 0.72
CA ILE B 635 -31.74 1.27 -0.14
C ILE B 635 -32.21 1.18 -1.60
N PHE B 636 -33.37 0.55 -1.80
CA PHE B 636 -34.00 0.48 -3.12
C PHE B 636 -34.20 1.87 -3.70
N HIS B 637 -34.77 2.79 -2.92
CA HIS B 637 -34.99 4.14 -3.44
C HIS B 637 -33.67 4.88 -3.76
N LEU B 638 -32.66 4.66 -2.92
CA LEU B 638 -31.35 5.29 -3.07
C LEU B 638 -30.70 4.85 -4.36
N THR B 639 -31.08 3.66 -4.79
CA THR B 639 -30.61 3.17 -6.07
C THR B 639 -30.99 4.11 -7.24
N ARG B 640 -32.00 4.94 -7.03
CA ARG B 640 -32.55 5.74 -8.13
C ARG B 640 -31.99 7.17 -8.15
N LEU B 641 -31.08 7.45 -7.22
CA LEU B 641 -30.59 8.81 -6.99
C LEU B 641 -29.40 9.19 -7.87
N TYR B 642 -28.74 8.21 -8.50
CA TYR B 642 -27.51 8.48 -9.25
C TYR B 642 -27.75 9.38 -10.47
N PRO B 643 -27.10 10.55 -10.49
CA PRO B 643 -27.30 11.59 -11.49
C PRO B 643 -26.60 11.35 -12.83
N ALA B 644 -25.53 10.56 -12.87
CA ALA B 644 -24.68 10.47 -14.07
C ALA B 644 -25.10 9.37 -15.04
N SER B 645 -26.21 8.71 -14.76
CA SER B 645 -26.78 7.77 -15.73
C SER B 645 -28.22 8.15 -16.02
N GLY B 646 -28.45 8.67 -17.22
CA GLY B 646 -29.73 9.27 -17.56
C GLY B 646 -30.83 8.29 -17.87
N PHE B 647 -30.48 7.06 -18.18
CA PHE B 647 -31.46 6.13 -18.74
C PHE B 647 -31.48 4.76 -18.07
N ALA B 648 -30.52 4.52 -17.19
CA ALA B 648 -30.48 3.25 -16.49
C ALA B 648 -30.01 3.44 -15.05
N PHE B 649 -30.82 2.99 -14.10
CA PHE B 649 -30.42 3.05 -12.70
C PHE B 649 -29.42 1.96 -12.39
N PRO B 650 -28.41 2.28 -11.56
CA PRO B 650 -27.42 1.30 -11.05
C PRO B 650 -28.07 0.32 -10.08
N ARG B 651 -27.49 -0.87 -9.97
CA ARG B 651 -27.98 -1.85 -9.00
C ARG B 651 -27.69 -1.43 -7.56
N LEU B 652 -26.53 -0.86 -7.31
CA LEU B 652 -26.16 -0.42 -5.96
C LEU B 652 -26.85 0.90 -5.62
N PRO B 653 -27.21 1.10 -4.34
CA PRO B 653 -27.71 2.41 -3.93
C PRO B 653 -26.62 3.46 -4.18
N ALA B 654 -27.03 4.68 -4.49
CA ALA B 654 -26.10 5.71 -4.98
C ALA B 654 -24.83 5.94 -4.14
N PRO B 655 -24.93 6.03 -2.78
CA PRO B 655 -23.69 6.22 -2.03
C PRO B 655 -22.62 5.13 -2.27
N LEU B 656 -23.03 3.86 -2.39
CA LEU B 656 -22.07 2.79 -2.66
C LEU B 656 -21.53 2.85 -4.10
N HIS B 657 -22.40 3.12 -5.07
CA HIS B 657 -22.00 3.25 -6.46
C HIS B 657 -20.92 4.34 -6.60
N LEU B 658 -21.24 5.47 -5.96
CA LEU B 658 -20.34 6.63 -5.89
C LEU B 658 -19.02 6.29 -5.19
N ALA B 659 -19.09 5.61 -4.05
CA ALA B 659 -17.87 5.20 -3.33
C ALA B 659 -16.98 4.36 -4.23
N ASP B 660 -17.61 3.42 -4.91
CA ASP B 660 -16.94 2.52 -5.84
C ASP B 660 -16.21 3.29 -6.95
N ARG B 661 -16.91 4.20 -7.61
CA ARG B 661 -16.26 4.95 -8.68
CA ARG B 661 -16.27 4.98 -8.68
C ARG B 661 -15.14 5.87 -8.13
N LEU B 662 -15.37 6.45 -6.95
CA LEU B 662 -14.38 7.30 -6.30
C LEU B 662 -13.08 6.53 -6.08
N VAL B 663 -13.16 5.38 -5.42
CA VAL B 663 -11.92 4.64 -5.15
C VAL B 663 -11.33 4.06 -6.44
N LYS B 664 -12.16 3.76 -7.44
CA LYS B 664 -11.62 3.34 -8.74
C LYS B 664 -10.76 4.44 -9.36
N GLU B 665 -11.28 5.66 -9.35
CA GLU B 665 -10.59 6.78 -9.95
C GLU B 665 -9.32 7.16 -9.20
N VAL B 666 -9.39 7.19 -7.86
CA VAL B 666 -8.19 7.47 -7.08
C VAL B 666 -7.17 6.35 -7.35
N GLY B 667 -7.66 5.13 -7.52
CA GLY B 667 -6.82 4.02 -7.92
C GLY B 667 -6.11 4.20 -9.26
N ARG B 668 -6.80 4.75 -10.26
CA ARG B 668 -6.19 5.01 -11.56
C ARG B 668 -5.23 6.20 -11.59
N LEU B 669 -5.65 7.31 -10.99
CA LEU B 669 -4.97 8.60 -11.15
C LEU B 669 -3.97 8.87 -10.02
N GLY B 670 -4.34 8.49 -8.80
CA GLY B 670 -3.56 8.82 -7.61
C GLY B 670 -4.31 9.81 -6.74
N ILE B 671 -3.99 9.86 -5.45
CA ILE B 671 -4.68 10.78 -4.55
C ILE B 671 -4.06 12.20 -4.57
N ARG B 672 -2.87 12.32 -5.14
CA ARG B 672 -2.12 13.57 -5.11
C ARG B 672 -2.78 14.71 -5.92
N HIS B 673 -3.81 14.39 -6.70
CA HIS B 673 -4.42 15.41 -7.57
C HIS B 673 -5.66 16.07 -6.97
N LEU B 674 -6.08 15.65 -5.79
CA LEU B 674 -7.43 15.97 -5.33
C LEU B 674 -7.55 17.16 -4.38
N LYS B 675 -6.42 17.79 -4.03
CA LYS B 675 -6.42 18.78 -2.96
C LYS B 675 -7.30 20.02 -3.21
N GLU B 676 -7.38 20.48 -4.46
CA GLU B 676 -8.17 21.69 -4.78
C GLU B 676 -9.54 21.38 -5.37
N VAL B 677 -9.95 20.13 -5.35
CA VAL B 677 -11.24 19.73 -5.92
C VAL B 677 -12.35 19.79 -4.85
N ASP B 678 -13.42 20.48 -5.15
CA ASP B 678 -14.55 20.61 -4.21
C ASP B 678 -15.24 19.27 -3.95
N ARG B 679 -15.61 19.01 -2.70
CA ARG B 679 -16.14 17.70 -2.36
C ARG B 679 -17.57 17.47 -2.86
N GLU B 680 -18.22 18.53 -3.32
CA GLU B 680 -19.55 18.44 -3.90
C GLU B 680 -19.48 18.12 -5.40
N LYS B 681 -18.29 18.28 -5.98
CA LYS B 681 -18.08 18.00 -7.39
C LYS B 681 -17.64 16.56 -7.63
N LEU B 682 -18.53 15.79 -8.26
CA LEU B 682 -18.35 14.36 -8.42
C LEU B 682 -17.42 14.03 -9.60
N PHE B 683 -16.12 14.27 -9.40
CA PHE B 683 -15.14 14.23 -10.48
C PHE B 683 -14.96 12.86 -11.10
N PHE B 684 -15.42 11.83 -10.39
CA PHE B 684 -15.15 10.44 -10.74
C PHE B 684 -16.30 9.76 -11.50
N VAL B 685 -17.39 10.47 -11.78
CA VAL B 685 -18.48 9.77 -12.50
C VAL B 685 -18.19 9.70 -14.00
P TMP I . 6.48 -21.27 16.70
O1P TMP I . 7.74 -20.60 17.12
O2P TMP I . 6.53 -22.73 16.47
O3P TMP I . 6.03 -20.61 15.45
O5' TMP I . 5.36 -21.02 17.78
C5' TMP I . 5.17 -19.73 18.29
C4' TMP I . 3.89 -19.64 19.10
O4' TMP I . 2.76 -19.93 18.24
C3' TMP I . 3.78 -20.64 20.24
O3' TMP I . 4.26 -20.07 21.44
C2' TMP I . 2.28 -20.92 20.34
C1' TMP I . 1.68 -20.25 19.10
N1 TMP I . 0.75 -21.13 18.37
C2 TMP I . -0.57 -20.75 18.25
O2 TMP I . -0.99 -19.71 18.70
N3 TMP I . -1.35 -21.62 17.56
C4 TMP I . -0.96 -22.83 17.01
O4 TMP I . -1.71 -23.57 16.41
C5 TMP I . 0.42 -23.16 17.18
C5M TMP I . 0.93 -24.44 16.62
C6 TMP I . 1.22 -22.31 17.85
MN MN J . 13.28 9.47 5.47
MN MN K . 14.40 7.69 2.58
P TMP L . 9.42 -21.39 -15.79
O1P TMP L . 7.95 -21.16 -15.77
O2P TMP L . 9.92 -22.78 -15.93
O3P TMP L . 9.97 -20.87 -14.52
O5' TMP L . 10.03 -20.53 -16.99
C5' TMP L . 9.26 -19.49 -17.59
C4' TMP L . 10.11 -18.62 -18.51
O4' TMP L . 11.15 -18.00 -17.74
C3' TMP L . 10.85 -19.37 -19.62
O3' TMP L . 10.06 -19.35 -20.82
C2' TMP L . 12.14 -18.58 -19.80
C1' TMP L . 12.16 -17.60 -18.64
N1 TMP L . 13.46 -17.59 -17.90
C2 TMP L . 14.26 -16.46 -17.90
O2 TMP L . 13.97 -15.44 -18.50
N3 TMP L . 15.43 -16.58 -17.20
C4 TMP L . 15.87 -17.69 -16.49
O4 TMP L . 16.93 -17.71 -15.87
C5 TMP L . 14.99 -18.82 -16.52
C5M TMP L . 15.36 -20.06 -15.78
C6 TMP L . 13.84 -18.73 -17.20
MN MN M . -15.74 -3.51 -2.79
MN MN N . -16.15 -1.36 -5.70
MN MN O . 7.69 19.25 16.05
MN MN P . -18.02 9.43 -16.62
#